data_2I6O
# 
_entry.id   2I6O 
# 
_audit_conform.dict_name       mmcif_pdbx.dic 
_audit_conform.dict_version    5.397 
_audit_conform.dict_location   http://mmcif.pdb.org/dictionaries/ascii/mmcif_pdbx.dic 
# 
loop_
_database_2.database_id 
_database_2.database_code 
_database_2.pdbx_database_accession 
_database_2.pdbx_DOI 
PDB   2I6O         pdb_00002i6o 10.2210/pdb2i6o/pdb 
RCSB  RCSB039204   ?            ?                   
WWPDB D_1000039204 ?            ?                   
# 
loop_
_pdbx_audit_revision_history.ordinal 
_pdbx_audit_revision_history.data_content_type 
_pdbx_audit_revision_history.major_revision 
_pdbx_audit_revision_history.minor_revision 
_pdbx_audit_revision_history.revision_date 
1 'Structure model' 1 0 2007-03-13 
2 'Structure model' 1 1 2008-05-01 
3 'Structure model' 1 2 2011-07-13 
4 'Structure model' 1 3 2021-11-10 
5 'Structure model' 1 4 2023-10-25 
6 'Structure model' 1 5 2023-11-15 
7 'Structure model' 1 6 2024-10-16 
# 
_pdbx_audit_revision_details.ordinal             1 
_pdbx_audit_revision_details.revision_ordinal    1 
_pdbx_audit_revision_details.data_content_type   'Structure model' 
_pdbx_audit_revision_details.provider            repository 
_pdbx_audit_revision_details.type                'Initial release' 
_pdbx_audit_revision_details.description         ? 
_pdbx_audit_revision_details.details             ? 
# 
loop_
_pdbx_audit_revision_group.ordinal 
_pdbx_audit_revision_group.revision_ordinal 
_pdbx_audit_revision_group.data_content_type 
_pdbx_audit_revision_group.group 
1 2 'Structure model' 'Version format compliance' 
2 3 'Structure model' 'Version format compliance' 
3 4 'Structure model' 'Database references'       
4 4 'Structure model' 'Derived calculations'      
5 5 'Structure model' 'Data collection'           
6 5 'Structure model' 'Refinement description'    
7 6 'Structure model' 'Data collection'           
8 7 'Structure model' 'Structure summary'         
# 
loop_
_pdbx_audit_revision_category.ordinal 
_pdbx_audit_revision_category.revision_ordinal 
_pdbx_audit_revision_category.data_content_type 
_pdbx_audit_revision_category.category 
1  4 'Structure model' database_2                    
2  4 'Structure model' pdbx_struct_conn_angle        
3  4 'Structure model' struct_conn                   
4  4 'Structure model' struct_ref_seq_dif            
5  4 'Structure model' struct_site                   
6  5 'Structure model' chem_comp_atom                
7  5 'Structure model' chem_comp_bond                
8  5 'Structure model' pdbx_initial_refinement_model 
9  6 'Structure model' chem_comp_atom                
10 6 'Structure model' chem_comp_bond                
11 7 'Structure model' pdbx_entry_details            
12 7 'Structure model' pdbx_modification_feature     
# 
loop_
_pdbx_audit_revision_item.ordinal 
_pdbx_audit_revision_item.revision_ordinal 
_pdbx_audit_revision_item.data_content_type 
_pdbx_audit_revision_item.item 
1  4 'Structure model' '_database_2.pdbx_DOI'                        
2  4 'Structure model' '_database_2.pdbx_database_accession'         
3  4 'Structure model' '_pdbx_struct_conn_angle.ptnr1_auth_comp_id'  
4  4 'Structure model' '_pdbx_struct_conn_angle.ptnr1_auth_seq_id'   
5  4 'Structure model' '_pdbx_struct_conn_angle.ptnr1_label_asym_id' 
6  4 'Structure model' '_pdbx_struct_conn_angle.ptnr1_label_atom_id' 
7  4 'Structure model' '_pdbx_struct_conn_angle.ptnr1_label_comp_id' 
8  4 'Structure model' '_pdbx_struct_conn_angle.ptnr1_label_seq_id'  
9  4 'Structure model' '_pdbx_struct_conn_angle.ptnr3_auth_comp_id'  
10 4 'Structure model' '_pdbx_struct_conn_angle.ptnr3_auth_seq_id'   
11 4 'Structure model' '_pdbx_struct_conn_angle.ptnr3_label_asym_id' 
12 4 'Structure model' '_pdbx_struct_conn_angle.ptnr3_label_atom_id' 
13 4 'Structure model' '_pdbx_struct_conn_angle.ptnr3_label_comp_id' 
14 4 'Structure model' '_pdbx_struct_conn_angle.ptnr3_label_seq_id'  
15 4 'Structure model' '_pdbx_struct_conn_angle.value'               
16 4 'Structure model' '_struct_conn.pdbx_dist_value'                
17 4 'Structure model' '_struct_conn.pdbx_leaving_atom_flag'         
18 4 'Structure model' '_struct_conn.ptnr1_auth_comp_id'             
19 4 'Structure model' '_struct_conn.ptnr1_auth_seq_id'              
20 4 'Structure model' '_struct_conn.ptnr1_label_asym_id'            
21 4 'Structure model' '_struct_conn.ptnr1_label_atom_id'            
22 4 'Structure model' '_struct_conn.ptnr1_label_comp_id'            
23 4 'Structure model' '_struct_conn.ptnr1_label_seq_id'             
24 4 'Structure model' '_struct_conn.ptnr2_auth_comp_id'             
25 4 'Structure model' '_struct_conn.ptnr2_auth_seq_id'              
26 4 'Structure model' '_struct_conn.ptnr2_label_asym_id'            
27 4 'Structure model' '_struct_conn.ptnr2_label_atom_id'            
28 4 'Structure model' '_struct_conn.ptnr2_label_comp_id'            
29 4 'Structure model' '_struct_conn.ptnr2_label_seq_id'             
30 4 'Structure model' '_struct_ref_seq_dif.details'                 
31 4 'Structure model' '_struct_site.pdbx_auth_asym_id'              
32 4 'Structure model' '_struct_site.pdbx_auth_comp_id'              
33 4 'Structure model' '_struct_site.pdbx_auth_seq_id'               
34 6 'Structure model' '_chem_comp_atom.atom_id'                     
35 6 'Structure model' '_chem_comp_bond.atom_id_2'                   
# 
_pdbx_database_status.status_code                     REL 
_pdbx_database_status.entry_id                        2I6O 
_pdbx_database_status.recvd_initial_deposition_date   2006-08-29 
_pdbx_database_status.deposit_site                    RCSB 
_pdbx_database_status.process_site                    PDBJ 
_pdbx_database_status.status_code_sf                  REL 
_pdbx_database_status.status_code_mr                  ? 
_pdbx_database_status.SG_entry                        ? 
_pdbx_database_status.pdb_format_compatible           Y 
_pdbx_database_status.status_code_cs                  ? 
_pdbx_database_status.status_code_nmr_data            ? 
_pdbx_database_status.methods_development_category    ? 
# 
loop_
_pdbx_database_related.db_name 
_pdbx_database_related.db_id 
_pdbx_database_related.details 
_pdbx_database_related.content_type 
PDB 2DXP 'the same protein with phosphopeptides A-(p)Y-R' unspecified 
PDB 2I6I 'the same protein'                               unspecified 
PDB 2I6J 'the same protein with phosphate ion'            unspecified 
PDB 2I6M 'the same protein with Tungstate'                unspecified 
PDB 2I6P 'the same protein with pNPP'                     unspecified 
# 
loop_
_audit_author.name 
_audit_author.pdbx_ordinal 
'Chu, H.M.'    1 
'Wang, A.H.J.' 2 
# 
_citation.id                        primary 
_citation.title                     
;Enzyme-substrate interactions revealed by the crystal structures of the archaeal Sulfolobus PTP-fold phosphatase and its phosphopeptide complexes
;
_citation.journal_abbrev            Proteins 
_citation.journal_volume            66 
_citation.page_first                996 
_citation.page_last                 1003 
_citation.year                      2006 
_citation.journal_id_ASTM           PSFGEY 
_citation.country                   US 
_citation.journal_id_ISSN           0887-3585 
_citation.journal_id_CSD            0867 
_citation.book_publisher            ? 
_citation.pdbx_database_id_PubMed   17173287 
_citation.pdbx_database_id_DOI      10.1002/prot.21262 
# 
loop_
_citation_author.citation_id 
_citation_author.name 
_citation_author.ordinal 
_citation_author.identifier_ORCID 
primary 'Chu, H.M.'    1 ? 
primary 'Wang, A.H.J.' 2 ? 
# 
loop_
_entity.id 
_entity.type 
_entity.src_method 
_entity.pdbx_description 
_entity.formula_weight 
_entity.pdbx_number_of_molecules 
_entity.pdbx_ec 
_entity.pdbx_mutation 
_entity.pdbx_fragment 
_entity.details 
1 polymer     man 'Sulfolobus solfataricus protein tyrosine phosphatase' 18417.100 1   3.1.3.48 C96S ? ? 
2 polymer     syn 'NK(PTR)GN'                                            675.605   1   ?        ?    ? ? 
3 non-polymer syn 'TETRAETHYLENE GLYCOL'                                 194.226   2   ?        ?    ? ? 
4 non-polymer syn 'CALCIUM ION'                                          40.078    1   ?        ?    ? ? 
5 non-polymer syn IMIDAZOLE                                              69.085    3   ?        ?    ? ? 
6 water       nat water                                                  18.015    121 ?        ?    ? ? 
# 
_entity_name_com.entity_id   1 
_entity_name_com.name        SsoPTP 
# 
loop_
_entity_poly.entity_id 
_entity_poly.type 
_entity_poly.nstd_linkage 
_entity_poly.nstd_monomer 
_entity_poly.pdbx_seq_one_letter_code 
_entity_poly.pdbx_seq_one_letter_code_can 
_entity_poly.pdbx_strand_id 
_entity_poly.pdbx_target_identifier 
1 'polypeptide(L)' no no  
;MYWVRRKTIGGSGLPYTENEILEWRKEGVKRVLVLPEDWEIEESWGDKDYYLSILKKNGLQPLHIPIPDGGVPSDSQFLT
IMKWLLSEKEGNLVHSVGGIGRTGTILASYLILTEGLEVESAIDEVRLVRPGAVQTYEQEMFLLRVEGMRKSWLKNIYSN
S
;
;MYWVRRKTIGGSGLPYTENEILEWRKEGVKRVLVLPEDWEIEESWGDKDYYLSILKKNGLQPLHIPIPDGGVPSDSQFLT
IMKWLLSEKEGNLVHSVGGIGRTGTILASYLILTEGLEVESAIDEVRLVRPGAVQTYEQEMFLLRVEGMRKSWLKNIYSN
S
;
A ? 
2 'polypeptide(L)' no yes 'NK(PTR)GN' NKYGN B ? 
# 
loop_
_pdbx_entity_nonpoly.entity_id 
_pdbx_entity_nonpoly.name 
_pdbx_entity_nonpoly.comp_id 
3 'TETRAETHYLENE GLYCOL' PG4 
4 'CALCIUM ION'          CA  
5 IMIDAZOLE              IMD 
6 water                  HOH 
# 
loop_
_entity_poly_seq.entity_id 
_entity_poly_seq.num 
_entity_poly_seq.mon_id 
_entity_poly_seq.hetero 
1 1   MET n 
1 2   TYR n 
1 3   TRP n 
1 4   VAL n 
1 5   ARG n 
1 6   ARG n 
1 7   LYS n 
1 8   THR n 
1 9   ILE n 
1 10  GLY n 
1 11  GLY n 
1 12  SER n 
1 13  GLY n 
1 14  LEU n 
1 15  PRO n 
1 16  TYR n 
1 17  THR n 
1 18  GLU n 
1 19  ASN n 
1 20  GLU n 
1 21  ILE n 
1 22  LEU n 
1 23  GLU n 
1 24  TRP n 
1 25  ARG n 
1 26  LYS n 
1 27  GLU n 
1 28  GLY n 
1 29  VAL n 
1 30  LYS n 
1 31  ARG n 
1 32  VAL n 
1 33  LEU n 
1 34  VAL n 
1 35  LEU n 
1 36  PRO n 
1 37  GLU n 
1 38  ASP n 
1 39  TRP n 
1 40  GLU n 
1 41  ILE n 
1 42  GLU n 
1 43  GLU n 
1 44  SER n 
1 45  TRP n 
1 46  GLY n 
1 47  ASP n 
1 48  LYS n 
1 49  ASP n 
1 50  TYR n 
1 51  TYR n 
1 52  LEU n 
1 53  SER n 
1 54  ILE n 
1 55  LEU n 
1 56  LYS n 
1 57  LYS n 
1 58  ASN n 
1 59  GLY n 
1 60  LEU n 
1 61  GLN n 
1 62  PRO n 
1 63  LEU n 
1 64  HIS n 
1 65  ILE n 
1 66  PRO n 
1 67  ILE n 
1 68  PRO n 
1 69  ASP n 
1 70  GLY n 
1 71  GLY n 
1 72  VAL n 
1 73  PRO n 
1 74  SER n 
1 75  ASP n 
1 76  SER n 
1 77  GLN n 
1 78  PHE n 
1 79  LEU n 
1 80  THR n 
1 81  ILE n 
1 82  MET n 
1 83  LYS n 
1 84  TRP n 
1 85  LEU n 
1 86  LEU n 
1 87  SER n 
1 88  GLU n 
1 89  LYS n 
1 90  GLU n 
1 91  GLY n 
1 92  ASN n 
1 93  LEU n 
1 94  VAL n 
1 95  HIS n 
1 96  SER n 
1 97  VAL n 
1 98  GLY n 
1 99  GLY n 
1 100 ILE n 
1 101 GLY n 
1 102 ARG n 
1 103 THR n 
1 104 GLY n 
1 105 THR n 
1 106 ILE n 
1 107 LEU n 
1 108 ALA n 
1 109 SER n 
1 110 TYR n 
1 111 LEU n 
1 112 ILE n 
1 113 LEU n 
1 114 THR n 
1 115 GLU n 
1 116 GLY n 
1 117 LEU n 
1 118 GLU n 
1 119 VAL n 
1 120 GLU n 
1 121 SER n 
1 122 ALA n 
1 123 ILE n 
1 124 ASP n 
1 125 GLU n 
1 126 VAL n 
1 127 ARG n 
1 128 LEU n 
1 129 VAL n 
1 130 ARG n 
1 131 PRO n 
1 132 GLY n 
1 133 ALA n 
1 134 VAL n 
1 135 GLN n 
1 136 THR n 
1 137 TYR n 
1 138 GLU n 
1 139 GLN n 
1 140 GLU n 
1 141 MET n 
1 142 PHE n 
1 143 LEU n 
1 144 LEU n 
1 145 ARG n 
1 146 VAL n 
1 147 GLU n 
1 148 GLY n 
1 149 MET n 
1 150 ARG n 
1 151 LYS n 
1 152 SER n 
1 153 TRP n 
1 154 LEU n 
1 155 LYS n 
1 156 ASN n 
1 157 ILE n 
1 158 TYR n 
1 159 SER n 
1 160 ASN n 
1 161 SER n 
2 1   ASN n 
2 2   LYS n 
2 3   PTR n 
2 4   GLY n 
2 5   ASN n 
# 
_entity_src_gen.entity_id                          1 
_entity_src_gen.pdbx_src_id                        1 
_entity_src_gen.pdbx_alt_source_flag               sample 
_entity_src_gen.pdbx_seq_type                      ? 
_entity_src_gen.pdbx_beg_seq_num                   ? 
_entity_src_gen.pdbx_end_seq_num                   ? 
_entity_src_gen.gene_src_common_name               ? 
_entity_src_gen.gene_src_genus                     Sulfolobus 
_entity_src_gen.pdbx_gene_src_gene                 ? 
_entity_src_gen.gene_src_species                   ? 
_entity_src_gen.gene_src_strain                    ? 
_entity_src_gen.gene_src_tissue                    ? 
_entity_src_gen.gene_src_tissue_fraction           ? 
_entity_src_gen.gene_src_details                   ? 
_entity_src_gen.pdbx_gene_src_fragment             ? 
_entity_src_gen.pdbx_gene_src_scientific_name      'Sulfolobus solfataricus' 
_entity_src_gen.pdbx_gene_src_ncbi_taxonomy_id     2287 
_entity_src_gen.pdbx_gene_src_variant              ? 
_entity_src_gen.pdbx_gene_src_cell_line            ? 
_entity_src_gen.pdbx_gene_src_atcc                 ? 
_entity_src_gen.pdbx_gene_src_organ                ? 
_entity_src_gen.pdbx_gene_src_organelle            ? 
_entity_src_gen.pdbx_gene_src_cell                 ? 
_entity_src_gen.pdbx_gene_src_cellular_location    ? 
_entity_src_gen.host_org_common_name               ? 
_entity_src_gen.pdbx_host_org_scientific_name      'Escherichia coli BL21' 
_entity_src_gen.pdbx_host_org_ncbi_taxonomy_id     511693 
_entity_src_gen.host_org_genus                     Escherichia 
_entity_src_gen.pdbx_host_org_gene                 ? 
_entity_src_gen.pdbx_host_org_organ                ? 
_entity_src_gen.host_org_species                   'Escherichia coli' 
_entity_src_gen.pdbx_host_org_tissue               ? 
_entity_src_gen.pdbx_host_org_tissue_fraction      ? 
_entity_src_gen.pdbx_host_org_strain               BL21 
_entity_src_gen.pdbx_host_org_variant              ? 
_entity_src_gen.pdbx_host_org_cell_line            ? 
_entity_src_gen.pdbx_host_org_atcc                 ? 
_entity_src_gen.pdbx_host_org_culture_collection   ? 
_entity_src_gen.pdbx_host_org_cell                 ? 
_entity_src_gen.pdbx_host_org_organelle            ? 
_entity_src_gen.pdbx_host_org_cellular_location    ? 
_entity_src_gen.pdbx_host_org_vector_type          plasmid 
_entity_src_gen.pdbx_host_org_vector               ? 
_entity_src_gen.host_org_details                   ? 
_entity_src_gen.expression_system_id               ? 
_entity_src_gen.plasmid_name                       pET21 
_entity_src_gen.plasmid_details                    ? 
_entity_src_gen.pdbx_description                   ? 
# 
_pdbx_entity_src_syn.entity_id              2 
_pdbx_entity_src_syn.pdbx_src_id            1 
_pdbx_entity_src_syn.pdbx_alt_source_flag   sample 
_pdbx_entity_src_syn.pdbx_beg_seq_num       ? 
_pdbx_entity_src_syn.pdbx_end_seq_num       ? 
_pdbx_entity_src_syn.organism_scientific    ? 
_pdbx_entity_src_syn.organism_common_name   ? 
_pdbx_entity_src_syn.ncbi_taxonomy_id       ? 
_pdbx_entity_src_syn.details                'synthetic peptide' 
# 
loop_
_chem_comp.id 
_chem_comp.type 
_chem_comp.mon_nstd_flag 
_chem_comp.name 
_chem_comp.pdbx_synonyms 
_chem_comp.formula 
_chem_comp.formula_weight 
ALA 'L-peptide linking' y ALANINE                ?                 'C3 H7 N O2'     89.093  
ARG 'L-peptide linking' y ARGININE               ?                 'C6 H15 N4 O2 1' 175.209 
ASN 'L-peptide linking' y ASPARAGINE             ?                 'C4 H8 N2 O3'    132.118 
ASP 'L-peptide linking' y 'ASPARTIC ACID'        ?                 'C4 H7 N O4'     133.103 
CA  non-polymer         . 'CALCIUM ION'          ?                 'Ca 2'           40.078  
CYS 'L-peptide linking' y CYSTEINE               ?                 'C3 H7 N O2 S'   121.158 
GLN 'L-peptide linking' y GLUTAMINE              ?                 'C5 H10 N2 O3'   146.144 
GLU 'L-peptide linking' y 'GLUTAMIC ACID'        ?                 'C5 H9 N O4'     147.129 
GLY 'peptide linking'   y GLYCINE                ?                 'C2 H5 N O2'     75.067  
HIS 'L-peptide linking' y HISTIDINE              ?                 'C6 H10 N3 O2 1' 156.162 
HOH non-polymer         . WATER                  ?                 'H2 O'           18.015  
ILE 'L-peptide linking' y ISOLEUCINE             ?                 'C6 H13 N O2'    131.173 
IMD non-polymer         . IMIDAZOLE              ?                 'C3 H5 N2 1'     69.085  
LEU 'L-peptide linking' y LEUCINE                ?                 'C6 H13 N O2'    131.173 
LYS 'L-peptide linking' y LYSINE                 ?                 'C6 H15 N2 O2 1' 147.195 
MET 'L-peptide linking' y METHIONINE             ?                 'C5 H11 N O2 S'  149.211 
PG4 non-polymer         . 'TETRAETHYLENE GLYCOL' ?                 'C8 H18 O5'      194.226 
PHE 'L-peptide linking' y PHENYLALANINE          ?                 'C9 H11 N O2'    165.189 
PRO 'L-peptide linking' y PROLINE                ?                 'C5 H9 N O2'     115.130 
PTR 'L-peptide linking' n O-PHOSPHOTYROSINE      PHOSPHONOTYROSINE 'C9 H12 N O6 P'  261.168 
SER 'L-peptide linking' y SERINE                 ?                 'C3 H7 N O3'     105.093 
THR 'L-peptide linking' y THREONINE              ?                 'C4 H9 N O3'     119.119 
TRP 'L-peptide linking' y TRYPTOPHAN             ?                 'C11 H12 N2 O2'  204.225 
TYR 'L-peptide linking' y TYROSINE               ?                 'C9 H11 N O3'    181.189 
VAL 'L-peptide linking' y VALINE                 ?                 'C5 H11 N O2'    117.146 
# 
loop_
_pdbx_poly_seq_scheme.asym_id 
_pdbx_poly_seq_scheme.entity_id 
_pdbx_poly_seq_scheme.seq_id 
_pdbx_poly_seq_scheme.mon_id 
_pdbx_poly_seq_scheme.ndb_seq_num 
_pdbx_poly_seq_scheme.pdb_seq_num 
_pdbx_poly_seq_scheme.auth_seq_num 
_pdbx_poly_seq_scheme.pdb_mon_id 
_pdbx_poly_seq_scheme.auth_mon_id 
_pdbx_poly_seq_scheme.pdb_strand_id 
_pdbx_poly_seq_scheme.pdb_ins_code 
_pdbx_poly_seq_scheme.hetero 
A 1 1   MET 1   1   1   MET MET A . n 
A 1 2   TYR 2   2   2   TYR TYR A . n 
A 1 3   TRP 3   3   3   TRP TRP A . n 
A 1 4   VAL 4   4   4   VAL VAL A . n 
A 1 5   ARG 5   5   5   ARG ARG A . n 
A 1 6   ARG 6   6   6   ARG ARG A . n 
A 1 7   LYS 7   7   7   LYS LYS A . n 
A 1 8   THR 8   8   8   THR THR A . n 
A 1 9   ILE 9   9   9   ILE ILE A . n 
A 1 10  GLY 10  10  10  GLY GLY A . n 
A 1 11  GLY 11  11  11  GLY GLY A . n 
A 1 12  SER 12  12  12  SER SER A . n 
A 1 13  GLY 13  13  13  GLY GLY A . n 
A 1 14  LEU 14  14  14  LEU LEU A . n 
A 1 15  PRO 15  15  15  PRO PRO A . n 
A 1 16  TYR 16  16  16  TYR TYR A . n 
A 1 17  THR 17  17  17  THR THR A . n 
A 1 18  GLU 18  18  18  GLU GLU A . n 
A 1 19  ASN 19  19  19  ASN ASN A . n 
A 1 20  GLU 20  20  20  GLU GLU A . n 
A 1 21  ILE 21  21  21  ILE ILE A . n 
A 1 22  LEU 22  22  22  LEU LEU A . n 
A 1 23  GLU 23  23  23  GLU GLU A . n 
A 1 24  TRP 24  24  24  TRP TRP A . n 
A 1 25  ARG 25  25  25  ARG ARG A . n 
A 1 26  LYS 26  26  26  LYS LYS A . n 
A 1 27  GLU 27  27  27  GLU GLU A . n 
A 1 28  GLY 28  28  28  GLY GLY A . n 
A 1 29  VAL 29  29  29  VAL VAL A . n 
A 1 30  LYS 30  30  30  LYS LYS A . n 
A 1 31  ARG 31  31  31  ARG ARG A . n 
A 1 32  VAL 32  32  32  VAL VAL A . n 
A 1 33  LEU 33  33  33  LEU LEU A . n 
A 1 34  VAL 34  34  34  VAL VAL A . n 
A 1 35  LEU 35  35  35  LEU LEU A . n 
A 1 36  PRO 36  36  36  PRO PRO A . n 
A 1 37  GLU 37  37  37  GLU GLU A . n 
A 1 38  ASP 38  38  38  ASP ASP A . n 
A 1 39  TRP 39  39  39  TRP TRP A . n 
A 1 40  GLU 40  40  40  GLU GLU A . n 
A 1 41  ILE 41  41  41  ILE ILE A . n 
A 1 42  GLU 42  42  42  GLU GLU A . n 
A 1 43  GLU 43  43  43  GLU GLU A . n 
A 1 44  SER 44  44  44  SER SER A . n 
A 1 45  TRP 45  45  45  TRP TRP A . n 
A 1 46  GLY 46  46  46  GLY GLY A . n 
A 1 47  ASP 47  47  47  ASP ASP A . n 
A 1 48  LYS 48  48  48  LYS LYS A . n 
A 1 49  ASP 49  49  49  ASP ASP A . n 
A 1 50  TYR 50  50  50  TYR TYR A . n 
A 1 51  TYR 51  51  51  TYR TYR A . n 
A 1 52  LEU 52  52  52  LEU LEU A . n 
A 1 53  SER 53  53  53  SER SER A . n 
A 1 54  ILE 54  54  54  ILE ILE A . n 
A 1 55  LEU 55  55  55  LEU LEU A . n 
A 1 56  LYS 56  56  56  LYS LYS A . n 
A 1 57  LYS 57  57  57  LYS LYS A . n 
A 1 58  ASN 58  58  58  ASN ASN A . n 
A 1 59  GLY 59  59  59  GLY GLY A . n 
A 1 60  LEU 60  60  60  LEU LEU A . n 
A 1 61  GLN 61  61  61  GLN GLN A . n 
A 1 62  PRO 62  62  62  PRO PRO A . n 
A 1 63  LEU 63  63  63  LEU LEU A . n 
A 1 64  HIS 64  64  64  HIS HIS A . n 
A 1 65  ILE 65  65  65  ILE ILE A . n 
A 1 66  PRO 66  66  66  PRO PRO A . n 
A 1 67  ILE 67  67  67  ILE ILE A . n 
A 1 68  PRO 68  68  68  PRO PRO A . n 
A 1 69  ASP 69  69  69  ASP ASP A . n 
A 1 70  GLY 70  70  70  GLY GLY A . n 
A 1 71  GLY 71  71  71  GLY GLY A . n 
A 1 72  VAL 72  72  72  VAL VAL A . n 
A 1 73  PRO 73  73  73  PRO PRO A . n 
A 1 74  SER 74  74  74  SER SER A . n 
A 1 75  ASP 75  75  75  ASP ASP A . n 
A 1 76  SER 76  76  76  SER SER A . n 
A 1 77  GLN 77  77  77  GLN GLN A . n 
A 1 78  PHE 78  78  78  PHE PHE A . n 
A 1 79  LEU 79  79  79  LEU LEU A . n 
A 1 80  THR 80  80  80  THR THR A . n 
A 1 81  ILE 81  81  81  ILE ILE A . n 
A 1 82  MET 82  82  82  MET MET A . n 
A 1 83  LYS 83  83  83  LYS LYS A . n 
A 1 84  TRP 84  84  84  TRP TRP A . n 
A 1 85  LEU 85  85  85  LEU LEU A . n 
A 1 86  LEU 86  86  86  LEU LEU A . n 
A 1 87  SER 87  87  87  SER SER A . n 
A 1 88  GLU 88  88  88  GLU GLU A . n 
A 1 89  LYS 89  89  89  LYS LYS A . n 
A 1 90  GLU 90  90  90  GLU GLU A . n 
A 1 91  GLY 91  91  91  GLY GLY A . n 
A 1 92  ASN 92  92  92  ASN ASN A . n 
A 1 93  LEU 93  93  93  LEU LEU A . n 
A 1 94  VAL 94  94  94  VAL VAL A . n 
A 1 95  HIS 95  95  95  HIS HIS A . n 
A 1 96  SER 96  96  96  SER SER A . n 
A 1 97  VAL 97  97  97  VAL VAL A . n 
A 1 98  GLY 98  98  98  GLY GLY A . n 
A 1 99  GLY 99  99  99  GLY GLY A . n 
A 1 100 ILE 100 100 100 ILE ILE A . n 
A 1 101 GLY 101 101 101 GLY GLY A . n 
A 1 102 ARG 102 102 102 ARG ARG A . n 
A 1 103 THR 103 103 103 THR THR A . n 
A 1 104 GLY 104 104 104 GLY GLY A . n 
A 1 105 THR 105 105 105 THR THR A . n 
A 1 106 ILE 106 106 106 ILE ILE A . n 
A 1 107 LEU 107 107 107 LEU LEU A . n 
A 1 108 ALA 108 108 108 ALA ALA A . n 
A 1 109 SER 109 109 109 SER SER A . n 
A 1 110 TYR 110 110 110 TYR TYR A . n 
A 1 111 LEU 111 111 111 LEU LEU A . n 
A 1 112 ILE 112 112 112 ILE ILE A . n 
A 1 113 LEU 113 113 113 LEU LEU A . n 
A 1 114 THR 114 114 114 THR THR A . n 
A 1 115 GLU 115 115 115 GLU GLU A . n 
A 1 116 GLY 116 116 116 GLY GLY A . n 
A 1 117 LEU 117 117 117 LEU LEU A . n 
A 1 118 GLU 118 118 118 GLU GLU A . n 
A 1 119 VAL 119 119 119 VAL VAL A . n 
A 1 120 GLU 120 120 120 GLU GLU A . n 
A 1 121 SER 121 121 121 SER SER A . n 
A 1 122 ALA 122 122 122 ALA ALA A . n 
A 1 123 ILE 123 123 123 ILE ILE A . n 
A 1 124 ASP 124 124 124 ASP ASP A . n 
A 1 125 GLU 125 125 125 GLU GLU A . n 
A 1 126 VAL 126 126 126 VAL VAL A . n 
A 1 127 ARG 127 127 127 ARG ARG A . n 
A 1 128 LEU 128 128 128 LEU LEU A . n 
A 1 129 VAL 129 129 129 VAL VAL A . n 
A 1 130 ARG 130 130 130 ARG ARG A . n 
A 1 131 PRO 131 131 131 PRO PRO A . n 
A 1 132 GLY 132 132 132 GLY GLY A . n 
A 1 133 ALA 133 133 133 ALA ALA A . n 
A 1 134 VAL 134 134 134 VAL VAL A . n 
A 1 135 GLN 135 135 135 GLN GLN A . n 
A 1 136 THR 136 136 136 THR THR A . n 
A 1 137 TYR 137 137 137 TYR TYR A . n 
A 1 138 GLU 138 138 138 GLU GLU A . n 
A 1 139 GLN 139 139 139 GLN GLN A . n 
A 1 140 GLU 140 140 140 GLU GLU A . n 
A 1 141 MET 141 141 141 MET MET A . n 
A 1 142 PHE 142 142 142 PHE PHE A . n 
A 1 143 LEU 143 143 143 LEU LEU A . n 
A 1 144 LEU 144 144 144 LEU LEU A . n 
A 1 145 ARG 145 145 145 ARG ARG A . n 
A 1 146 VAL 146 146 146 VAL VAL A . n 
A 1 147 GLU 147 147 147 GLU GLU A . n 
A 1 148 GLY 148 148 148 GLY GLY A . n 
A 1 149 MET 149 149 149 MET MET A . n 
A 1 150 ARG 150 150 150 ARG ARG A . n 
A 1 151 LYS 151 151 151 LYS LYS A . n 
A 1 152 SER 152 152 152 SER SER A . n 
A 1 153 TRP 153 153 153 TRP TRP A . n 
A 1 154 LEU 154 154 154 LEU LEU A . n 
A 1 155 LYS 155 155 155 LYS LYS A . n 
A 1 156 ASN 156 156 156 ASN ASN A . n 
A 1 157 ILE 157 157 157 ILE ILE A . n 
A 1 158 TYR 158 158 158 TYR TYR A . n 
A 1 159 SER 159 159 ?   ?   ?   A . n 
A 1 160 ASN 160 160 ?   ?   ?   A . n 
A 1 161 SER 161 161 ?   ?   ?   A . n 
B 2 1   ASN 1   171 171 ASN ASN B . n 
B 2 2   LYS 2   172 172 LYS LYS B . n 
B 2 3   PTR 3   173 173 PTR TYR B . n 
B 2 4   GLY 4   174 174 GLY GLY B . n 
B 2 5   ASN 5   175 175 ASN ASN B . n 
# 
loop_
_pdbx_nonpoly_scheme.asym_id 
_pdbx_nonpoly_scheme.entity_id 
_pdbx_nonpoly_scheme.mon_id 
_pdbx_nonpoly_scheme.ndb_seq_num 
_pdbx_nonpoly_scheme.pdb_seq_num 
_pdbx_nonpoly_scheme.auth_seq_num 
_pdbx_nonpoly_scheme.pdb_mon_id 
_pdbx_nonpoly_scheme.auth_mon_id 
_pdbx_nonpoly_scheme.pdb_strand_id 
_pdbx_nonpoly_scheme.pdb_ins_code 
C 3 PG4 1   901  901  PG4 PEG A . 
D 4 CA  1   1308 1308 CA  CA2 B . 
E 5 IMD 1   1305 1305 IMD IMD B . 
F 5 IMD 1   1306 1306 IMD IMD B . 
G 5 IMD 1   1307 1307 IMD IMD B . 
H 3 PG4 1   900  900  PG4 PEG B . 
I 6 HOH 1   5201 5201 HOH TIP A . 
I 6 HOH 2   5203 5203 HOH TIP A . 
I 6 HOH 3   5204 5204 HOH TIP A . 
I 6 HOH 4   5206 5206 HOH TIP A . 
I 6 HOH 5   5207 5207 HOH TIP A . 
I 6 HOH 6   5208 5208 HOH TIP A . 
I 6 HOH 7   5209 5209 HOH TIP A . 
I 6 HOH 8   5210 5210 HOH TIP A . 
I 6 HOH 9   5211 5211 HOH TIP A . 
I 6 HOH 10  5212 5212 HOH TIP A . 
I 6 HOH 11  5213 5213 HOH TIP A . 
I 6 HOH 12  5214 5214 HOH TIP A . 
I 6 HOH 13  5215 5215 HOH TIP A . 
I 6 HOH 14  5216 5216 HOH TIP A . 
I 6 HOH 15  5217 5217 HOH TIP A . 
I 6 HOH 16  5218 5218 HOH TIP A . 
I 6 HOH 17  5220 5220 HOH TIP A . 
I 6 HOH 18  5221 5221 HOH TIP A . 
I 6 HOH 19  5222 5222 HOH TIP A . 
I 6 HOH 20  5223 5223 HOH TIP A . 
I 6 HOH 21  5224 5224 HOH TIP A . 
I 6 HOH 22  5225 5225 HOH TIP A . 
I 6 HOH 23  5226 5226 HOH TIP A . 
I 6 HOH 24  5227 5227 HOH TIP A . 
I 6 HOH 25  5228 5228 HOH TIP A . 
I 6 HOH 26  5230 5230 HOH TIP A . 
I 6 HOH 27  5232 5232 HOH TIP A . 
I 6 HOH 28  5235 5235 HOH TIP A . 
I 6 HOH 29  5238 5238 HOH TIP A . 
I 6 HOH 30  5239 5239 HOH TIP A . 
I 6 HOH 31  5240 5240 HOH TIP A . 
I 6 HOH 32  5241 5241 HOH TIP A . 
I 6 HOH 33  5244 5244 HOH TIP A . 
I 6 HOH 34  5245 5245 HOH TIP A . 
I 6 HOH 35  5246 5246 HOH TIP A . 
I 6 HOH 36  5247 5247 HOH TIP A . 
I 6 HOH 37  5248 5248 HOH TIP A . 
I 6 HOH 38  5249 5249 HOH TIP A . 
I 6 HOH 39  5250 5250 HOH TIP A . 
I 6 HOH 40  5251 5251 HOH TIP A . 
I 6 HOH 41  5252 5252 HOH TIP A . 
I 6 HOH 42  5254 5254 HOH TIP A . 
I 6 HOH 43  5255 5255 HOH TIP A . 
I 6 HOH 44  5256 5256 HOH TIP A . 
I 6 HOH 45  5257 5257 HOH TIP A . 
I 6 HOH 46  5258 5258 HOH TIP A . 
I 6 HOH 47  5260 5260 HOH TIP A . 
I 6 HOH 48  5261 5261 HOH TIP A . 
I 6 HOH 49  5262 5262 HOH TIP A . 
I 6 HOH 50  5263 5263 HOH TIP A . 
I 6 HOH 51  5264 5264 HOH TIP A . 
I 6 HOH 52  5266 5266 HOH TIP A . 
I 6 HOH 53  5267 5267 HOH TIP A . 
I 6 HOH 54  5268 5268 HOH TIP A . 
I 6 HOH 55  5269 5269 HOH TIP A . 
I 6 HOH 56  5270 5270 HOH TIP A . 
I 6 HOH 57  5271 5271 HOH TIP A . 
I 6 HOH 58  5272 5272 HOH TIP A . 
I 6 HOH 59  5273 5273 HOH TIP A . 
I 6 HOH 60  5274 5274 HOH TIP A . 
I 6 HOH 61  5275 5275 HOH TIP A . 
I 6 HOH 62  5277 5277 HOH TIP A . 
I 6 HOH 63  5278 5278 HOH TIP A . 
I 6 HOH 64  5279 5279 HOH TIP A . 
I 6 HOH 65  5280 5280 HOH TIP A . 
I 6 HOH 66  5281 5281 HOH TIP A . 
I 6 HOH 67  5282 5282 HOH TIP A . 
I 6 HOH 68  5283 5283 HOH TIP A . 
I 6 HOH 69  5284 5284 HOH TIP A . 
I 6 HOH 70  5285 5285 HOH TIP A . 
I 6 HOH 71  5286 5286 HOH TIP A . 
I 6 HOH 72  5287 5287 HOH TIP A . 
I 6 HOH 73  5288 5288 HOH TIP A . 
I 6 HOH 74  5289 5289 HOH TIP A . 
I 6 HOH 75  5290 5290 HOH TIP A . 
I 6 HOH 76  5291 5291 HOH TIP A . 
I 6 HOH 77  5292 5292 HOH TIP A . 
I 6 HOH 78  5293 5293 HOH TIP A . 
I 6 HOH 79  5294 5294 HOH TIP A . 
I 6 HOH 80  5295 5295 HOH TIP A . 
I 6 HOH 81  5296 5296 HOH TIP A . 
I 6 HOH 82  5297 5297 HOH TIP A . 
I 6 HOH 83  5298 5298 HOH TIP A . 
I 6 HOH 84  5299 5299 HOH TIP A . 
I 6 HOH 85  5300 5300 HOH TIP A . 
I 6 HOH 86  5301 5301 HOH TIP A . 
I 6 HOH 87  5302 5302 HOH TIP A . 
I 6 HOH 88  5303 5303 HOH TIP A . 
I 6 HOH 89  5304 5304 HOH TIP A . 
I 6 HOH 90  5305 5305 HOH TIP A . 
I 6 HOH 91  5306 5306 HOH TIP A . 
I 6 HOH 92  5307 5307 HOH TIP A . 
I 6 HOH 93  5308 5308 HOH TIP A . 
I 6 HOH 94  5309 5309 HOH TIP A . 
I 6 HOH 95  5310 5310 HOH TIP A . 
I 6 HOH 96  5311 5311 HOH TIP A . 
I 6 HOH 97  5312 5312 HOH TIP A . 
I 6 HOH 98  5313 5313 HOH TIP A . 
I 6 HOH 99  5314 5314 HOH TIP A . 
I 6 HOH 100 5315 5315 HOH TIP A . 
I 6 HOH 101 5316 5316 HOH TIP A . 
I 6 HOH 102 5317 5317 HOH TIP A . 
I 6 HOH 103 5318 5318 HOH TIP A . 
I 6 HOH 104 5319 5319 HOH TIP A . 
J 6 HOH 1   5202 5202 HOH TIP B . 
J 6 HOH 2   5205 5205 HOH TIP B . 
J 6 HOH 3   5219 5219 HOH TIP B . 
J 6 HOH 4   5229 5229 HOH TIP B . 
J 6 HOH 5   5231 5231 HOH TIP B . 
J 6 HOH 6   5233 5233 HOH TIP B . 
J 6 HOH 7   5234 5234 HOH TIP B . 
J 6 HOH 8   5236 5236 HOH TIP B . 
J 6 HOH 9   5237 5237 HOH TIP B . 
J 6 HOH 10  5242 5242 HOH TIP B . 
J 6 HOH 11  5243 5243 HOH TIP B . 
J 6 HOH 12  5253 5253 HOH TIP B . 
J 6 HOH 13  5259 5259 HOH TIP B . 
J 6 HOH 14  5265 5265 HOH TIP B . 
J 6 HOH 15  5276 5276 HOH TIP B . 
J 6 HOH 16  5320 5320 HOH TIP B . 
J 6 HOH 17  5321 5321 HOH TIP B . 
# 
loop_
_software.name 
_software.classification 
_software.version 
_software.citation_id 
_software.pdbx_ordinal 
CrystalClear 'data collection' '(MSC/RIGAKU)' ? 1 
AMoRE        phasing           .              ? 2 
CNS          refinement        1.1            ? 3 
DENZO        'data reduction'  .              ? 4 
SCALEPACK    'data scaling'    .              ? 5 
# 
_cell.entry_id           2I6O 
_cell.length_a           80.979 
_cell.length_b           58.399 
_cell.length_c           36.435 
_cell.angle_alpha        90.00 
_cell.angle_beta         90.00 
_cell.angle_gamma        90.00 
_cell.Z_PDB              4 
_cell.pdbx_unique_axis   ? 
_cell.length_a_esd       ? 
_cell.length_b_esd       ? 
_cell.length_c_esd       ? 
_cell.angle_alpha_esd    ? 
_cell.angle_beta_esd     ? 
_cell.angle_gamma_esd    ? 
# 
_symmetry.entry_id                         2I6O 
_symmetry.space_group_name_H-M             'P 21 21 2' 
_symmetry.pdbx_full_space_group_name_H-M   ? 
_symmetry.cell_setting                     ? 
_symmetry.Int_Tables_number                18 
_symmetry.space_group_name_Hall            ? 
# 
_exptl.entry_id          2I6O 
_exptl.method            'X-RAY DIFFRACTION' 
_exptl.crystals_number   1 
# 
_exptl_crystal.id                    1 
_exptl_crystal.density_meas          ? 
_exptl_crystal.density_Matthews      2.26 
_exptl_crystal.density_percent_sol   45.46 
_exptl_crystal.description           ? 
_exptl_crystal.F_000                 ? 
_exptl_crystal.preparation           ? 
# 
_exptl_crystal_grow.crystal_id      1 
_exptl_crystal_grow.method          'VAPOR DIFFUSION, HANGING DROP' 
_exptl_crystal_grow.temp            298 
_exptl_crystal_grow.temp_details    ? 
_exptl_crystal_grow.pH              6.5 
_exptl_crystal_grow.pdbx_details    'pH 6.5, VAPOR DIFFUSION, HANGING DROP, temperature 298K' 
_exptl_crystal_grow.pdbx_pH_range   . 
# 
_diffrn.id                     1 
_diffrn.ambient_temp           298 
_diffrn.ambient_temp_details   ? 
_diffrn.crystal_id             1 
# 
_diffrn_detector.diffrn_id              1 
_diffrn_detector.detector               'IMAGE PLATE' 
_diffrn_detector.type                   'RIGAKU RAXIS IV' 
_diffrn_detector.pdbx_collection_date   2005-07-31 
_diffrn_detector.details                ? 
# 
_diffrn_radiation.diffrn_id                        1 
_diffrn_radiation.wavelength_id                    1 
_diffrn_radiation.pdbx_monochromatic_or_laue_m_l   M 
_diffrn_radiation.monochromator                    ? 
_diffrn_radiation.pdbx_diffrn_protocol             'SINGLE WAVELENGTH' 
_diffrn_radiation.pdbx_scattering_type             x-ray 
# 
_diffrn_radiation_wavelength.id           1 
_diffrn_radiation_wavelength.wavelength   1.54 
_diffrn_radiation_wavelength.wt           1.0 
# 
_diffrn_source.diffrn_id                   1 
_diffrn_source.source                      'ROTATING ANODE' 
_diffrn_source.type                        RIGAKU 
_diffrn_source.pdbx_synchrotron_site       ? 
_diffrn_source.pdbx_synchrotron_beamline   ? 
_diffrn_source.pdbx_wavelength             ? 
_diffrn_source.pdbx_wavelength_list        1.54 
# 
_reflns.entry_id                     2I6O 
_reflns.observed_criterion_sigma_F   0.0 
_reflns.observed_criterion_sigma_I   ? 
_reflns.d_resolution_high            1.9 
_reflns.d_resolution_low             50 
_reflns.number_all                   14201 
_reflns.number_obs                   12980 
_reflns.percent_possible_obs         91.4 
_reflns.pdbx_Rmerge_I_obs            0.09 
_reflns.pdbx_Rsym_value              0.06 
_reflns.pdbx_netI_over_sigmaI        17.5 
_reflns.B_iso_Wilson_estimate        ? 
_reflns.pdbx_redundancy              5.1 
_reflns.R_free_details               ? 
_reflns.limit_h_max                  ? 
_reflns.limit_h_min                  ? 
_reflns.limit_k_max                  ? 
_reflns.limit_k_min                  ? 
_reflns.limit_l_max                  ? 
_reflns.limit_l_min                  ? 
_reflns.observed_criterion_F_max     ? 
_reflns.observed_criterion_F_min     ? 
_reflns.pdbx_chi_squared             ? 
_reflns.pdbx_scaling_rejects         ? 
_reflns.pdbx_diffrn_id               1 
_reflns.pdbx_ordinal                 1 
# 
_reflns_shell.d_res_high             1.9 
_reflns_shell.d_res_low              1.97 
_reflns_shell.percent_possible_all   92.6 
_reflns_shell.Rmerge_I_obs           0.607 
_reflns_shell.pdbx_Rsym_value        0.544 
_reflns_shell.meanI_over_sigI_obs    2.47 
_reflns_shell.pdbx_redundancy        4.5 
_reflns_shell.percent_possible_obs   ? 
_reflns_shell.number_unique_all      1281 
_reflns_shell.number_measured_all    ? 
_reflns_shell.number_measured_obs    ? 
_reflns_shell.number_unique_obs      ? 
_reflns_shell.pdbx_chi_squared       ? 
_reflns_shell.pdbx_diffrn_id         ? 
_reflns_shell.pdbx_ordinal           1 
# 
_refine.entry_id                                 2I6O 
_refine.ls_d_res_high                            1.9 
_refine.ls_d_res_low                             50 
_refine.pdbx_ls_sigma_F                          0.0 
_refine.pdbx_ls_sigma_I                          ? 
_refine.ls_number_reflns_all                     14201 
_refine.ls_number_reflns_obs                     12980 
_refine.ls_number_reflns_R_free                  906 
_refine.ls_percent_reflns_obs                    91.4 
_refine.ls_R_factor_all                          ? 
_refine.ls_R_factor_obs                          ? 
_refine.ls_R_factor_R_work                       0.1906 
_refine.ls_R_factor_R_free                       0.2266 
_refine.ls_redundancy_reflns_obs                 ? 
_refine.pdbx_data_cutoff_high_absF               ? 
_refine.pdbx_data_cutoff_low_absF                ? 
_refine.ls_number_parameters                     ? 
_refine.ls_number_restraints                     ? 
_refine.ls_percent_reflns_R_free                 ? 
_refine.ls_R_factor_R_free_error                 ? 
_refine.ls_R_factor_R_free_error_details         ? 
_refine.pdbx_method_to_determine_struct          'MOLECULAR REPLACEMENT' 
_refine.pdbx_starting_model                      1OHE 
_refine.pdbx_ls_cross_valid_method               ? 
_refine.pdbx_R_Free_selection_details            ? 
_refine.pdbx_stereochem_target_val_spec_case     ? 
_refine.pdbx_stereochemistry_target_values       ? 
_refine.solvent_model_details                    ? 
_refine.solvent_model_param_bsol                 ? 
_refine.solvent_model_param_ksol                 ? 
_refine.occupancy_max                            ? 
_refine.occupancy_min                            ? 
_refine.pdbx_isotropic_thermal_model             ? 
_refine.B_iso_mean                               ? 
_refine.aniso_B[1][1]                            ? 
_refine.aniso_B[1][2]                            ? 
_refine.aniso_B[1][3]                            ? 
_refine.aniso_B[2][2]                            ? 
_refine.aniso_B[2][3]                            ? 
_refine.aniso_B[3][3]                            ? 
_refine.details                                  ? 
_refine.B_iso_min                                ? 
_refine.B_iso_max                                ? 
_refine.correlation_coeff_Fo_to_Fc               ? 
_refine.correlation_coeff_Fo_to_Fc_free          ? 
_refine.pdbx_solvent_vdw_probe_radii             ? 
_refine.pdbx_solvent_ion_probe_radii             ? 
_refine.pdbx_solvent_shrinkage_radii             ? 
_refine.overall_SU_R_Cruickshank_DPI             ? 
_refine.overall_SU_R_free                        ? 
_refine.overall_SU_ML                            ? 
_refine.overall_SU_B                             ? 
_refine.pdbx_overall_ESU_R_Free                  ? 
_refine.pdbx_data_cutoff_high_rms_absF           ? 
_refine.pdbx_overall_ESU_R                       ? 
_refine.ls_wR_factor_R_free                      ? 
_refine.ls_wR_factor_R_work                      ? 
_refine.overall_FOM_free_R_set                   ? 
_refine.overall_FOM_work_R_set                   ? 
_refine.pdbx_refine_id                           'X-RAY DIFFRACTION' 
_refine.pdbx_diffrn_id                           1 
_refine.pdbx_TLS_residual_ADP_flag               ? 
_refine.pdbx_overall_phase_error                 ? 
_refine.pdbx_overall_SU_R_free_Cruickshank_DPI   ? 
_refine.pdbx_overall_SU_R_Blow_DPI               ? 
_refine.pdbx_overall_SU_R_free_Blow_DPI          ? 
# 
_refine_hist.pdbx_refine_id                   'X-RAY DIFFRACTION' 
_refine_hist.cycle_id                         LAST 
_refine_hist.pdbx_number_atoms_protein        1323 
_refine_hist.pdbx_number_atoms_nucleic_acid   0 
_refine_hist.pdbx_number_atoms_ligand         42 
_refine_hist.number_atoms_solvent             121 
_refine_hist.number_atoms_total               1486 
_refine_hist.d_res_high                       1.9 
_refine_hist.d_res_low                        50 
# 
loop_
_refine_ls_restr.type 
_refine_ls_restr.dev_ideal 
_refine_ls_restr.dev_ideal_target 
_refine_ls_restr.weight 
_refine_ls_restr.number 
_refine_ls_restr.pdbx_refine_id 
_refine_ls_restr.pdbx_restraint_function 
c_angle_deg 1.2377  ? ? ? 'X-RAY DIFFRACTION' ? 
c_bond_d    0.00527 ? ? ? 'X-RAY DIFFRACTION' ? 
# 
_struct.entry_id                  2I6O 
_struct.title                     
'Crystal structure of the complex of the archaeal sulfolobus PTP-fold phosphatase with phosphopeptides N-G-(p)Y-K-N' 
_struct.pdbx_model_details        ? 
_struct.pdbx_CASP_flag            ? 
_struct.pdbx_model_type_details   ? 
# 
_struct_keywords.entry_id        2I6O 
_struct_keywords.pdbx_keywords   HYDROLASE 
_struct_keywords.text            'PTP domain, tyrosine phosphatase, Hydrolase' 
# 
loop_
_struct_asym.id 
_struct_asym.pdbx_blank_PDB_chainid_flag 
_struct_asym.pdbx_modified 
_struct_asym.entity_id 
_struct_asym.details 
A N N 1 ? 
B N N 2 ? 
C N N 3 ? 
D N N 4 ? 
E N N 5 ? 
F N N 5 ? 
G N N 5 ? 
H N N 3 ? 
I N N 6 ? 
J N N 6 ? 
# 
loop_
_struct_ref.id 
_struct_ref.db_name 
_struct_ref.db_code 
_struct_ref.pdbx_db_accession 
_struct_ref.entity_id 
_struct_ref.pdbx_seq_one_letter_code 
_struct_ref.pdbx_align_begin 
_struct_ref.pdbx_db_isoform 
1 UNP Q97VZ7_SULSO Q97VZ7 1 
;MYWVRRKTIGGSGLPYTENEILEWRKEGVKRVLVLPEDWEIEESWGDKDYYLSILKKNGLQPLHIPIPDGGVPSDSQFLT
IMKWLLSEKEGNLVHCVGGIGRTGTILASYLILTEGLEVESAIDEVRLVRPGAVQTYEQEMFLLRVEGMRKSWLKNIYSN
S
;
1 ? 
2 PDB 2I6O         2I6O   2 ? ? ? 
# 
loop_
_struct_ref_seq.align_id 
_struct_ref_seq.ref_id 
_struct_ref_seq.pdbx_PDB_id_code 
_struct_ref_seq.pdbx_strand_id 
_struct_ref_seq.seq_align_beg 
_struct_ref_seq.pdbx_seq_align_beg_ins_code 
_struct_ref_seq.seq_align_end 
_struct_ref_seq.pdbx_seq_align_end_ins_code 
_struct_ref_seq.pdbx_db_accession 
_struct_ref_seq.db_align_beg 
_struct_ref_seq.pdbx_db_align_beg_ins_code 
_struct_ref_seq.db_align_end 
_struct_ref_seq.pdbx_db_align_end_ins_code 
_struct_ref_seq.pdbx_auth_seq_align_beg 
_struct_ref_seq.pdbx_auth_seq_align_end 
1 1 2I6O A 1 ? 161 ? Q97VZ7 1   ? 161 ? 1   161 
2 2 2I6O B 1 ? 5   ? 2I6O   171 ? 175 ? 171 175 
# 
_struct_ref_seq_dif.align_id                     1 
_struct_ref_seq_dif.pdbx_pdb_id_code             2I6O 
_struct_ref_seq_dif.mon_id                       SER 
_struct_ref_seq_dif.pdbx_pdb_strand_id           A 
_struct_ref_seq_dif.seq_num                      96 
_struct_ref_seq_dif.pdbx_pdb_ins_code            ? 
_struct_ref_seq_dif.pdbx_seq_db_name             UNP 
_struct_ref_seq_dif.pdbx_seq_db_accession_code   Q97VZ7 
_struct_ref_seq_dif.db_mon_id                    CYS 
_struct_ref_seq_dif.pdbx_seq_db_seq_num          96 
_struct_ref_seq_dif.details                      'engineered mutation' 
_struct_ref_seq_dif.pdbx_auth_seq_num            96 
_struct_ref_seq_dif.pdbx_ordinal                 1 
# 
_pdbx_struct_assembly.id                   1 
_pdbx_struct_assembly.details              author_and_software_defined_assembly 
_pdbx_struct_assembly.method_details       PISA 
_pdbx_struct_assembly.oligomeric_details   dimeric 
_pdbx_struct_assembly.oligomeric_count     2 
# 
loop_
_pdbx_struct_assembly_prop.biol_id 
_pdbx_struct_assembly_prop.type 
_pdbx_struct_assembly_prop.value 
_pdbx_struct_assembly_prop.details 
1 'ABSA (A^2)' 1710 ? 
1 MORE         -1   ? 
1 'SSA (A^2)'  8310 ? 
# 
_pdbx_struct_assembly_gen.assembly_id       1 
_pdbx_struct_assembly_gen.oper_expression   1 
_pdbx_struct_assembly_gen.asym_id_list      A,B,C,D,E,F,G,H,I,J 
# 
_pdbx_struct_oper_list.id                   1 
_pdbx_struct_oper_list.type                 'identity operation' 
_pdbx_struct_oper_list.name                 1_555 
_pdbx_struct_oper_list.symmetry_operation   x,y,z 
_pdbx_struct_oper_list.matrix[1][1]         1.0000000000 
_pdbx_struct_oper_list.matrix[1][2]         0.0000000000 
_pdbx_struct_oper_list.matrix[1][3]         0.0000000000 
_pdbx_struct_oper_list.vector[1]            0.0000000000 
_pdbx_struct_oper_list.matrix[2][1]         0.0000000000 
_pdbx_struct_oper_list.matrix[2][2]         1.0000000000 
_pdbx_struct_oper_list.matrix[2][3]         0.0000000000 
_pdbx_struct_oper_list.vector[2]            0.0000000000 
_pdbx_struct_oper_list.matrix[3][1]         0.0000000000 
_pdbx_struct_oper_list.matrix[3][2]         0.0000000000 
_pdbx_struct_oper_list.matrix[3][3]         1.0000000000 
_pdbx_struct_oper_list.vector[3]            0.0000000000 
# 
loop_
_struct_conf.conf_type_id 
_struct_conf.id 
_struct_conf.pdbx_PDB_helix_id 
_struct_conf.beg_label_comp_id 
_struct_conf.beg_label_asym_id 
_struct_conf.beg_label_seq_id 
_struct_conf.pdbx_beg_PDB_ins_code 
_struct_conf.end_label_comp_id 
_struct_conf.end_label_asym_id 
_struct_conf.end_label_seq_id 
_struct_conf.pdbx_end_PDB_ins_code 
_struct_conf.beg_auth_comp_id 
_struct_conf.beg_auth_asym_id 
_struct_conf.beg_auth_seq_id 
_struct_conf.end_auth_comp_id 
_struct_conf.end_auth_asym_id 
_struct_conf.end_auth_seq_id 
_struct_conf.pdbx_PDB_helix_class 
_struct_conf.details 
_struct_conf.pdbx_PDB_helix_length 
HELX_P HELX_P1 1 THR A 17  ? GLU A 27  ? THR A 17  GLU A 27  1 ? 11 
HELX_P HELX_P2 2 GLU A 37  ? GLY A 46  ? GLU A 37  GLY A 46  1 ? 10 
HELX_P HELX_P3 3 ASP A 47  ? ASN A 58  ? ASP A 47  ASN A 58  1 ? 12 
HELX_P HELX_P4 4 SER A 74  ? GLU A 88  ? SER A 74  GLU A 88  1 ? 15 
HELX_P HELX_P5 5 GLY A 101 ? GLY A 116 ? GLY A 101 GLY A 116 1 ? 16 
HELX_P HELX_P6 6 GLU A 118 ? LEU A 128 ? GLU A 118 LEU A 128 1 ? 11 
HELX_P HELX_P7 7 THR A 136 ? MET A 149 ? THR A 136 MET A 149 1 ? 14 
HELX_P HELX_P8 8 MET A 149 ? TYR A 158 ? MET A 149 TYR A 158 1 ? 10 
# 
_struct_conf_type.id          HELX_P 
_struct_conf_type.criteria    ? 
_struct_conf_type.reference   ? 
# 
loop_
_struct_conn.id 
_struct_conn.conn_type_id 
_struct_conn.pdbx_leaving_atom_flag 
_struct_conn.pdbx_PDB_id 
_struct_conn.ptnr1_label_asym_id 
_struct_conn.ptnr1_label_comp_id 
_struct_conn.ptnr1_label_seq_id 
_struct_conn.ptnr1_label_atom_id 
_struct_conn.pdbx_ptnr1_label_alt_id 
_struct_conn.pdbx_ptnr1_PDB_ins_code 
_struct_conn.pdbx_ptnr1_standard_comp_id 
_struct_conn.ptnr1_symmetry 
_struct_conn.ptnr2_label_asym_id 
_struct_conn.ptnr2_label_comp_id 
_struct_conn.ptnr2_label_seq_id 
_struct_conn.ptnr2_label_atom_id 
_struct_conn.pdbx_ptnr2_label_alt_id 
_struct_conn.pdbx_ptnr2_PDB_ins_code 
_struct_conn.ptnr1_auth_asym_id 
_struct_conn.ptnr1_auth_comp_id 
_struct_conn.ptnr1_auth_seq_id 
_struct_conn.ptnr2_auth_asym_id 
_struct_conn.ptnr2_auth_comp_id 
_struct_conn.ptnr2_auth_seq_id 
_struct_conn.ptnr2_symmetry 
_struct_conn.pdbx_ptnr3_label_atom_id 
_struct_conn.pdbx_ptnr3_label_seq_id 
_struct_conn.pdbx_ptnr3_label_comp_id 
_struct_conn.pdbx_ptnr3_label_asym_id 
_struct_conn.pdbx_ptnr3_label_alt_id 
_struct_conn.pdbx_ptnr3_PDB_ins_code 
_struct_conn.details 
_struct_conn.pdbx_dist_value 
_struct_conn.pdbx_value_order 
_struct_conn.pdbx_role 
covale1 covale both ? B LYS 2 C   ? ? ? 1_555 B PTR 3 N  ? ? B LYS 172  B PTR 173  1_555 ? ? ? ? ? ? ? 1.327 ? ? 
covale2 covale both ? B PTR 3 C   ? ? ? 1_555 B GLY 4 N  ? ? B PTR 173  B GLY 174  1_555 ? ? ? ? ? ? ? 1.330 ? ? 
metalc1 metalc ?    ? B ASN 1 OD1 ? ? ? 1_555 D CA  . CA ? ? B ASN 171  B CA  1308 1_555 ? ? ? ? ? ? ? 1.800 ? ? 
metalc2 metalc ?    ? B ASN 1 ND2 ? ? ? 1_555 D CA  . CA ? ? B ASN 171  B CA  1308 1_555 ? ? ? ? ? ? ? 2.712 ? ? 
metalc3 metalc ?    ? E IMD . N3  ? ? ? 1_555 D CA  . CA ? ? B IMD 1305 B CA  1308 1_555 ? ? ? ? ? ? ? 2.081 ? ? 
metalc4 metalc ?    ? F IMD . N1  ? ? ? 1_555 D CA  . CA ? ? B IMD 1306 B CA  1308 1_555 ? ? ? ? ? ? ? 2.155 ? ? 
metalc5 metalc ?    ? G IMD . N1  ? ? ? 1_555 D CA  . CA ? ? B IMD 1307 B CA  1308 1_555 ? ? ? ? ? ? ? 2.112 ? ? 
# 
loop_
_struct_conn_type.id 
_struct_conn_type.criteria 
_struct_conn_type.reference 
covale ? ? 
metalc ? ? 
# 
loop_
_pdbx_struct_conn_angle.id 
_pdbx_struct_conn_angle.ptnr1_label_atom_id 
_pdbx_struct_conn_angle.ptnr1_label_alt_id 
_pdbx_struct_conn_angle.ptnr1_label_asym_id 
_pdbx_struct_conn_angle.ptnr1_label_comp_id 
_pdbx_struct_conn_angle.ptnr1_label_seq_id 
_pdbx_struct_conn_angle.ptnr1_auth_atom_id 
_pdbx_struct_conn_angle.ptnr1_auth_asym_id 
_pdbx_struct_conn_angle.ptnr1_auth_comp_id 
_pdbx_struct_conn_angle.ptnr1_auth_seq_id 
_pdbx_struct_conn_angle.ptnr1_PDB_ins_code 
_pdbx_struct_conn_angle.ptnr1_symmetry 
_pdbx_struct_conn_angle.ptnr2_label_atom_id 
_pdbx_struct_conn_angle.ptnr2_label_alt_id 
_pdbx_struct_conn_angle.ptnr2_label_asym_id 
_pdbx_struct_conn_angle.ptnr2_label_comp_id 
_pdbx_struct_conn_angle.ptnr2_label_seq_id 
_pdbx_struct_conn_angle.ptnr2_auth_atom_id 
_pdbx_struct_conn_angle.ptnr2_auth_asym_id 
_pdbx_struct_conn_angle.ptnr2_auth_comp_id 
_pdbx_struct_conn_angle.ptnr2_auth_seq_id 
_pdbx_struct_conn_angle.ptnr2_PDB_ins_code 
_pdbx_struct_conn_angle.ptnr2_symmetry 
_pdbx_struct_conn_angle.ptnr3_label_atom_id 
_pdbx_struct_conn_angle.ptnr3_label_alt_id 
_pdbx_struct_conn_angle.ptnr3_label_asym_id 
_pdbx_struct_conn_angle.ptnr3_label_comp_id 
_pdbx_struct_conn_angle.ptnr3_label_seq_id 
_pdbx_struct_conn_angle.ptnr3_auth_atom_id 
_pdbx_struct_conn_angle.ptnr3_auth_asym_id 
_pdbx_struct_conn_angle.ptnr3_auth_comp_id 
_pdbx_struct_conn_angle.ptnr3_auth_seq_id 
_pdbx_struct_conn_angle.ptnr3_PDB_ins_code 
_pdbx_struct_conn_angle.ptnr3_symmetry 
_pdbx_struct_conn_angle.value 
_pdbx_struct_conn_angle.value_esd 
1  OD1 ? B ASN 1 ? B ASN 171  ? 1_555 CA ? D CA . ? B CA 1308 ? 1_555 ND2 ? B ASN 1 ? B ASN 171  ? 1_555 55.5  ? 
2  OD1 ? B ASN 1 ? B ASN 171  ? 1_555 CA ? D CA . ? B CA 1308 ? 1_555 N3  ? E IMD . ? B IMD 1305 ? 1_555 131.4 ? 
3  ND2 ? B ASN 1 ? B ASN 171  ? 1_555 CA ? D CA . ? B CA 1308 ? 1_555 N3  ? E IMD . ? B IMD 1305 ? 1_555 89.2  ? 
4  OD1 ? B ASN 1 ? B ASN 171  ? 1_555 CA ? D CA . ? B CA 1308 ? 1_555 N1  ? F IMD . ? B IMD 1306 ? 1_555 98.6  ? 
5  ND2 ? B ASN 1 ? B ASN 171  ? 1_555 CA ? D CA . ? B CA 1308 ? 1_555 N1  ? F IMD . ? B IMD 1306 ? 1_555 152.8 ? 
6  N3  ? E IMD . ? B IMD 1305 ? 1_555 CA ? D CA . ? B CA 1308 ? 1_555 N1  ? F IMD . ? B IMD 1306 ? 1_555 105.7 ? 
7  OD1 ? B ASN 1 ? B ASN 171  ? 1_555 CA ? D CA . ? B CA 1308 ? 1_555 N1  ? G IMD . ? B IMD 1307 ? 1_555 98.7  ? 
8  ND2 ? B ASN 1 ? B ASN 171  ? 1_555 CA ? D CA . ? B CA 1308 ? 1_555 N1  ? G IMD . ? B IMD 1307 ? 1_555 92.8  ? 
9  N3  ? E IMD . ? B IMD 1305 ? 1_555 CA ? D CA . ? B CA 1308 ? 1_555 N1  ? G IMD . ? B IMD 1307 ? 1_555 117.2 ? 
10 N1  ? F IMD . ? B IMD 1306 ? 1_555 CA ? D CA . ? B CA 1308 ? 1_555 N1  ? G IMD . ? B IMD 1307 ? 1_555 99.9  ? 
# 
_pdbx_modification_feature.ordinal                            1 
_pdbx_modification_feature.label_comp_id                      PTR 
_pdbx_modification_feature.label_asym_id                      B 
_pdbx_modification_feature.label_seq_id                       3 
_pdbx_modification_feature.label_alt_id                       ? 
_pdbx_modification_feature.modified_residue_label_comp_id     . 
_pdbx_modification_feature.modified_residue_label_asym_id     . 
_pdbx_modification_feature.modified_residue_label_seq_id      . 
_pdbx_modification_feature.modified_residue_label_alt_id      . 
_pdbx_modification_feature.auth_comp_id                       PTR 
_pdbx_modification_feature.auth_asym_id                       B 
_pdbx_modification_feature.auth_seq_id                        173 
_pdbx_modification_feature.PDB_ins_code                       ? 
_pdbx_modification_feature.symmetry                           1_555 
_pdbx_modification_feature.modified_residue_auth_comp_id      . 
_pdbx_modification_feature.modified_residue_auth_asym_id      . 
_pdbx_modification_feature.modified_residue_auth_seq_id       . 
_pdbx_modification_feature.modified_residue_PDB_ins_code      . 
_pdbx_modification_feature.modified_residue_symmetry          . 
_pdbx_modification_feature.comp_id_linking_atom               . 
_pdbx_modification_feature.modified_residue_id_linking_atom   . 
_pdbx_modification_feature.modified_residue_id                TYR 
_pdbx_modification_feature.ref_pcm_id                         1 
_pdbx_modification_feature.ref_comp_id                        PTR 
_pdbx_modification_feature.type                               Phosphorylation 
_pdbx_modification_feature.category                           'Named protein modification' 
# 
_struct_sheet.id               A 
_struct_sheet.type             ? 
_struct_sheet.number_strands   5 
_struct_sheet.details          ? 
# 
loop_
_struct_sheet_order.sheet_id 
_struct_sheet_order.range_id_1 
_struct_sheet_order.range_id_2 
_struct_sheet_order.offset 
_struct_sheet_order.sense 
A 1 2 ? anti-parallel 
A 2 3 ? parallel      
A 3 4 ? parallel      
A 4 5 ? parallel      
# 
loop_
_struct_sheet_range.sheet_id 
_struct_sheet_range.id 
_struct_sheet_range.beg_label_comp_id 
_struct_sheet_range.beg_label_asym_id 
_struct_sheet_range.beg_label_seq_id 
_struct_sheet_range.pdbx_beg_PDB_ins_code 
_struct_sheet_range.end_label_comp_id 
_struct_sheet_range.end_label_asym_id 
_struct_sheet_range.end_label_seq_id 
_struct_sheet_range.pdbx_end_PDB_ins_code 
_struct_sheet_range.beg_auth_comp_id 
_struct_sheet_range.beg_auth_asym_id 
_struct_sheet_range.beg_auth_seq_id 
_struct_sheet_range.end_auth_comp_id 
_struct_sheet_range.end_auth_asym_id 
_struct_sheet_range.end_auth_seq_id 
A 1 TYR A 2  ? ARG A 5  ? TYR A 2  ARG A 5  
A 2 ILE A 9  ? SER A 12 ? ILE A 9  SER A 12 
A 3 ASN A 92 ? HIS A 95 ? ASN A 92 HIS A 95 
A 4 ARG A 31 ? VAL A 34 ? ARG A 31 VAL A 34 
A 5 GLN A 61 ? HIS A 64 ? GLN A 61 HIS A 64 
# 
loop_
_pdbx_struct_sheet_hbond.sheet_id 
_pdbx_struct_sheet_hbond.range_id_1 
_pdbx_struct_sheet_hbond.range_id_2 
_pdbx_struct_sheet_hbond.range_1_label_atom_id 
_pdbx_struct_sheet_hbond.range_1_label_comp_id 
_pdbx_struct_sheet_hbond.range_1_label_asym_id 
_pdbx_struct_sheet_hbond.range_1_label_seq_id 
_pdbx_struct_sheet_hbond.range_1_PDB_ins_code 
_pdbx_struct_sheet_hbond.range_1_auth_atom_id 
_pdbx_struct_sheet_hbond.range_1_auth_comp_id 
_pdbx_struct_sheet_hbond.range_1_auth_asym_id 
_pdbx_struct_sheet_hbond.range_1_auth_seq_id 
_pdbx_struct_sheet_hbond.range_2_label_atom_id 
_pdbx_struct_sheet_hbond.range_2_label_comp_id 
_pdbx_struct_sheet_hbond.range_2_label_asym_id 
_pdbx_struct_sheet_hbond.range_2_label_seq_id 
_pdbx_struct_sheet_hbond.range_2_PDB_ins_code 
_pdbx_struct_sheet_hbond.range_2_auth_atom_id 
_pdbx_struct_sheet_hbond.range_2_auth_comp_id 
_pdbx_struct_sheet_hbond.range_2_auth_asym_id 
_pdbx_struct_sheet_hbond.range_2_auth_seq_id 
A 1 2 N TYR A 2  ? N TYR A 2  O GLY A 11 ? O GLY A 11 
A 2 3 N GLY A 10 ? N GLY A 10 O ASN A 92 ? O ASN A 92 
A 3 4 O LEU A 93 ? O LEU A 93 N LEU A 33 ? N LEU A 33 
A 4 5 N VAL A 34 ? N VAL A 34 O LEU A 63 ? O LEU A 63 
# 
loop_
_struct_site.id 
_struct_site.pdbx_evidence_code 
_struct_site.pdbx_auth_asym_id 
_struct_site.pdbx_auth_comp_id 
_struct_site.pdbx_auth_seq_id 
_struct_site.pdbx_auth_ins_code 
_struct_site.pdbx_num_residues 
_struct_site.details 
AC1 Software B CA  1308 ? 4  'BINDING SITE FOR RESIDUE CA B 1308'  
AC2 Software B IMD 1305 ? 5  'BINDING SITE FOR RESIDUE IMD B 1305' 
AC3 Software B IMD 1306 ? 6  'BINDING SITE FOR RESIDUE IMD B 1306' 
AC4 Software B IMD 1307 ? 6  'BINDING SITE FOR RESIDUE IMD B 1307' 
AC5 Software B PG4 900  ? 12 'BINDING SITE FOR RESIDUE PG4 B 900'  
AC6 Software A PG4 901  ? 6  'BINDING SITE FOR RESIDUE PG4 A 901'  
# 
loop_
_struct_site_gen.id 
_struct_site_gen.site_id 
_struct_site_gen.pdbx_num_res 
_struct_site_gen.label_comp_id 
_struct_site_gen.label_asym_id 
_struct_site_gen.label_seq_id 
_struct_site_gen.pdbx_auth_ins_code 
_struct_site_gen.auth_comp_id 
_struct_site_gen.auth_asym_id 
_struct_site_gen.auth_seq_id 
_struct_site_gen.label_atom_id 
_struct_site_gen.label_alt_id 
_struct_site_gen.symmetry 
_struct_site_gen.details 
1  AC1 4  ASN B 1   ? ASN B 171  . ? 1_555 ? 
2  AC1 4  IMD E .   ? IMD B 1305 . ? 1_555 ? 
3  AC1 4  IMD F .   ? IMD B 1306 . ? 1_555 ? 
4  AC1 4  IMD G .   ? IMD B 1307 . ? 1_555 ? 
5  AC2 5  THR A 136 ? THR A 136  . ? 1_555 ? 
6  AC2 5  ASN B 1   ? ASN B 171  . ? 1_555 ? 
7  AC2 5  IMD F .   ? IMD B 1306 . ? 1_555 ? 
8  AC2 5  IMD G .   ? IMD B 1307 . ? 1_555 ? 
9  AC2 5  CA  D .   ? CA  B 1308 . ? 1_555 ? 
10 AC3 6  THR A 114 ? THR A 114  . ? 1_554 ? 
11 AC3 6  ASN B 1   ? ASN B 171  . ? 1_555 ? 
12 AC3 6  PG4 H .   ? PG4 B 900  . ? 1_555 ? 
13 AC3 6  IMD E .   ? IMD B 1305 . ? 1_555 ? 
14 AC3 6  IMD G .   ? IMD B 1307 . ? 1_555 ? 
15 AC3 6  CA  D .   ? CA  B 1308 . ? 1_555 ? 
16 AC4 6  ASN A 58  ? ASN A 58   . ? 3_555 ? 
17 AC4 6  ASN B 1   ? ASN B 171  . ? 1_555 ? 
18 AC4 6  LYS B 2   ? LYS B 172  . ? 1_555 ? 
19 AC4 6  IMD E .   ? IMD B 1305 . ? 1_555 ? 
20 AC4 6  IMD F .   ? IMD B 1306 . ? 1_555 ? 
21 AC4 6  CA  D .   ? CA  B 1308 . ? 1_555 ? 
22 AC5 12 ARG A 5   ? ARG A 5    . ? 1_554 ? 
23 AC5 12 THR A 8   ? THR A 8    . ? 1_554 ? 
24 AC5 12 LEU A 22  ? LEU A 22   . ? 3_555 ? 
25 AC5 12 ARG A 25  ? ARG A 25   . ? 3_555 ? 
26 AC5 12 LYS A 57  ? LYS A 57   . ? 3_555 ? 
27 AC5 12 ASN A 58  ? ASN A 58   . ? 3_555 ? 
28 AC5 12 GLY A 59  ? GLY A 59   . ? 3_555 ? 
29 AC5 12 GLU A 115 ? GLU A 115  . ? 1_554 ? 
30 AC5 12 LYS B 2   ? LYS B 172  . ? 1_555 ? 
31 AC5 12 IMD F .   ? IMD B 1306 . ? 1_555 ? 
32 AC5 12 HOH J .   ? HOH B 5219 . ? 1_555 ? 
33 AC5 12 HOH J .   ? HOH B 5237 . ? 1_555 ? 
34 AC6 6  LYS A 56  ? LYS A 56   . ? 1_555 ? 
35 AC6 6  PRO A 62  ? PRO A 62   . ? 1_555 ? 
36 AC6 6  ASP A 75  ? ASP A 75   . ? 2_555 ? 
37 AC6 6  SER A 152 ? SER A 152  . ? 2_555 ? 
38 AC6 6  TRP A 153 ? TRP A 153  . ? 2_555 ? 
39 AC6 6  ASN A 156 ? ASN A 156  . ? 2_555 ? 
# 
_pdbx_entry_details.entry_id                   2I6O 
_pdbx_entry_details.compound_details           ? 
_pdbx_entry_details.source_details             ? 
_pdbx_entry_details.nonpolymer_details         ? 
_pdbx_entry_details.sequence_details           ? 
_pdbx_entry_details.has_ligand_of_interest     ? 
_pdbx_entry_details.has_protein_modification   Y 
# 
loop_
_pdbx_validate_torsion.id 
_pdbx_validate_torsion.PDB_model_num 
_pdbx_validate_torsion.auth_comp_id 
_pdbx_validate_torsion.auth_asym_id 
_pdbx_validate_torsion.auth_seq_id 
_pdbx_validate_torsion.PDB_ins_code 
_pdbx_validate_torsion.label_alt_id 
_pdbx_validate_torsion.phi 
_pdbx_validate_torsion.psi 
1 1 ARG A 6   ? ? -28.45  116.64  
2 1 LYS A 7   ? ? 57.86   5.80    
3 1 SER A 96  ? ? -122.70 -140.60 
4 1 VAL A 134 ? ? 76.81   106.82  
# 
_pdbx_struct_mod_residue.id               1 
_pdbx_struct_mod_residue.label_asym_id    B 
_pdbx_struct_mod_residue.label_comp_id    PTR 
_pdbx_struct_mod_residue.label_seq_id     3 
_pdbx_struct_mod_residue.auth_asym_id     B 
_pdbx_struct_mod_residue.auth_comp_id     PTR 
_pdbx_struct_mod_residue.auth_seq_id      173 
_pdbx_struct_mod_residue.PDB_ins_code     ? 
_pdbx_struct_mod_residue.parent_comp_id   TYR 
_pdbx_struct_mod_residue.details          O-PHOSPHOTYROSINE 
# 
loop_
_pdbx_unobs_or_zero_occ_residues.id 
_pdbx_unobs_or_zero_occ_residues.PDB_model_num 
_pdbx_unobs_or_zero_occ_residues.polymer_flag 
_pdbx_unobs_or_zero_occ_residues.occupancy_flag 
_pdbx_unobs_or_zero_occ_residues.auth_asym_id 
_pdbx_unobs_or_zero_occ_residues.auth_comp_id 
_pdbx_unobs_or_zero_occ_residues.auth_seq_id 
_pdbx_unobs_or_zero_occ_residues.PDB_ins_code 
_pdbx_unobs_or_zero_occ_residues.label_asym_id 
_pdbx_unobs_or_zero_occ_residues.label_comp_id 
_pdbx_unobs_or_zero_occ_residues.label_seq_id 
1 1 Y 1 A SER 159 ? A SER 159 
2 1 Y 1 A ASN 160 ? A ASN 160 
3 1 Y 1 A SER 161 ? A SER 161 
# 
loop_
_chem_comp_atom.comp_id 
_chem_comp_atom.atom_id 
_chem_comp_atom.type_symbol 
_chem_comp_atom.pdbx_aromatic_flag 
_chem_comp_atom.pdbx_stereo_config 
_chem_comp_atom.pdbx_ordinal 
ALA N    N  N N 1   
ALA CA   C  N S 2   
ALA C    C  N N 3   
ALA O    O  N N 4   
ALA CB   C  N N 5   
ALA OXT  O  N N 6   
ALA H    H  N N 7   
ALA H2   H  N N 8   
ALA HA   H  N N 9   
ALA HB1  H  N N 10  
ALA HB2  H  N N 11  
ALA HB3  H  N N 12  
ALA HXT  H  N N 13  
ARG N    N  N N 14  
ARG CA   C  N S 15  
ARG C    C  N N 16  
ARG O    O  N N 17  
ARG CB   C  N N 18  
ARG CG   C  N N 19  
ARG CD   C  N N 20  
ARG NE   N  N N 21  
ARG CZ   C  N N 22  
ARG NH1  N  N N 23  
ARG NH2  N  N N 24  
ARG OXT  O  N N 25  
ARG H    H  N N 26  
ARG H2   H  N N 27  
ARG HA   H  N N 28  
ARG HB2  H  N N 29  
ARG HB3  H  N N 30  
ARG HG2  H  N N 31  
ARG HG3  H  N N 32  
ARG HD2  H  N N 33  
ARG HD3  H  N N 34  
ARG HE   H  N N 35  
ARG HH11 H  N N 36  
ARG HH12 H  N N 37  
ARG HH21 H  N N 38  
ARG HH22 H  N N 39  
ARG HXT  H  N N 40  
ASN N    N  N N 41  
ASN CA   C  N S 42  
ASN C    C  N N 43  
ASN O    O  N N 44  
ASN CB   C  N N 45  
ASN CG   C  N N 46  
ASN OD1  O  N N 47  
ASN ND2  N  N N 48  
ASN OXT  O  N N 49  
ASN H    H  N N 50  
ASN H2   H  N N 51  
ASN HA   H  N N 52  
ASN HB2  H  N N 53  
ASN HB3  H  N N 54  
ASN HD21 H  N N 55  
ASN HD22 H  N N 56  
ASN HXT  H  N N 57  
ASP N    N  N N 58  
ASP CA   C  N S 59  
ASP C    C  N N 60  
ASP O    O  N N 61  
ASP CB   C  N N 62  
ASP CG   C  N N 63  
ASP OD1  O  N N 64  
ASP OD2  O  N N 65  
ASP OXT  O  N N 66  
ASP H    H  N N 67  
ASP H2   H  N N 68  
ASP HA   H  N N 69  
ASP HB2  H  N N 70  
ASP HB3  H  N N 71  
ASP HD2  H  N N 72  
ASP HXT  H  N N 73  
CA  CA   CA N N 74  
CYS N    N  N N 75  
CYS CA   C  N R 76  
CYS C    C  N N 77  
CYS O    O  N N 78  
CYS CB   C  N N 79  
CYS SG   S  N N 80  
CYS OXT  O  N N 81  
CYS H    H  N N 82  
CYS H2   H  N N 83  
CYS HA   H  N N 84  
CYS HB2  H  N N 85  
CYS HB3  H  N N 86  
CYS HG   H  N N 87  
CYS HXT  H  N N 88  
GLN N    N  N N 89  
GLN CA   C  N S 90  
GLN C    C  N N 91  
GLN O    O  N N 92  
GLN CB   C  N N 93  
GLN CG   C  N N 94  
GLN CD   C  N N 95  
GLN OE1  O  N N 96  
GLN NE2  N  N N 97  
GLN OXT  O  N N 98  
GLN H    H  N N 99  
GLN H2   H  N N 100 
GLN HA   H  N N 101 
GLN HB2  H  N N 102 
GLN HB3  H  N N 103 
GLN HG2  H  N N 104 
GLN HG3  H  N N 105 
GLN HE21 H  N N 106 
GLN HE22 H  N N 107 
GLN HXT  H  N N 108 
GLU N    N  N N 109 
GLU CA   C  N S 110 
GLU C    C  N N 111 
GLU O    O  N N 112 
GLU CB   C  N N 113 
GLU CG   C  N N 114 
GLU CD   C  N N 115 
GLU OE1  O  N N 116 
GLU OE2  O  N N 117 
GLU OXT  O  N N 118 
GLU H    H  N N 119 
GLU H2   H  N N 120 
GLU HA   H  N N 121 
GLU HB2  H  N N 122 
GLU HB3  H  N N 123 
GLU HG2  H  N N 124 
GLU HG3  H  N N 125 
GLU HE2  H  N N 126 
GLU HXT  H  N N 127 
GLY N    N  N N 128 
GLY CA   C  N N 129 
GLY C    C  N N 130 
GLY O    O  N N 131 
GLY OXT  O  N N 132 
GLY H    H  N N 133 
GLY H2   H  N N 134 
GLY HA2  H  N N 135 
GLY HA3  H  N N 136 
GLY HXT  H  N N 137 
HIS N    N  N N 138 
HIS CA   C  N S 139 
HIS C    C  N N 140 
HIS O    O  N N 141 
HIS CB   C  N N 142 
HIS CG   C  Y N 143 
HIS ND1  N  Y N 144 
HIS CD2  C  Y N 145 
HIS CE1  C  Y N 146 
HIS NE2  N  Y N 147 
HIS OXT  O  N N 148 
HIS H    H  N N 149 
HIS H2   H  N N 150 
HIS HA   H  N N 151 
HIS HB2  H  N N 152 
HIS HB3  H  N N 153 
HIS HD1  H  N N 154 
HIS HD2  H  N N 155 
HIS HE1  H  N N 156 
HIS HE2  H  N N 157 
HIS HXT  H  N N 158 
HOH O    O  N N 159 
HOH H1   H  N N 160 
HOH H2   H  N N 161 
ILE N    N  N N 162 
ILE CA   C  N S 163 
ILE C    C  N N 164 
ILE O    O  N N 165 
ILE CB   C  N S 166 
ILE CG1  C  N N 167 
ILE CG2  C  N N 168 
ILE CD1  C  N N 169 
ILE OXT  O  N N 170 
ILE H    H  N N 171 
ILE H2   H  N N 172 
ILE HA   H  N N 173 
ILE HB   H  N N 174 
ILE HG12 H  N N 175 
ILE HG13 H  N N 176 
ILE HG21 H  N N 177 
ILE HG22 H  N N 178 
ILE HG23 H  N N 179 
ILE HD11 H  N N 180 
ILE HD12 H  N N 181 
ILE HD13 H  N N 182 
ILE HXT  H  N N 183 
IMD N1   N  Y N 184 
IMD C2   C  Y N 185 
IMD N3   N  Y N 186 
IMD C4   C  Y N 187 
IMD C5   C  Y N 188 
IMD HN1  H  N N 189 
IMD H2   H  N N 190 
IMD HN3  H  N N 191 
IMD H4   H  N N 192 
IMD H5   H  N N 193 
LEU N    N  N N 194 
LEU CA   C  N S 195 
LEU C    C  N N 196 
LEU O    O  N N 197 
LEU CB   C  N N 198 
LEU CG   C  N N 199 
LEU CD1  C  N N 200 
LEU CD2  C  N N 201 
LEU OXT  O  N N 202 
LEU H    H  N N 203 
LEU H2   H  N N 204 
LEU HA   H  N N 205 
LEU HB2  H  N N 206 
LEU HB3  H  N N 207 
LEU HG   H  N N 208 
LEU HD11 H  N N 209 
LEU HD12 H  N N 210 
LEU HD13 H  N N 211 
LEU HD21 H  N N 212 
LEU HD22 H  N N 213 
LEU HD23 H  N N 214 
LEU HXT  H  N N 215 
LYS N    N  N N 216 
LYS CA   C  N S 217 
LYS C    C  N N 218 
LYS O    O  N N 219 
LYS CB   C  N N 220 
LYS CG   C  N N 221 
LYS CD   C  N N 222 
LYS CE   C  N N 223 
LYS NZ   N  N N 224 
LYS OXT  O  N N 225 
LYS H    H  N N 226 
LYS H2   H  N N 227 
LYS HA   H  N N 228 
LYS HB2  H  N N 229 
LYS HB3  H  N N 230 
LYS HG2  H  N N 231 
LYS HG3  H  N N 232 
LYS HD2  H  N N 233 
LYS HD3  H  N N 234 
LYS HE2  H  N N 235 
LYS HE3  H  N N 236 
LYS HZ1  H  N N 237 
LYS HZ2  H  N N 238 
LYS HZ3  H  N N 239 
LYS HXT  H  N N 240 
MET N    N  N N 241 
MET CA   C  N S 242 
MET C    C  N N 243 
MET O    O  N N 244 
MET CB   C  N N 245 
MET CG   C  N N 246 
MET SD   S  N N 247 
MET CE   C  N N 248 
MET OXT  O  N N 249 
MET H    H  N N 250 
MET H2   H  N N 251 
MET HA   H  N N 252 
MET HB2  H  N N 253 
MET HB3  H  N N 254 
MET HG2  H  N N 255 
MET HG3  H  N N 256 
MET HE1  H  N N 257 
MET HE2  H  N N 258 
MET HE3  H  N N 259 
MET HXT  H  N N 260 
PG4 O1   O  N N 261 
PG4 C1   C  N N 262 
PG4 C2   C  N N 263 
PG4 O2   O  N N 264 
PG4 C3   C  N N 265 
PG4 C4   C  N N 266 
PG4 O3   O  N N 267 
PG4 C5   C  N N 268 
PG4 C6   C  N N 269 
PG4 O4   O  N N 270 
PG4 C7   C  N N 271 
PG4 C8   C  N N 272 
PG4 O5   O  N N 273 
PG4 HO1  H  N N 274 
PG4 H11  H  N N 275 
PG4 H12  H  N N 276 
PG4 H21  H  N N 277 
PG4 H22  H  N N 278 
PG4 H31  H  N N 279 
PG4 H32  H  N N 280 
PG4 H41  H  N N 281 
PG4 H42  H  N N 282 
PG4 H51  H  N N 283 
PG4 H52  H  N N 284 
PG4 H61  H  N N 285 
PG4 H62  H  N N 286 
PG4 H71  H  N N 287 
PG4 H72  H  N N 288 
PG4 H81  H  N N 289 
PG4 H82  H  N N 290 
PG4 HO5  H  N N 291 
PHE N    N  N N 292 
PHE CA   C  N S 293 
PHE C    C  N N 294 
PHE O    O  N N 295 
PHE CB   C  N N 296 
PHE CG   C  Y N 297 
PHE CD1  C  Y N 298 
PHE CD2  C  Y N 299 
PHE CE1  C  Y N 300 
PHE CE2  C  Y N 301 
PHE CZ   C  Y N 302 
PHE OXT  O  N N 303 
PHE H    H  N N 304 
PHE H2   H  N N 305 
PHE HA   H  N N 306 
PHE HB2  H  N N 307 
PHE HB3  H  N N 308 
PHE HD1  H  N N 309 
PHE HD2  H  N N 310 
PHE HE1  H  N N 311 
PHE HE2  H  N N 312 
PHE HZ   H  N N 313 
PHE HXT  H  N N 314 
PRO N    N  N N 315 
PRO CA   C  N S 316 
PRO C    C  N N 317 
PRO O    O  N N 318 
PRO CB   C  N N 319 
PRO CG   C  N N 320 
PRO CD   C  N N 321 
PRO OXT  O  N N 322 
PRO H    H  N N 323 
PRO HA   H  N N 324 
PRO HB2  H  N N 325 
PRO HB3  H  N N 326 
PRO HG2  H  N N 327 
PRO HG3  H  N N 328 
PRO HD2  H  N N 329 
PRO HD3  H  N N 330 
PRO HXT  H  N N 331 
PTR N    N  N N 332 
PTR CA   C  N S 333 
PTR C    C  N N 334 
PTR O    O  N N 335 
PTR OXT  O  N N 336 
PTR CB   C  N N 337 
PTR CG   C  Y N 338 
PTR CD1  C  Y N 339 
PTR CD2  C  Y N 340 
PTR CE1  C  Y N 341 
PTR CE2  C  Y N 342 
PTR CZ   C  Y N 343 
PTR OH   O  N N 344 
PTR P    P  N N 345 
PTR O1P  O  N N 346 
PTR O2P  O  N N 347 
PTR O3P  O  N N 348 
PTR H    H  N N 349 
PTR H2   H  N N 350 
PTR HA   H  N N 351 
PTR HXT  H  N N 352 
PTR HB2  H  N N 353 
PTR HB3  H  N N 354 
PTR HD1  H  N N 355 
PTR HD2  H  N N 356 
PTR HE1  H  N N 357 
PTR HE2  H  N N 358 
PTR HO2P H  N N 359 
PTR HO3P H  N N 360 
SER N    N  N N 361 
SER CA   C  N S 362 
SER C    C  N N 363 
SER O    O  N N 364 
SER CB   C  N N 365 
SER OG   O  N N 366 
SER OXT  O  N N 367 
SER H    H  N N 368 
SER H2   H  N N 369 
SER HA   H  N N 370 
SER HB2  H  N N 371 
SER HB3  H  N N 372 
SER HG   H  N N 373 
SER HXT  H  N N 374 
THR N    N  N N 375 
THR CA   C  N S 376 
THR C    C  N N 377 
THR O    O  N N 378 
THR CB   C  N R 379 
THR OG1  O  N N 380 
THR CG2  C  N N 381 
THR OXT  O  N N 382 
THR H    H  N N 383 
THR H2   H  N N 384 
THR HA   H  N N 385 
THR HB   H  N N 386 
THR HG1  H  N N 387 
THR HG21 H  N N 388 
THR HG22 H  N N 389 
THR HG23 H  N N 390 
THR HXT  H  N N 391 
TRP N    N  N N 392 
TRP CA   C  N S 393 
TRP C    C  N N 394 
TRP O    O  N N 395 
TRP CB   C  N N 396 
TRP CG   C  Y N 397 
TRP CD1  C  Y N 398 
TRP CD2  C  Y N 399 
TRP NE1  N  Y N 400 
TRP CE2  C  Y N 401 
TRP CE3  C  Y N 402 
TRP CZ2  C  Y N 403 
TRP CZ3  C  Y N 404 
TRP CH2  C  Y N 405 
TRP OXT  O  N N 406 
TRP H    H  N N 407 
TRP H2   H  N N 408 
TRP HA   H  N N 409 
TRP HB2  H  N N 410 
TRP HB3  H  N N 411 
TRP HD1  H  N N 412 
TRP HE1  H  N N 413 
TRP HE3  H  N N 414 
TRP HZ2  H  N N 415 
TRP HZ3  H  N N 416 
TRP HH2  H  N N 417 
TRP HXT  H  N N 418 
TYR N    N  N N 419 
TYR CA   C  N S 420 
TYR C    C  N N 421 
TYR O    O  N N 422 
TYR CB   C  N N 423 
TYR CG   C  Y N 424 
TYR CD1  C  Y N 425 
TYR CD2  C  Y N 426 
TYR CE1  C  Y N 427 
TYR CE2  C  Y N 428 
TYR CZ   C  Y N 429 
TYR OH   O  N N 430 
TYR OXT  O  N N 431 
TYR H    H  N N 432 
TYR H2   H  N N 433 
TYR HA   H  N N 434 
TYR HB2  H  N N 435 
TYR HB3  H  N N 436 
TYR HD1  H  N N 437 
TYR HD2  H  N N 438 
TYR HE1  H  N N 439 
TYR HE2  H  N N 440 
TYR HH   H  N N 441 
TYR HXT  H  N N 442 
VAL N    N  N N 443 
VAL CA   C  N S 444 
VAL C    C  N N 445 
VAL O    O  N N 446 
VAL CB   C  N N 447 
VAL CG1  C  N N 448 
VAL CG2  C  N N 449 
VAL OXT  O  N N 450 
VAL H    H  N N 451 
VAL H2   H  N N 452 
VAL HA   H  N N 453 
VAL HB   H  N N 454 
VAL HG11 H  N N 455 
VAL HG12 H  N N 456 
VAL HG13 H  N N 457 
VAL HG21 H  N N 458 
VAL HG22 H  N N 459 
VAL HG23 H  N N 460 
VAL HXT  H  N N 461 
# 
loop_
_chem_comp_bond.comp_id 
_chem_comp_bond.atom_id_1 
_chem_comp_bond.atom_id_2 
_chem_comp_bond.value_order 
_chem_comp_bond.pdbx_aromatic_flag 
_chem_comp_bond.pdbx_stereo_config 
_chem_comp_bond.pdbx_ordinal 
ALA N   CA   sing N N 1   
ALA N   H    sing N N 2   
ALA N   H2   sing N N 3   
ALA CA  C    sing N N 4   
ALA CA  CB   sing N N 5   
ALA CA  HA   sing N N 6   
ALA C   O    doub N N 7   
ALA C   OXT  sing N N 8   
ALA CB  HB1  sing N N 9   
ALA CB  HB2  sing N N 10  
ALA CB  HB3  sing N N 11  
ALA OXT HXT  sing N N 12  
ARG N   CA   sing N N 13  
ARG N   H    sing N N 14  
ARG N   H2   sing N N 15  
ARG CA  C    sing N N 16  
ARG CA  CB   sing N N 17  
ARG CA  HA   sing N N 18  
ARG C   O    doub N N 19  
ARG C   OXT  sing N N 20  
ARG CB  CG   sing N N 21  
ARG CB  HB2  sing N N 22  
ARG CB  HB3  sing N N 23  
ARG CG  CD   sing N N 24  
ARG CG  HG2  sing N N 25  
ARG CG  HG3  sing N N 26  
ARG CD  NE   sing N N 27  
ARG CD  HD2  sing N N 28  
ARG CD  HD3  sing N N 29  
ARG NE  CZ   sing N N 30  
ARG NE  HE   sing N N 31  
ARG CZ  NH1  sing N N 32  
ARG CZ  NH2  doub N N 33  
ARG NH1 HH11 sing N N 34  
ARG NH1 HH12 sing N N 35  
ARG NH2 HH21 sing N N 36  
ARG NH2 HH22 sing N N 37  
ARG OXT HXT  sing N N 38  
ASN N   CA   sing N N 39  
ASN N   H    sing N N 40  
ASN N   H2   sing N N 41  
ASN CA  C    sing N N 42  
ASN CA  CB   sing N N 43  
ASN CA  HA   sing N N 44  
ASN C   O    doub N N 45  
ASN C   OXT  sing N N 46  
ASN CB  CG   sing N N 47  
ASN CB  HB2  sing N N 48  
ASN CB  HB3  sing N N 49  
ASN CG  OD1  doub N N 50  
ASN CG  ND2  sing N N 51  
ASN ND2 HD21 sing N N 52  
ASN ND2 HD22 sing N N 53  
ASN OXT HXT  sing N N 54  
ASP N   CA   sing N N 55  
ASP N   H    sing N N 56  
ASP N   H2   sing N N 57  
ASP CA  C    sing N N 58  
ASP CA  CB   sing N N 59  
ASP CA  HA   sing N N 60  
ASP C   O    doub N N 61  
ASP C   OXT  sing N N 62  
ASP CB  CG   sing N N 63  
ASP CB  HB2  sing N N 64  
ASP CB  HB3  sing N N 65  
ASP CG  OD1  doub N N 66  
ASP CG  OD2  sing N N 67  
ASP OD2 HD2  sing N N 68  
ASP OXT HXT  sing N N 69  
CYS N   CA   sing N N 70  
CYS N   H    sing N N 71  
CYS N   H2   sing N N 72  
CYS CA  C    sing N N 73  
CYS CA  CB   sing N N 74  
CYS CA  HA   sing N N 75  
CYS C   O    doub N N 76  
CYS C   OXT  sing N N 77  
CYS CB  SG   sing N N 78  
CYS CB  HB2  sing N N 79  
CYS CB  HB3  sing N N 80  
CYS SG  HG   sing N N 81  
CYS OXT HXT  sing N N 82  
GLN N   CA   sing N N 83  
GLN N   H    sing N N 84  
GLN N   H2   sing N N 85  
GLN CA  C    sing N N 86  
GLN CA  CB   sing N N 87  
GLN CA  HA   sing N N 88  
GLN C   O    doub N N 89  
GLN C   OXT  sing N N 90  
GLN CB  CG   sing N N 91  
GLN CB  HB2  sing N N 92  
GLN CB  HB3  sing N N 93  
GLN CG  CD   sing N N 94  
GLN CG  HG2  sing N N 95  
GLN CG  HG3  sing N N 96  
GLN CD  OE1  doub N N 97  
GLN CD  NE2  sing N N 98  
GLN NE2 HE21 sing N N 99  
GLN NE2 HE22 sing N N 100 
GLN OXT HXT  sing N N 101 
GLU N   CA   sing N N 102 
GLU N   H    sing N N 103 
GLU N   H2   sing N N 104 
GLU CA  C    sing N N 105 
GLU CA  CB   sing N N 106 
GLU CA  HA   sing N N 107 
GLU C   O    doub N N 108 
GLU C   OXT  sing N N 109 
GLU CB  CG   sing N N 110 
GLU CB  HB2  sing N N 111 
GLU CB  HB3  sing N N 112 
GLU CG  CD   sing N N 113 
GLU CG  HG2  sing N N 114 
GLU CG  HG3  sing N N 115 
GLU CD  OE1  doub N N 116 
GLU CD  OE2  sing N N 117 
GLU OE2 HE2  sing N N 118 
GLU OXT HXT  sing N N 119 
GLY N   CA   sing N N 120 
GLY N   H    sing N N 121 
GLY N   H2   sing N N 122 
GLY CA  C    sing N N 123 
GLY CA  HA2  sing N N 124 
GLY CA  HA3  sing N N 125 
GLY C   O    doub N N 126 
GLY C   OXT  sing N N 127 
GLY OXT HXT  sing N N 128 
HIS N   CA   sing N N 129 
HIS N   H    sing N N 130 
HIS N   H2   sing N N 131 
HIS CA  C    sing N N 132 
HIS CA  CB   sing N N 133 
HIS CA  HA   sing N N 134 
HIS C   O    doub N N 135 
HIS C   OXT  sing N N 136 
HIS CB  CG   sing N N 137 
HIS CB  HB2  sing N N 138 
HIS CB  HB3  sing N N 139 
HIS CG  ND1  sing Y N 140 
HIS CG  CD2  doub Y N 141 
HIS ND1 CE1  doub Y N 142 
HIS ND1 HD1  sing N N 143 
HIS CD2 NE2  sing Y N 144 
HIS CD2 HD2  sing N N 145 
HIS CE1 NE2  sing Y N 146 
HIS CE1 HE1  sing N N 147 
HIS NE2 HE2  sing N N 148 
HIS OXT HXT  sing N N 149 
HOH O   H1   sing N N 150 
HOH O   H2   sing N N 151 
ILE N   CA   sing N N 152 
ILE N   H    sing N N 153 
ILE N   H2   sing N N 154 
ILE CA  C    sing N N 155 
ILE CA  CB   sing N N 156 
ILE CA  HA   sing N N 157 
ILE C   O    doub N N 158 
ILE C   OXT  sing N N 159 
ILE CB  CG1  sing N N 160 
ILE CB  CG2  sing N N 161 
ILE CB  HB   sing N N 162 
ILE CG1 CD1  sing N N 163 
ILE CG1 HG12 sing N N 164 
ILE CG1 HG13 sing N N 165 
ILE CG2 HG21 sing N N 166 
ILE CG2 HG22 sing N N 167 
ILE CG2 HG23 sing N N 168 
ILE CD1 HD11 sing N N 169 
ILE CD1 HD12 sing N N 170 
ILE CD1 HD13 sing N N 171 
ILE OXT HXT  sing N N 172 
IMD N1  C2   sing Y N 173 
IMD N1  C5   sing Y N 174 
IMD N1  HN1  sing N N 175 
IMD C2  N3   doub Y N 176 
IMD C2  H2   sing N N 177 
IMD N3  C4   sing Y N 178 
IMD N3  HN3  sing N N 179 
IMD C4  C5   doub Y N 180 
IMD C4  H4   sing N N 181 
IMD C5  H5   sing N N 182 
LEU N   CA   sing N N 183 
LEU N   H    sing N N 184 
LEU N   H2   sing N N 185 
LEU CA  C    sing N N 186 
LEU CA  CB   sing N N 187 
LEU CA  HA   sing N N 188 
LEU C   O    doub N N 189 
LEU C   OXT  sing N N 190 
LEU CB  CG   sing N N 191 
LEU CB  HB2  sing N N 192 
LEU CB  HB3  sing N N 193 
LEU CG  CD1  sing N N 194 
LEU CG  CD2  sing N N 195 
LEU CG  HG   sing N N 196 
LEU CD1 HD11 sing N N 197 
LEU CD1 HD12 sing N N 198 
LEU CD1 HD13 sing N N 199 
LEU CD2 HD21 sing N N 200 
LEU CD2 HD22 sing N N 201 
LEU CD2 HD23 sing N N 202 
LEU OXT HXT  sing N N 203 
LYS N   CA   sing N N 204 
LYS N   H    sing N N 205 
LYS N   H2   sing N N 206 
LYS CA  C    sing N N 207 
LYS CA  CB   sing N N 208 
LYS CA  HA   sing N N 209 
LYS C   O    doub N N 210 
LYS C   OXT  sing N N 211 
LYS CB  CG   sing N N 212 
LYS CB  HB2  sing N N 213 
LYS CB  HB3  sing N N 214 
LYS CG  CD   sing N N 215 
LYS CG  HG2  sing N N 216 
LYS CG  HG3  sing N N 217 
LYS CD  CE   sing N N 218 
LYS CD  HD2  sing N N 219 
LYS CD  HD3  sing N N 220 
LYS CE  NZ   sing N N 221 
LYS CE  HE2  sing N N 222 
LYS CE  HE3  sing N N 223 
LYS NZ  HZ1  sing N N 224 
LYS NZ  HZ2  sing N N 225 
LYS NZ  HZ3  sing N N 226 
LYS OXT HXT  sing N N 227 
MET N   CA   sing N N 228 
MET N   H    sing N N 229 
MET N   H2   sing N N 230 
MET CA  C    sing N N 231 
MET CA  CB   sing N N 232 
MET CA  HA   sing N N 233 
MET C   O    doub N N 234 
MET C   OXT  sing N N 235 
MET CB  CG   sing N N 236 
MET CB  HB2  sing N N 237 
MET CB  HB3  sing N N 238 
MET CG  SD   sing N N 239 
MET CG  HG2  sing N N 240 
MET CG  HG3  sing N N 241 
MET SD  CE   sing N N 242 
MET CE  HE1  sing N N 243 
MET CE  HE2  sing N N 244 
MET CE  HE3  sing N N 245 
MET OXT HXT  sing N N 246 
PG4 O1  C1   sing N N 247 
PG4 O1  HO1  sing N N 248 
PG4 C1  C2   sing N N 249 
PG4 C1  H11  sing N N 250 
PG4 C1  H12  sing N N 251 
PG4 C2  O2   sing N N 252 
PG4 C2  H21  sing N N 253 
PG4 C2  H22  sing N N 254 
PG4 O2  C3   sing N N 255 
PG4 C3  C4   sing N N 256 
PG4 C3  H31  sing N N 257 
PG4 C3  H32  sing N N 258 
PG4 C4  O3   sing N N 259 
PG4 C4  H41  sing N N 260 
PG4 C4  H42  sing N N 261 
PG4 O3  C5   sing N N 262 
PG4 C5  C6   sing N N 263 
PG4 C5  H51  sing N N 264 
PG4 C5  H52  sing N N 265 
PG4 C6  O4   sing N N 266 
PG4 C6  H61  sing N N 267 
PG4 C6  H62  sing N N 268 
PG4 O4  C7   sing N N 269 
PG4 C7  C8   sing N N 270 
PG4 C7  H71  sing N N 271 
PG4 C7  H72  sing N N 272 
PG4 C8  O5   sing N N 273 
PG4 C8  H81  sing N N 274 
PG4 C8  H82  sing N N 275 
PG4 O5  HO5  sing N N 276 
PHE N   CA   sing N N 277 
PHE N   H    sing N N 278 
PHE N   H2   sing N N 279 
PHE CA  C    sing N N 280 
PHE CA  CB   sing N N 281 
PHE CA  HA   sing N N 282 
PHE C   O    doub N N 283 
PHE C   OXT  sing N N 284 
PHE CB  CG   sing N N 285 
PHE CB  HB2  sing N N 286 
PHE CB  HB3  sing N N 287 
PHE CG  CD1  doub Y N 288 
PHE CG  CD2  sing Y N 289 
PHE CD1 CE1  sing Y N 290 
PHE CD1 HD1  sing N N 291 
PHE CD2 CE2  doub Y N 292 
PHE CD2 HD2  sing N N 293 
PHE CE1 CZ   doub Y N 294 
PHE CE1 HE1  sing N N 295 
PHE CE2 CZ   sing Y N 296 
PHE CE2 HE2  sing N N 297 
PHE CZ  HZ   sing N N 298 
PHE OXT HXT  sing N N 299 
PRO N   CA   sing N N 300 
PRO N   CD   sing N N 301 
PRO N   H    sing N N 302 
PRO CA  C    sing N N 303 
PRO CA  CB   sing N N 304 
PRO CA  HA   sing N N 305 
PRO C   O    doub N N 306 
PRO C   OXT  sing N N 307 
PRO CB  CG   sing N N 308 
PRO CB  HB2  sing N N 309 
PRO CB  HB3  sing N N 310 
PRO CG  CD   sing N N 311 
PRO CG  HG2  sing N N 312 
PRO CG  HG3  sing N N 313 
PRO CD  HD2  sing N N 314 
PRO CD  HD3  sing N N 315 
PRO OXT HXT  sing N N 316 
PTR N   CA   sing N N 317 
PTR N   H    sing N N 318 
PTR N   H2   sing N N 319 
PTR CA  C    sing N N 320 
PTR CA  CB   sing N N 321 
PTR CA  HA   sing N N 322 
PTR C   O    doub N N 323 
PTR C   OXT  sing N N 324 
PTR OXT HXT  sing N N 325 
PTR CB  CG   sing N N 326 
PTR CB  HB2  sing N N 327 
PTR CB  HB3  sing N N 328 
PTR CG  CD1  doub Y N 329 
PTR CG  CD2  sing Y N 330 
PTR CD1 CE1  sing Y N 331 
PTR CD1 HD1  sing N N 332 
PTR CD2 CE2  doub Y N 333 
PTR CD2 HD2  sing N N 334 
PTR CE1 CZ   doub Y N 335 
PTR CE1 HE1  sing N N 336 
PTR CE2 CZ   sing Y N 337 
PTR CE2 HE2  sing N N 338 
PTR CZ  OH   sing N N 339 
PTR OH  P    sing N N 340 
PTR P   O1P  doub N N 341 
PTR P   O2P  sing N N 342 
PTR P   O3P  sing N N 343 
PTR O2P HO2P sing N N 344 
PTR O3P HO3P sing N N 345 
SER N   CA   sing N N 346 
SER N   H    sing N N 347 
SER N   H2   sing N N 348 
SER CA  C    sing N N 349 
SER CA  CB   sing N N 350 
SER CA  HA   sing N N 351 
SER C   O    doub N N 352 
SER C   OXT  sing N N 353 
SER CB  OG   sing N N 354 
SER CB  HB2  sing N N 355 
SER CB  HB3  sing N N 356 
SER OG  HG   sing N N 357 
SER OXT HXT  sing N N 358 
THR N   CA   sing N N 359 
THR N   H    sing N N 360 
THR N   H2   sing N N 361 
THR CA  C    sing N N 362 
THR CA  CB   sing N N 363 
THR CA  HA   sing N N 364 
THR C   O    doub N N 365 
THR C   OXT  sing N N 366 
THR CB  OG1  sing N N 367 
THR CB  CG2  sing N N 368 
THR CB  HB   sing N N 369 
THR OG1 HG1  sing N N 370 
THR CG2 HG21 sing N N 371 
THR CG2 HG22 sing N N 372 
THR CG2 HG23 sing N N 373 
THR OXT HXT  sing N N 374 
TRP N   CA   sing N N 375 
TRP N   H    sing N N 376 
TRP N   H2   sing N N 377 
TRP CA  C    sing N N 378 
TRP CA  CB   sing N N 379 
TRP CA  HA   sing N N 380 
TRP C   O    doub N N 381 
TRP C   OXT  sing N N 382 
TRP CB  CG   sing N N 383 
TRP CB  HB2  sing N N 384 
TRP CB  HB3  sing N N 385 
TRP CG  CD1  doub Y N 386 
TRP CG  CD2  sing Y N 387 
TRP CD1 NE1  sing Y N 388 
TRP CD1 HD1  sing N N 389 
TRP CD2 CE2  doub Y N 390 
TRP CD2 CE3  sing Y N 391 
TRP NE1 CE2  sing Y N 392 
TRP NE1 HE1  sing N N 393 
TRP CE2 CZ2  sing Y N 394 
TRP CE3 CZ3  doub Y N 395 
TRP CE3 HE3  sing N N 396 
TRP CZ2 CH2  doub Y N 397 
TRP CZ2 HZ2  sing N N 398 
TRP CZ3 CH2  sing Y N 399 
TRP CZ3 HZ3  sing N N 400 
TRP CH2 HH2  sing N N 401 
TRP OXT HXT  sing N N 402 
TYR N   CA   sing N N 403 
TYR N   H    sing N N 404 
TYR N   H2   sing N N 405 
TYR CA  C    sing N N 406 
TYR CA  CB   sing N N 407 
TYR CA  HA   sing N N 408 
TYR C   O    doub N N 409 
TYR C   OXT  sing N N 410 
TYR CB  CG   sing N N 411 
TYR CB  HB2  sing N N 412 
TYR CB  HB3  sing N N 413 
TYR CG  CD1  doub Y N 414 
TYR CG  CD2  sing Y N 415 
TYR CD1 CE1  sing Y N 416 
TYR CD1 HD1  sing N N 417 
TYR CD2 CE2  doub Y N 418 
TYR CD2 HD2  sing N N 419 
TYR CE1 CZ   doub Y N 420 
TYR CE1 HE1  sing N N 421 
TYR CE2 CZ   sing Y N 422 
TYR CE2 HE2  sing N N 423 
TYR CZ  OH   sing N N 424 
TYR OH  HH   sing N N 425 
TYR OXT HXT  sing N N 426 
VAL N   CA   sing N N 427 
VAL N   H    sing N N 428 
VAL N   H2   sing N N 429 
VAL CA  C    sing N N 430 
VAL CA  CB   sing N N 431 
VAL CA  HA   sing N N 432 
VAL C   O    doub N N 433 
VAL C   OXT  sing N N 434 
VAL CB  CG1  sing N N 435 
VAL CB  CG2  sing N N 436 
VAL CB  HB   sing N N 437 
VAL CG1 HG11 sing N N 438 
VAL CG1 HG12 sing N N 439 
VAL CG1 HG13 sing N N 440 
VAL CG2 HG21 sing N N 441 
VAL CG2 HG22 sing N N 442 
VAL CG2 HG23 sing N N 443 
VAL OXT HXT  sing N N 444 
# 
_pdbx_initial_refinement_model.id               1 
_pdbx_initial_refinement_model.entity_id_list   ? 
_pdbx_initial_refinement_model.type             'experimental model' 
_pdbx_initial_refinement_model.source_name      PDB 
_pdbx_initial_refinement_model.accession_code   1OHE 
_pdbx_initial_refinement_model.details          ? 
# 
_atom_sites.entry_id                    2I6O 
_atom_sites.fract_transf_matrix[1][1]   -0.01080792 
_atom_sites.fract_transf_matrix[1][2]   0.00157349 
_atom_sites.fract_transf_matrix[1][3]   0.00576288 
_atom_sites.fract_transf_matrix[2][1]   -0.00796244 
_atom_sites.fract_transf_matrix[2][2]   -0.00835053 
_atom_sites.fract_transf_matrix[2][3]   -0.01265305 
_atom_sites.fract_transf_matrix[3][1]   0.00366185 
_atom_sites.fract_transf_matrix[3][2]   -0.02370485 
_atom_sites.fract_transf_matrix[3][3]   0.01333993 
_atom_sites.fract_transf_vector[1]      0.158810 
_atom_sites.fract_transf_vector[2]      0.090412 
_atom_sites.fract_transf_vector[3]      0.221701 
# 
loop_
_atom_type.symbol 
C  
CA 
N  
O  
P  
S  
# 
loop_
_atom_site.group_PDB 
_atom_site.id 
_atom_site.type_symbol 
_atom_site.label_atom_id 
_atom_site.label_alt_id 
_atom_site.label_comp_id 
_atom_site.label_asym_id 
_atom_site.label_entity_id 
_atom_site.label_seq_id 
_atom_site.pdbx_PDB_ins_code 
_atom_site.Cartn_x 
_atom_site.Cartn_y 
_atom_site.Cartn_z 
_atom_site.occupancy 
_atom_site.B_iso_or_equiv 
_atom_site.pdbx_formal_charge 
_atom_site.auth_seq_id 
_atom_site.auth_comp_id 
_atom_site.auth_asym_id 
_atom_site.auth_atom_id 
_atom_site.pdbx_PDB_model_num 
ATOM   1    N  N   . MET A 1 1   ? -9.491  3.319   7.483   1.00 22.86 ? 1    MET A N   1 
ATOM   2    C  CA  . MET A 1 1   ? -8.527  2.187   7.355   1.00 21.40 ? 1    MET A CA  1 
ATOM   3    C  C   . MET A 1 1   ? -9.300  0.884   7.180   1.00 20.67 ? 1    MET A C   1 
ATOM   4    O  O   . MET A 1 1   ? -10.347 0.693   7.797   1.00 19.47 ? 1    MET A O   1 
ATOM   5    C  CB  . MET A 1 1   ? -7.664  2.086   8.613   1.00 23.78 ? 1    MET A CB  1 
ATOM   6    C  CG  . MET A 1 1   ? -6.462  1.191   8.468   1.00 26.71 ? 1    MET A CG  1 
ATOM   7    S  SD  . MET A 1 1   ? -6.021  0.363   10.021  1.00 28.44 ? 1    MET A SD  1 
ATOM   8    C  CE  . MET A 1 1   ? -6.821  -1.182  9.753   1.00 24.42 ? 1    MET A CE  1 
ATOM   9    N  N   . TYR A 1 2   ? -8.786  -0.008  6.338   1.00 16.67 ? 2    TYR A N   1 
ATOM   10   C  CA  . TYR A 1 2   ? -9.437  -1.290  6.101   1.00 15.41 ? 2    TYR A CA  1 
ATOM   11   C  C   . TYR A 1 2   ? -8.429  -2.431  6.035   1.00 14.25 ? 2    TYR A C   1 
ATOM   12   O  O   . TYR A 1 2   ? -7.318  -2.261  5.542   1.00 12.86 ? 2    TYR A O   1 
ATOM   13   C  CB  . TYR A 1 2   ? -10.238 -1.263  4.788   1.00 14.95 ? 2    TYR A CB  1 
ATOM   14   C  CG  . TYR A 1 2   ? -9.428  -0.839  3.581   1.00 11.25 ? 2    TYR A CG  1 
ATOM   15   C  CD1 . TYR A 1 2   ? -9.327  0.504   3.226   1.00 13.27 ? 2    TYR A CD1 1 
ATOM   16   C  CD2 . TYR A 1 2   ? -8.724  -1.775  2.823   1.00 12.64 ? 2    TYR A CD2 1 
ATOM   17   C  CE1 . TYR A 1 2   ? -8.540  0.911   2.146   1.00 10.68 ? 2    TYR A CE1 1 
ATOM   18   C  CE2 . TYR A 1 2   ? -7.931  -1.380  1.740   1.00 11.96 ? 2    TYR A CE2 1 
ATOM   19   C  CZ  . TYR A 1 2   ? -7.843  -0.036  1.411   1.00 13.13 ? 2    TYR A CZ  1 
ATOM   20   O  OH  . TYR A 1 2   ? -7.043  0.365   0.365   1.00 12.93 ? 2    TYR A OH  1 
ATOM   21   N  N   . TRP A 1 3   ? -8.827  -3.592  6.542   1.00 13.63 ? 3    TRP A N   1 
ATOM   22   C  CA  . TRP A 1 3   ? -7.981  -4.778  6.502   1.00 12.88 ? 3    TRP A CA  1 
ATOM   23   C  C   . TRP A 1 3   ? -8.420  -5.628  5.310   1.00 13.09 ? 3    TRP A C   1 
ATOM   24   O  O   . TRP A 1 3   ? -9.615  -5.858  5.116   1.00 13.66 ? 3    TRP A O   1 
ATOM   25   C  CB  . TRP A 1 3   ? -8.149  -5.619  7.776   1.00 12.02 ? 3    TRP A CB  1 
ATOM   26   C  CG  . TRP A 1 3   ? -7.487  -5.066  9.002   1.00 14.72 ? 3    TRP A CG  1 
ATOM   27   C  CD1 . TRP A 1 3   ? -8.099  -4.663  10.156  1.00 16.54 ? 3    TRP A CD1 1 
ATOM   28   C  CD2 . TRP A 1 3   ? -6.079  -4.899  9.214   1.00 13.72 ? 3    TRP A CD2 1 
ATOM   29   N  NE1 . TRP A 1 3   ? -7.158  -4.260  11.075  1.00 16.17 ? 3    TRP A NE1 1 
ATOM   30   C  CE2 . TRP A 1 3   ? -5.911  -4.392  10.522  1.00 15.14 ? 3    TRP A CE2 1 
ATOM   31   C  CE3 . TRP A 1 3   ? -4.941  -5.127  8.424   1.00 13.50 ? 3    TRP A CE3 1 
ATOM   32   C  CZ2 . TRP A 1 3   ? -4.650  -4.110  11.064  1.00 15.58 ? 3    TRP A CZ2 1 
ATOM   33   C  CZ3 . TRP A 1 3   ? -3.682  -4.845  8.960   1.00 13.01 ? 3    TRP A CZ3 1 
ATOM   34   C  CH2 . TRP A 1 3   ? -3.550  -4.342  10.271  1.00 16.30 ? 3    TRP A CH2 1 
ATOM   35   N  N   . VAL A 1 4   ? -7.463  -6.072  4.503   1.00 11.46 ? 4    VAL A N   1 
ATOM   36   C  CA  . VAL A 1 4   ? -7.764  -6.942  3.366   1.00 14.88 ? 4    VAL A CA  1 
ATOM   37   C  C   . VAL A 1 4   ? -7.643  -8.361  3.918   1.00 15.08 ? 4    VAL A C   1 
ATOM   38   O  O   . VAL A 1 4   ? -8.398  -9.264  3.553   1.00 17.63 ? 4    VAL A O   1 
ATOM   39   C  CB  . VAL A 1 4   ? -6.766  -6.735  2.208   1.00 14.25 ? 4    VAL A CB  1 
ATOM   40   C  CG1 . VAL A 1 4   ? -6.934  -7.834  1.169   1.00 12.22 ? 4    VAL A CG1 1 
ATOM   41   C  CG2 . VAL A 1 4   ? -7.007  -5.367  1.567   1.00 13.61 ? 4    VAL A CG2 1 
ATOM   42   N  N   . ARG A 1 5   ? -6.676  -8.532  4.809   1.00 15.33 ? 5    ARG A N   1 
ATOM   43   C  CA  . ARG A 1 5   ? -6.427  -9.791  5.500   1.00 17.33 ? 5    ARG A CA  1 
ATOM   44   C  C   . ARG A 1 5   ? -6.277  -9.371  6.962   1.00 18.37 ? 5    ARG A C   1 
ATOM   45   O  O   . ARG A 1 5   ? -5.261  -8.804  7.357   1.00 18.00 ? 5    ARG A O   1 
ATOM   46   C  CB  . ARG A 1 5   ? -5.148  -10.455 4.977   1.00 16.42 ? 5    ARG A CB  1 
ATOM   47   C  CG  . ARG A 1 5   ? -5.272  -11.002 3.550   1.00 16.16 ? 5    ARG A CG  1 
ATOM   48   C  CD  . ARG A 1 5   ? -6.204  -12.215 3.495   1.00 17.75 ? 5    ARG A CD  1 
ATOM   49   N  NE  . ARG A 1 5   ? -6.435  -12.695 2.131   1.00 13.36 ? 5    ARG A NE  1 
ATOM   50   C  CZ  . ARG A 1 5   ? -7.488  -12.373 1.385   1.00 15.98 ? 5    ARG A CZ  1 
ATOM   51   N  NH1 . ARG A 1 5   ? -8.428  -11.563 1.858   1.00 17.31 ? 5    ARG A NH1 1 
ATOM   52   N  NH2 . ARG A 1 5   ? -7.606  -12.873 0.163   1.00 13.72 ? 5    ARG A NH2 1 
ATOM   53   N  N   . ARG A 1 6   ? -7.327  -9.618  7.739   1.00 20.38 ? 6    ARG A N   1 
ATOM   54   C  CA  . ARG A 1 6   ? -7.398  -9.259  9.156   1.00 23.72 ? 6    ARG A CA  1 
ATOM   55   C  C   . ARG A 1 6   ? -6.081  -9.195  9.938   1.00 21.96 ? 6    ARG A C   1 
ATOM   56   O  O   . ARG A 1 6   ? -5.395  -10.200 10.109  1.00 22.06 ? 6    ARG A O   1 
ATOM   57   C  CB  . ARG A 1 6   ? -8.360  -10.216 9.868   1.00 28.00 ? 6    ARG A CB  1 
ATOM   58   C  CG  . ARG A 1 6   ? -8.577  -9.909  11.340  1.00 35.82 ? 6    ARG A CG  1 
ATOM   59   C  CD  . ARG A 1 6   ? -9.495  -8.713  11.542  1.00 40.55 ? 6    ARG A CD  1 
ATOM   60   N  NE  . ARG A 1 6   ? -9.709  -8.434  12.961  1.00 45.38 ? 6    ARG A NE  1 
ATOM   61   C  CZ  . ARG A 1 6   ? -10.226 -9.301  13.826  1.00 46.88 ? 6    ARG A CZ  1 
ATOM   62   N  NH1 . ARG A 1 6   ? -10.587 -10.511 13.423  1.00 48.95 ? 6    ARG A NH1 1 
ATOM   63   N  NH2 . ARG A 1 6   ? -10.378 -8.959  15.099  1.00 48.08 ? 6    ARG A NH2 1 
ATOM   64   N  N   . LYS A 1 7   ? -5.752  -8.000  10.420  1.00 21.62 ? 7    LYS A N   1 
ATOM   65   C  CA  . LYS A 1 7   ? -4.548  -7.755  11.216  1.00 21.08 ? 7    LYS A CA  1 
ATOM   66   C  C   . LYS A 1 7   ? -3.235  -8.128  10.534  1.00 19.79 ? 7    LYS A C   1 
ATOM   67   O  O   . LYS A 1 7   ? -2.177  -8.059  11.156  1.00 19.49 ? 7    LYS A O   1 
ATOM   68   C  CB  . LYS A 1 7   ? -4.631  -8.508  12.551  1.00 23.49 ? 7    LYS A CB  1 
ATOM   69   C  CG  . LYS A 1 7   ? -5.935  -8.342  13.319  1.00 26.90 ? 7    LYS A CG  1 
ATOM   70   C  CD  . LYS A 1 7   ? -6.173  -6.914  13.774  1.00 29.37 ? 7    LYS A CD  1 
ATOM   71   C  CE  . LYS A 1 7   ? -7.462  -6.823  14.586  1.00 32.97 ? 7    LYS A CE  1 
ATOM   72   N  NZ  . LYS A 1 7   ? -7.810  -5.429  14.972  1.00 33.50 ? 7    LYS A NZ  1 
ATOM   73   N  N   . THR A 1 8   ? -3.293  -8.518  9.265   1.00 18.59 ? 8    THR A N   1 
ATOM   74   C  CA  . THR A 1 8   ? -2.084  -8.901  8.542   1.00 17.27 ? 8    THR A CA  1 
ATOM   75   C  C   . THR A 1 8   ? -1.665  -7.837  7.545   1.00 15.76 ? 8    THR A C   1 
ATOM   76   O  O   . THR A 1 8   ? -0.524  -7.376  7.567   1.00 14.92 ? 8    THR A O   1 
ATOM   77   C  CB  . THR A 1 8   ? -2.275  -10.240 7.814   1.00 19.60 ? 8    THR A CB  1 
ATOM   78   O  OG1 . THR A 1 8   ? -2.322  -11.291 8.784   1.00 24.92 ? 8    THR A OG1 1 
ATOM   79   C  CG2 . THR A 1 8   ? -1.126  -10.499 6.843   1.00 20.87 ? 8    THR A CG2 1 
ATOM   80   N  N   . ILE A 1 9   ? -2.581  -7.453  6.663   1.00 14.07 ? 9    ILE A N   1 
ATOM   81   C  CA  . ILE A 1 9   ? -2.286  -6.413  5.695   1.00 14.13 ? 9    ILE A CA  1 
ATOM   82   C  C   . ILE A 1 9   ? -3.542  -5.626  5.348   1.00 13.96 ? 9    ILE A C   1 
ATOM   83   O  O   . ILE A 1 9   ? -4.593  -6.198  5.030   1.00 12.57 ? 9    ILE A O   1 
ATOM   84   C  CB  . ILE A 1 9   ? -1.642  -6.986  4.412   1.00 15.56 ? 9    ILE A CB  1 
ATOM   85   C  CG1 . ILE A 1 9   ? -1.112  -5.833  3.555   1.00 17.31 ? 9    ILE A CG1 1 
ATOM   86   C  CG2 . ILE A 1 9   ? -2.648  -7.836  3.644   1.00 15.20 ? 9    ILE A CG2 1 
ATOM   87   C  CD1 . ILE A 1 9   ? -0.153  -6.267  2.455   1.00 18.68 ? 9    ILE A CD1 1 
ATOM   88   N  N   . GLY A 1 10  ? -3.428  -4.305  5.430   1.00 11.61 ? 10   GLY A N   1 
ATOM   89   C  CA  . GLY A 1 10  ? -4.558  -3.449  5.133   1.00 12.56 ? 10   GLY A CA  1 
ATOM   90   C  C   . GLY A 1 10  ? -4.147  -2.214  4.359   1.00 12.05 ? 10   GLY A C   1 
ATOM   91   O  O   . GLY A 1 10  ? -2.974  -2.045  3.996   1.00 10.98 ? 10   GLY A O   1 
ATOM   92   N  N   . GLY A 1 11  ? -5.118  -1.339  4.118   1.00 10.44 ? 11   GLY A N   1 
ATOM   93   C  CA  . GLY A 1 11  ? -4.847  -0.123  3.379   1.00 10.06 ? 11   GLY A CA  1 
ATOM   94   C  C   . GLY A 1 11  ? -5.483  1.094   4.014   1.00 11.43 ? 11   GLY A C   1 
ATOM   95   O  O   . GLY A 1 11  ? -6.354  0.988   4.886   1.00 10.22 ? 11   GLY A O   1 
ATOM   96   N  N   . SER A 1 12  ? -5.057  2.262   3.557   1.00 10.58 ? 12   SER A N   1 
ATOM   97   C  CA  . SER A 1 12  ? -5.568  3.510   4.090   1.00 13.89 ? 12   SER A CA  1 
ATOM   98   C  C   . SER A 1 12  ? -5.151  4.672   3.207   1.00 13.29 ? 12   SER A C   1 
ATOM   99   O  O   . SER A 1 12  ? -4.306  4.530   2.323   1.00 12.79 ? 12   SER A O   1 
ATOM   100  C  CB  . SER A 1 12  ? -5.007  3.733   5.500   1.00 15.48 ? 12   SER A CB  1 
ATOM   101  O  OG  . SER A 1 12  ? -5.428  4.976   6.035   1.00 19.40 ? 12   SER A OG  1 
ATOM   102  N  N   . GLY A 1 13  ? -5.768  5.819   3.448   1.00 14.09 ? 13   GLY A N   1 
ATOM   103  C  CA  . GLY A 1 13  ? -5.413  7.013   2.719   1.00 12.91 ? 13   GLY A CA  1 
ATOM   104  C  C   . GLY A 1 13  ? -4.373  7.704   3.581   1.00 13.64 ? 13   GLY A C   1 
ATOM   105  O  O   . GLY A 1 13  ? -3.880  7.125   4.552   1.00 12.75 ? 13   GLY A O   1 
ATOM   106  N  N   . LEU A 1 14  ? -4.037  8.939   3.235   1.00 13.82 ? 14   LEU A N   1 
ATOM   107  C  CA  . LEU A 1 14  ? -3.055  9.712   3.986   1.00 13.50 ? 14   LEU A CA  1 
ATOM   108  C  C   . LEU A 1 14  ? -3.729  10.350  5.204   1.00 14.49 ? 14   LEU A C   1 
ATOM   109  O  O   . LEU A 1 14  ? -4.673  11.131  5.060   1.00 14.37 ? 14   LEU A O   1 
ATOM   110  C  CB  . LEU A 1 14  ? -2.471  10.805  3.080   1.00 14.26 ? 14   LEU A CB  1 
ATOM   111  C  CG  . LEU A 1 14  ? -1.616  11.919  3.694   1.00 13.53 ? 14   LEU A CG  1 
ATOM   112  C  CD1 . LEU A 1 14  ? -0.322  11.349  4.250   1.00 13.17 ? 14   LEU A CD1 1 
ATOM   113  C  CD2 . LEU A 1 14  ? -1.324  12.965  2.622   1.00 12.49 ? 14   LEU A CD2 1 
ATOM   114  N  N   . PRO A 1 15  ? -3.259  10.022  6.421   1.00 14.15 ? 15   PRO A N   1 
ATOM   115  C  CA  . PRO A 1 15  ? -3.872  10.611  7.617   1.00 14.81 ? 15   PRO A CA  1 
ATOM   116  C  C   . PRO A 1 15  ? -3.626  12.116  7.663   1.00 16.16 ? 15   PRO A C   1 
ATOM   117  O  O   . PRO A 1 15  ? -2.621  12.603  7.141   1.00 16.07 ? 15   PRO A O   1 
ATOM   118  C  CB  . PRO A 1 15  ? -3.190  9.861   8.761   1.00 14.06 ? 15   PRO A CB  1 
ATOM   119  C  CG  . PRO A 1 15  ? -1.826  9.585   8.205   1.00 15.37 ? 15   PRO A CG  1 
ATOM   120  C  CD  . PRO A 1 15  ? -2.127  9.150   6.783   1.00 14.01 ? 15   PRO A CD  1 
ATOM   121  N  N   . TYR A 1 16  ? -4.542  12.845  8.296   1.00 16.66 ? 16   TYR A N   1 
ATOM   122  C  CA  . TYR A 1 16  ? -4.443  14.299  8.392   1.00 18.66 ? 16   TYR A CA  1 
ATOM   123  C  C   . TYR A 1 16  ? -3.910  14.766  9.746   1.00 17.13 ? 16   TYR A C   1 
ATOM   124  O  O   . TYR A 1 16  ? -3.279  15.818  9.841   1.00 18.28 ? 16   TYR A O   1 
ATOM   125  C  CB  . TYR A 1 16  ? -5.817  14.926  8.142   1.00 19.62 ? 16   TYR A CB  1 
ATOM   126  C  CG  . TYR A 1 16  ? -5.775  16.406  7.837   1.00 23.78 ? 16   TYR A CG  1 
ATOM   127  C  CD1 . TYR A 1 16  ? -6.710  17.279  8.393   1.00 25.24 ? 16   TYR A CD1 1 
ATOM   128  C  CD2 . TYR A 1 16  ? -4.815  16.932  6.971   1.00 25.04 ? 16   TYR A CD2 1 
ATOM   129  C  CE1 . TYR A 1 16  ? -6.691  18.642  8.095   1.00 27.37 ? 16   TYR A CE1 1 
ATOM   130  C  CE2 . TYR A 1 16  ? -4.788  18.290  6.665   1.00 27.14 ? 16   TYR A CE2 1 
ATOM   131  C  CZ  . TYR A 1 16  ? -5.727  19.139  7.230   1.00 27.95 ? 16   TYR A CZ  1 
ATOM   132  O  OH  . TYR A 1 16  ? -5.705  20.483  6.930   1.00 30.06 ? 16   TYR A OH  1 
ATOM   133  N  N   . THR A 1 17  ? -4.180  13.991  10.794  1.00 15.86 ? 17   THR A N   1 
ATOM   134  C  CA  . THR A 1 17  ? -3.706  14.324  12.135  1.00 14.50 ? 17   THR A CA  1 
ATOM   135  C  C   . THR A 1 17  ? -3.093  13.083  12.773  1.00 14.76 ? 17   THR A C   1 
ATOM   136  O  O   . THR A 1 17  ? -3.323  11.964  12.310  1.00 12.42 ? 17   THR A O   1 
ATOM   137  C  CB  . THR A 1 17  ? -4.853  14.802  13.056  1.00 15.65 ? 17   THR A CB  1 
ATOM   138  O  OG1 . THR A 1 17  ? -5.768  13.721  13.268  1.00 14.37 ? 17   THR A OG1 1 
ATOM   139  C  CG2 . THR A 1 17  ? -5.600  15.980  12.436  1.00 12.93 ? 17   THR A CG2 1 
ATOM   140  N  N   . GLU A 1 18  ? -2.329  13.284  13.845  1.00 12.59 ? 18   GLU A N   1 
ATOM   141  C  CA  . GLU A 1 18  ? -1.695  12.177  14.548  1.00 13.92 ? 18   GLU A CA  1 
ATOM   142  C  C   . GLU A 1 18  ? -2.719  11.279  15.229  1.00 14.81 ? 18   GLU A C   1 
ATOM   143  O  O   . GLU A 1 18  ? -2.481  10.085  15.416  1.00 16.19 ? 18   GLU A O   1 
ATOM   144  C  CB  . GLU A 1 18  ? -0.719  12.698  15.606  1.00 14.12 ? 18   GLU A CB  1 
ATOM   145  C  CG  . GLU A 1 18  ? 0.486   13.434  15.054  1.00 12.79 ? 18   GLU A CG  1 
ATOM   146  C  CD  . GLU A 1 18  ? 1.504   13.764  16.136  1.00 13.85 ? 18   GLU A CD  1 
ATOM   147  O  OE1 . GLU A 1 18  ? 2.072   12.822  16.734  1.00 12.43 ? 18   GLU A OE1 1 
ATOM   148  O  OE2 . GLU A 1 18  ? 1.732   14.966  16.386  1.00 12.31 ? 18   GLU A OE2 1 
ATOM   149  N  N   . ASN A 1 19  ? -3.855  11.854  15.608  1.00 16.38 ? 19   ASN A N   1 
ATOM   150  C  CA  . ASN A 1 19  ? -4.895  11.089  16.281  1.00 16.79 ? 19   ASN A CA  1 
ATOM   151  C  C   . ASN A 1 19  ? -5.369  9.937   15.388  1.00 16.94 ? 19   ASN A C   1 
ATOM   152  O  O   . ASN A 1 19  ? -5.786  8.893   15.881  1.00 17.90 ? 19   ASN A O   1 
ATOM   153  C  CB  . ASN A 1 19  ? -6.052  12.020  16.667  1.00 19.41 ? 19   ASN A CB  1 
ATOM   154  C  CG  . ASN A 1 19  ? -6.833  11.521  17.880  1.00 20.57 ? 19   ASN A CG  1 
ATOM   155  O  OD1 . ASN A 1 19  ? -7.565  12.283  18.516  1.00 18.48 ? 19   ASN A OD1 1 
ATOM   156  N  ND2 . ASN A 1 19  ? -6.688  10.240  18.198  1.00 20.79 ? 19   ASN A ND2 1 
ATOM   157  N  N   . GLU A 1 20  ? -5.287  10.121  14.073  1.00 17.48 ? 20   GLU A N   1 
ATOM   158  C  CA  . GLU A 1 20  ? -5.676  9.071   13.141  1.00 18.17 ? 20   GLU A CA  1 
ATOM   159  C  C   . GLU A 1 20  ? -4.664  7.927   13.211  1.00 17.59 ? 20   GLU A C   1 
ATOM   160  O  O   . GLU A 1 20  ? -5.008  6.765   13.000  1.00 16.22 ? 20   GLU A O   1 
ATOM   161  C  CB  . GLU A 1 20  ? -5.734  9.613   11.712  1.00 20.13 ? 20   GLU A CB  1 
ATOM   162  C  CG  . GLU A 1 20  ? -7.011  10.359  11.374  1.00 25.15 ? 20   GLU A CG  1 
ATOM   163  C  CD  . GLU A 1 20  ? -6.938  11.033  10.014  1.00 26.52 ? 20   GLU A CD  1 
ATOM   164  O  OE1 . GLU A 1 20  ? -6.602  12.233  9.967   1.00 27.42 ? 20   GLU A OE1 1 
ATOM   165  O  OE2 . GLU A 1 20  ? -7.202  10.360  8.995   1.00 28.22 ? 20   GLU A OE2 1 
ATOM   166  N  N   . ILE A 1 21  ? -3.412  8.267   13.508  1.00 15.55 ? 21   ILE A N   1 
ATOM   167  C  CA  . ILE A 1 21  ? -2.356  7.266   13.619  1.00 15.79 ? 21   ILE A CA  1 
ATOM   168  C  C   . ILE A 1 21  ? -2.621  6.407   14.849  1.00 14.77 ? 21   ILE A C   1 
ATOM   169  O  O   . ILE A 1 21  ? -2.344  5.210   14.856  1.00 15.23 ? 21   ILE A O   1 
ATOM   170  C  CB  . ILE A 1 21  ? -0.963  7.926   13.770  1.00 17.70 ? 21   ILE A CB  1 
ATOM   171  C  CG1 . ILE A 1 21  ? -0.694  8.873   12.596  1.00 20.22 ? 21   ILE A CG1 1 
ATOM   172  C  CG2 . ILE A 1 21  ? 0.113   6.859   13.852  1.00 17.53 ? 21   ILE A CG2 1 
ATOM   173  C  CD1 . ILE A 1 21  ? -0.634  8.209   11.254  1.00 22.41 ? 21   ILE A CD1 1 
ATOM   174  N  N   . LEU A 1 22  ? -3.160  7.025   15.896  1.00 13.83 ? 22   LEU A N   1 
ATOM   175  C  CA  . LEU A 1 22  ? -3.464  6.296   17.121  1.00 13.58 ? 22   LEU A CA  1 
ATOM   176  C  C   . LEU A 1 22  ? -4.563  5.273   16.847  1.00 14.71 ? 22   LEU A C   1 
ATOM   177  O  O   . LEU A 1 22  ? -4.566  4.176   17.414  1.00 16.01 ? 22   LEU A O   1 
ATOM   178  C  CB  . LEU A 1 22  ? -3.892  7.273   18.224  1.00 14.23 ? 22   LEU A CB  1 
ATOM   179  C  CG  . LEU A 1 22  ? -2.814  8.288   18.623  1.00 15.27 ? 22   LEU A CG  1 
ATOM   180  C  CD1 . LEU A 1 22  ? -3.354  9.243   19.677  1.00 16.88 ? 22   LEU A CD1 1 
ATOM   181  C  CD2 . LEU A 1 22  ? -1.593  7.547   19.151  1.00 15.33 ? 22   LEU A CD2 1 
ATOM   182  N  N   . GLU A 1 23  ? -5.496  5.629   15.971  1.00 14.37 ? 23   GLU A N   1 
ATOM   183  C  CA  . GLU A 1 23  ? -6.573  4.717   15.623  1.00 14.67 ? 23   GLU A CA  1 
ATOM   184  C  C   . GLU A 1 23  ? -5.986  3.514   14.891  1.00 13.47 ? 23   GLU A C   1 
ATOM   185  O  O   . GLU A 1 23  ? -6.420  2.380   15.101  1.00 13.52 ? 23   GLU A O   1 
ATOM   186  C  CB  . GLU A 1 23  ? -7.616  5.434   14.762  1.00 18.26 ? 23   GLU A CB  1 
ATOM   187  C  CG  . GLU A 1 23  ? -8.397  6.475   15.546  1.00 24.36 ? 23   GLU A CG  1 
ATOM   188  C  CD  . GLU A 1 23  ? -9.200  5.858   16.680  1.00 26.63 ? 23   GLU A CD  1 
ATOM   189  O  OE1 . GLU A 1 23  ? -9.227  6.440   17.785  1.00 28.70 ? 23   GLU A OE1 1 
ATOM   190  O  OE2 . GLU A 1 23  ? -9.813  4.789   16.463  1.00 30.47 ? 23   GLU A OE2 1 
ATOM   191  N  N   . TRP A 1 24  ? -4.992  3.761   14.037  1.00 12.73 ? 24   TRP A N   1 
ATOM   192  C  CA  . TRP A 1 24  ? -4.333  2.678   13.321  1.00 12.74 ? 24   TRP A CA  1 
ATOM   193  C  C   . TRP A 1 24  ? -3.778  1.700   14.353  1.00 13.63 ? 24   TRP A C   1 
ATOM   194  O  O   . TRP A 1 24  ? -3.946  0.486   14.231  1.00 12.80 ? 24   TRP A O   1 
ATOM   195  C  CB  . TRP A 1 24  ? -3.163  3.196   12.478  1.00 13.11 ? 24   TRP A CB  1 
ATOM   196  C  CG  . TRP A 1 24  ? -3.537  3.971   11.257  1.00 12.30 ? 24   TRP A CG  1 
ATOM   197  C  CD1 . TRP A 1 24  ? -4.793  4.167   10.749  1.00 11.84 ? 24   TRP A CD1 1 
ATOM   198  C  CD2 . TRP A 1 24  ? -2.635  4.634   10.368  1.00 12.00 ? 24   TRP A CD2 1 
ATOM   199  N  NE1 . TRP A 1 24  ? -4.725  4.912   9.593   1.00 10.76 ? 24   TRP A NE1 1 
ATOM   200  C  CE2 . TRP A 1 24  ? -3.411  5.211   9.337   1.00 12.08 ? 24   TRP A CE2 1 
ATOM   201  C  CE3 . TRP A 1 24  ? -1.241  4.797   10.340  1.00 12.86 ? 24   TRP A CE3 1 
ATOM   202  C  CZ2 . TRP A 1 24  ? -2.841  5.942   8.288   1.00 9.29  ? 24   TRP A CZ2 1 
ATOM   203  C  CZ3 . TRP A 1 24  ? -0.673  5.522   9.300   1.00 11.92 ? 24   TRP A CZ3 1 
ATOM   204  C  CH2 . TRP A 1 24  ? -1.476  6.086   8.286   1.00 11.51 ? 24   TRP A CH2 1 
ATOM   205  N  N   . ARG A 1 25  ? -3.109  2.239   15.367  1.00 12.54 ? 25   ARG A N   1 
ATOM   206  C  CA  . ARG A 1 25  ? -2.523  1.412   16.415  1.00 13.49 ? 25   ARG A CA  1 
ATOM   207  C  C   . ARG A 1 25  ? -3.577  0.555   17.112  1.00 14.53 ? 25   ARG A C   1 
ATOM   208  O  O   . ARG A 1 25  ? -3.357  -0.634  17.359  1.00 13.93 ? 25   ARG A O   1 
ATOM   209  C  CB  . ARG A 1 25  ? -1.781  2.300   17.425  1.00 13.21 ? 25   ARG A CB  1 
ATOM   210  C  CG  . ARG A 1 25  ? -0.502  2.929   16.848  1.00 15.14 ? 25   ARG A CG  1 
ATOM   211  C  CD  . ARG A 1 25  ? 0.213   3.793   17.882  1.00 16.18 ? 25   ARG A CD  1 
ATOM   212  N  NE  . ARG A 1 25  ? 0.392   3.057   19.128  1.00 18.83 ? 25   ARG A NE  1 
ATOM   213  C  CZ  . ARG A 1 25  ? 1.342   2.153   19.346  1.00 19.92 ? 25   ARG A CZ  1 
ATOM   214  N  NH1 . ARG A 1 25  ? 1.401   1.533   20.515  1.00 21.30 ? 25   ARG A NH1 1 
ATOM   215  N  NH2 . ARG A 1 25  ? 2.251   1.892   18.415  1.00 18.58 ? 25   ARG A NH2 1 
ATOM   216  N  N   . LYS A 1 26  ? -4.721  1.155   17.423  1.00 15.36 ? 26   LYS A N   1 
ATOM   217  C  CA  . LYS A 1 26  ? -5.810  0.424   18.068  1.00 16.44 ? 26   LYS A CA  1 
ATOM   218  C  C   . LYS A 1 26  ? -6.265  -0.749  17.193  1.00 16.29 ? 26   LYS A C   1 
ATOM   219  O  O   . LYS A 1 26  ? -6.669  -1.792  17.703  1.00 15.81 ? 26   LYS A O   1 
ATOM   220  C  CB  . LYS A 1 26  ? -7.004  1.348   18.311  1.00 16.75 ? 26   LYS A CB  1 
ATOM   221  C  CG  . LYS A 1 26  ? -6.750  2.488   19.280  1.00 20.48 ? 26   LYS A CG  1 
ATOM   222  C  CD  . LYS A 1 26  ? -8.024  3.298   19.478  1.00 22.43 ? 26   LYS A CD  1 
ATOM   223  C  CE  . LYS A 1 26  ? -7.788  4.501   20.381  1.00 26.30 ? 26   LYS A CE  1 
ATOM   224  N  NZ  . LYS A 1 26  ? -9.054  5.250   20.638  1.00 25.60 ? 26   LYS A NZ  1 
ATOM   225  N  N   . GLU A 1 27  ? -6.195  -0.572  15.877  1.00 16.59 ? 27   GLU A N   1 
ATOM   226  C  CA  . GLU A 1 27  ? -6.609  -1.620  14.946  1.00 18.12 ? 27   GLU A CA  1 
ATOM   227  C  C   . GLU A 1 27  ? -5.555  -2.708  14.764  1.00 16.61 ? 27   GLU A C   1 
ATOM   228  O  O   . GLU A 1 27  ? -5.815  -3.722  14.119  1.00 17.40 ? 27   GLU A O   1 
ATOM   229  C  CB  . GLU A 1 27  ? -6.971  -1.016  13.587  1.00 19.78 ? 27   GLU A CB  1 
ATOM   230  C  CG  . GLU A 1 27  ? -8.124  -0.022  13.654  1.00 25.48 ? 27   GLU A CG  1 
ATOM   231  C  CD  . GLU A 1 27  ? -9.417  -0.637  14.181  1.00 28.45 ? 27   GLU A CD  1 
ATOM   232  O  OE1 . GLU A 1 27  ? -10.339 0.128   14.535  1.00 29.29 ? 27   GLU A OE1 1 
ATOM   233  O  OE2 . GLU A 1 27  ? -9.519  -1.880  14.235  1.00 28.67 ? 27   GLU A OE2 1 
ATOM   234  N  N   . GLY A 1 28  ? -4.372  -2.497  15.331  1.00 14.57 ? 28   GLY A N   1 
ATOM   235  C  CA  . GLY A 1 28  ? -3.318  -3.489  15.226  1.00 13.32 ? 28   GLY A CA  1 
ATOM   236  C  C   . GLY A 1 28  ? -2.212  -3.178  14.236  1.00 12.80 ? 28   GLY A C   1 
ATOM   237  O  O   . GLY A 1 28  ? -1.368  -4.030  13.972  1.00 13.77 ? 28   GLY A O   1 
ATOM   238  N  N   . VAL A 1 29  ? -2.206  -1.973  13.677  1.00 12.07 ? 29   VAL A N   1 
ATOM   239  C  CA  . VAL A 1 29  ? -1.160  -1.604  12.725  1.00 12.87 ? 29   VAL A CA  1 
ATOM   240  C  C   . VAL A 1 29  ? 0.174   -1.448  13.461  1.00 13.17 ? 29   VAL A C   1 
ATOM   241  O  O   . VAL A 1 29  ? 0.234   -0.838  14.528  1.00 12.54 ? 29   VAL A O   1 
ATOM   242  C  CB  . VAL A 1 29  ? -1.494  -0.281  11.995  1.00 12.65 ? 29   VAL A CB  1 
ATOM   243  C  CG1 . VAL A 1 29  ? -0.306  0.166   11.142  1.00 12.64 ? 29   VAL A CG1 1 
ATOM   244  C  CG2 . VAL A 1 29  ? -2.718  -0.469  11.117  1.00 13.42 ? 29   VAL A CG2 1 
ATOM   245  N  N   . LYS A 1 30  ? 1.236   -2.010  12.889  1.00 13.12 ? 30   LYS A N   1 
ATOM   246  C  CA  . LYS A 1 30  ? 2.565   -1.935  13.491  1.00 14.70 ? 30   LYS A CA  1 
ATOM   247  C  C   . LYS A 1 30  ? 3.585   -1.349  12.521  1.00 14.48 ? 30   LYS A C   1 
ATOM   248  O  O   . LYS A 1 30  ? 4.545   -0.693  12.932  1.00 12.97 ? 30   LYS A O   1 
ATOM   249  C  CB  . LYS A 1 30  ? 3.054   -3.325  13.908  1.00 17.55 ? 30   LYS A CB  1 
ATOM   250  C  CG  . LYS A 1 30  ? 2.159   -4.084  14.879  1.00 21.88 ? 30   LYS A CG  1 
ATOM   251  C  CD  . LYS A 1 30  ? 2.876   -5.345  15.362  1.00 27.80 ? 30   LYS A CD  1 
ATOM   252  C  CE  . LYS A 1 30  ? 2.007   -6.193  16.279  1.00 31.06 ? 30   LYS A CE  1 
ATOM   253  N  NZ  . LYS A 1 30  ? 0.898   -6.849  15.537  1.00 34.35 ? 30   LYS A NZ  1 
ATOM   254  N  N   . ARG A 1 31  ? 3.375   -1.601  11.234  1.00 14.36 ? 31   ARG A N   1 
ATOM   255  C  CA  . ARG A 1 31  ? 4.292   -1.134  10.201  1.00 13.69 ? 31   ARG A CA  1 
ATOM   256  C  C   . ARG A 1 31  ? 3.501   -0.430  9.119   1.00 11.88 ? 31   ARG A C   1 
ATOM   257  O  O   . ARG A 1 31  ? 2.375   -0.825  8.812   1.00 11.67 ? 31   ARG A O   1 
ATOM   258  C  CB  . ARG A 1 31  ? 5.031   -2.323  9.594   1.00 15.17 ? 31   ARG A CB  1 
ATOM   259  C  CG  . ARG A 1 31  ? 5.542   -3.299  10.622  1.00 18.88 ? 31   ARG A CG  1 
ATOM   260  C  CD  . ARG A 1 31  ? 6.049   -4.557  9.953   1.00 16.79 ? 31   ARG A CD  1 
ATOM   261  N  NE  . ARG A 1 31  ? 7.329   -4.353  9.284   1.00 17.51 ? 31   ARG A NE  1 
ATOM   262  C  CZ  . ARG A 1 31  ? 7.569   -4.677  8.019   1.00 17.13 ? 31   ARG A CZ  1 
ATOM   263  N  NH1 . ARG A 1 31  ? 6.611   -5.216  7.278   1.00 15.37 ? 31   ARG A NH1 1 
ATOM   264  N  NH2 . ARG A 1 31  ? 8.776   -4.483  7.502   1.00 17.98 ? 31   ARG A NH2 1 
ATOM   265  N  N   . VAL A 1 32  ? 4.105   0.594   8.523   1.00 11.64 ? 32   VAL A N   1 
ATOM   266  C  CA  . VAL A 1 32  ? 3.432   1.381   7.501   1.00 11.32 ? 32   VAL A CA  1 
ATOM   267  C  C   . VAL A 1 32  ? 4.242   1.600   6.224   1.00 12.07 ? 32   VAL A C   1 
ATOM   268  O  O   . VAL A 1 32  ? 5.352   2.129   6.263   1.00 11.20 ? 32   VAL A O   1 
ATOM   269  C  CB  . VAL A 1 32  ? 3.054   2.768   8.062   1.00 13.45 ? 32   VAL A CB  1 
ATOM   270  C  CG1 . VAL A 1 32  ? 2.218   3.534   7.040   1.00 12.87 ? 32   VAL A CG1 1 
ATOM   271  C  CG2 . VAL A 1 32  ? 2.307   2.611   9.389   1.00 12.41 ? 32   VAL A CG2 1 
ATOM   272  N  N   . LEU A 1 33  ? 3.680   1.184   5.093   1.00 10.92 ? 33   LEU A N   1 
ATOM   273  C  CA  . LEU A 1 33  ? 4.327   1.392   3.804   1.00 11.20 ? 33   LEU A CA  1 
ATOM   274  C  C   . LEU A 1 33  ? 3.733   2.687   3.243   1.00 11.51 ? 33   LEU A C   1 
ATOM   275  O  O   . LEU A 1 33  ? 2.549   2.736   2.905   1.00 12.72 ? 33   LEU A O   1 
ATOM   276  C  CB  . LEU A 1 33  ? 4.041   0.219   2.860   1.00 10.91 ? 33   LEU A CB  1 
ATOM   277  C  CG  . LEU A 1 33  ? 4.553   0.360   1.420   1.00 12.53 ? 33   LEU A CG  1 
ATOM   278  C  CD1 . LEU A 1 33  ? 6.074   0.590   1.411   1.00 13.56 ? 33   LEU A CD1 1 
ATOM   279  C  CD2 . LEU A 1 33  ? 4.192   -0.895  0.638   1.00 11.69 ? 33   LEU A CD2 1 
ATOM   280  N  N   . VAL A 1 34  ? 4.554   3.734   3.168   1.00 10.82 ? 34   VAL A N   1 
ATOM   281  C  CA  . VAL A 1 34  ? 4.125   5.050   2.678   1.00 10.06 ? 34   VAL A CA  1 
ATOM   282  C  C   . VAL A 1 34  ? 4.361   5.170   1.170   1.00 10.99 ? 34   VAL A C   1 
ATOM   283  O  O   . VAL A 1 34  ? 5.501   5.153   0.710   1.00 11.91 ? 34   VAL A O   1 
ATOM   284  C  CB  . VAL A 1 34  ? 4.898   6.183   3.411   1.00 10.23 ? 34   VAL A CB  1 
ATOM   285  C  CG1 . VAL A 1 34  ? 4.378   7.545   2.972   1.00 9.97  ? 34   VAL A CG1 1 
ATOM   286  C  CG2 . VAL A 1 34  ? 4.755   6.023   4.923   1.00 10.22 ? 34   VAL A CG2 1 
ATOM   287  N  N   . LEU A 1 35  ? 3.278   5.307   0.408   1.00 11.46 ? 35   LEU A N   1 
ATOM   288  C  CA  . LEU A 1 35  ? 3.366   5.378   -1.047  1.00 12.61 ? 35   LEU A CA  1 
ATOM   289  C  C   . LEU A 1 35  ? 3.306   6.748   -1.712  1.00 12.42 ? 35   LEU A C   1 
ATOM   290  O  O   . LEU A 1 35  ? 3.758   6.896   -2.845  1.00 12.88 ? 35   LEU A O   1 
ATOM   291  C  CB  . LEU A 1 35  ? 2.279   4.504   -1.679  1.00 12.04 ? 35   LEU A CB  1 
ATOM   292  C  CG  . LEU A 1 35  ? 2.178   3.042   -1.248  1.00 12.53 ? 35   LEU A CG  1 
ATOM   293  C  CD1 . LEU A 1 35  ? 1.134   2.363   -2.118  1.00 11.11 ? 35   LEU A CD1 1 
ATOM   294  C  CD2 . LEU A 1 35  ? 3.532   2.353   -1.387  1.00 12.65 ? 35   LEU A CD2 1 
ATOM   295  N  N   . PRO A 1 36  ? 2.735   7.761   -1.043  1.00 12.16 ? 36   PRO A N   1 
ATOM   296  C  CA  . PRO A 1 36  ? 2.703   9.053   -1.740  1.00 13.85 ? 36   PRO A CA  1 
ATOM   297  C  C   . PRO A 1 36  ? 4.068   9.719   -1.914  1.00 14.52 ? 36   PRO A C   1 
ATOM   298  O  O   . PRO A 1 36  ? 5.014   9.438   -1.173  1.00 11.78 ? 36   PRO A O   1 
ATOM   299  C  CB  . PRO A 1 36  ? 1.721   9.883   -0.902  1.00 15.51 ? 36   PRO A CB  1 
ATOM   300  C  CG  . PRO A 1 36  ? 1.788   9.256   0.456   1.00 18.46 ? 36   PRO A CG  1 
ATOM   301  C  CD  . PRO A 1 36  ? 1.903   7.785   0.174   1.00 13.73 ? 36   PRO A CD  1 
ATOM   302  N  N   . GLU A 1 37  ? 4.169   10.574  -2.931  1.00 12.85 ? 37   GLU A N   1 
ATOM   303  C  CA  . GLU A 1 37  ? 5.403   11.294  -3.213  1.00 13.50 ? 37   GLU A CA  1 
ATOM   304  C  C   . GLU A 1 37  ? 5.582   12.405  -2.190  1.00 12.59 ? 37   GLU A C   1 
ATOM   305  O  O   . GLU A 1 37  ? 4.630   12.790  -1.523  1.00 11.20 ? 37   GLU A O   1 
ATOM   306  C  CB  . GLU A 1 37  ? 5.359   11.900  -4.618  1.00 12.24 ? 37   GLU A CB  1 
ATOM   307  C  CG  . GLU A 1 37  ? 5.276   10.872  -5.726  1.00 15.84 ? 37   GLU A CG  1 
ATOM   308  C  CD  . GLU A 1 37  ? 5.570   11.465  -7.082  1.00 18.26 ? 37   GLU A CD  1 
ATOM   309  O  OE1 . GLU A 1 37  ? 4.840   12.385  -7.506  1.00 19.64 ? 37   GLU A OE1 1 
ATOM   310  O  OE2 . GLU A 1 37  ? 6.539   11.009  -7.723  1.00 20.85 ? 37   GLU A OE2 1 
ATOM   311  N  N   . ASP A 1 38  ? 6.803   12.920  -2.083  1.00 14.36 ? 38   ASP A N   1 
ATOM   312  C  CA  . ASP A 1 38  ? 7.124   13.991  -1.139  1.00 15.56 ? 38   ASP A CA  1 
ATOM   313  C  C   . ASP A 1 38  ? 6.129   15.142  -1.123  1.00 15.51 ? 38   ASP A C   1 
ATOM   314  O  O   . ASP A 1 38  ? 5.607   15.498  -0.070  1.00 15.16 ? 38   ASP A O   1 
ATOM   315  C  CB  . ASP A 1 38  ? 8.512   14.573  -1.441  1.00 17.57 ? 38   ASP A CB  1 
ATOM   316  C  CG  . ASP A 1 38  ? 9.632   13.630  -1.081  1.00 17.68 ? 38   ASP A CG  1 
ATOM   317  O  OD1 . ASP A 1 38  ? 9.347   12.470  -0.725  1.00 18.56 ? 38   ASP A OD1 1 
ATOM   318  O  OD2 . ASP A 1 38  ? 10.802  14.053  -1.159  1.00 20.84 ? 38   ASP A OD2 1 
ATOM   319  N  N   . TRP A 1 39  ? 5.884   15.728  -2.291  1.00 15.87 ? 39   TRP A N   1 
ATOM   320  C  CA  . TRP A 1 39  ? 4.977   16.867  -2.394  1.00 15.30 ? 39   TRP A CA  1 
ATOM   321  C  C   . TRP A 1 39  ? 3.576   16.581  -1.875  1.00 13.25 ? 39   TRP A C   1 
ATOM   322  O  O   . TRP A 1 39  ? 2.941   17.450  -1.279  1.00 11.27 ? 39   TRP A O   1 
ATOM   323  C  CB  . TRP A 1 39  ? 4.903   17.371  -3.842  1.00 15.43 ? 39   TRP A CB  1 
ATOM   324  C  CG  . TRP A 1 39  ? 4.277   16.416  -4.821  1.00 17.36 ? 39   TRP A CG  1 
ATOM   325  C  CD1 . TRP A 1 39  ? 4.910   15.449  -5.549  1.00 18.19 ? 39   TRP A CD1 1 
ATOM   326  C  CD2 . TRP A 1 39  ? 2.895   16.359  -5.194  1.00 17.77 ? 39   TRP A CD2 1 
ATOM   327  N  NE1 . TRP A 1 39  ? 4.009   14.798  -6.355  1.00 19.61 ? 39   TRP A NE1 1 
ATOM   328  C  CE2 . TRP A 1 39  ? 2.765   15.337  -6.158  1.00 19.64 ? 39   TRP A CE2 1 
ATOM   329  C  CE3 . TRP A 1 39  ? 1.755   17.075  -4.807  1.00 19.25 ? 39   TRP A CE3 1 
ATOM   330  C  CZ2 . TRP A 1 39  ? 1.535   15.011  -6.745  1.00 20.16 ? 39   TRP A CZ2 1 
ATOM   331  C  CZ3 . TRP A 1 39  ? 0.528   16.750  -5.389  1.00 20.12 ? 39   TRP A CZ3 1 
ATOM   332  C  CH2 . TRP A 1 39  ? 0.432   15.726  -6.349  1.00 20.67 ? 39   TRP A CH2 1 
ATOM   333  N  N   . GLU A 1 40  ? 3.094   15.362  -2.105  1.00 12.58 ? 40   GLU A N   1 
ATOM   334  C  CA  . GLU A 1 40  ? 1.767   14.980  -1.642  1.00 12.60 ? 40   GLU A CA  1 
ATOM   335  C  C   . GLU A 1 40  ? 1.711   14.978  -0.121  1.00 13.24 ? 40   GLU A C   1 
ATOM   336  O  O   . GLU A 1 40  ? 0.731   15.420  0.474   1.00 14.23 ? 40   GLU A O   1 
ATOM   337  C  CB  . GLU A 1 40  ? 1.398   13.598  -2.172  1.00 11.75 ? 40   GLU A CB  1 
ATOM   338  C  CG  . GLU A 1 40  ? 1.175   13.568  -3.668  1.00 13.74 ? 40   GLU A CG  1 
ATOM   339  C  CD  . GLU A 1 40  ? 0.822   12.192  -4.165  1.00 13.48 ? 40   GLU A CD  1 
ATOM   340  O  OE1 . GLU A 1 40  ? 1.719   11.320  -4.196  1.00 14.75 ? 40   GLU A OE1 1 
ATOM   341  O  OE2 . GLU A 1 40  ? -0.355  11.981  -4.517  1.00 15.02 ? 40   GLU A OE2 1 
ATOM   342  N  N   . ILE A 1 41  ? 2.766   14.471  0.505   1.00 14.33 ? 41   ILE A N   1 
ATOM   343  C  CA  . ILE A 1 41  ? 2.833   14.426  1.959   1.00 14.07 ? 41   ILE A CA  1 
ATOM   344  C  C   . ILE A 1 41  ? 2.986   15.849  2.496   1.00 14.83 ? 41   ILE A C   1 
ATOM   345  O  O   . ILE A 1 41  ? 2.296   16.242  3.436   1.00 14.75 ? 41   ILE A O   1 
ATOM   346  C  CB  . ILE A 1 41  ? 4.018   13.550  2.422   1.00 13.43 ? 41   ILE A CB  1 
ATOM   347  C  CG1 . ILE A 1 41  ? 3.777   12.103  1.980   1.00 13.02 ? 41   ILE A CG1 1 
ATOM   348  C  CG2 . ILE A 1 41  ? 4.188   13.638  3.939   1.00 9.37  ? 41   ILE A CG2 1 
ATOM   349  C  CD1 . ILE A 1 41  ? 4.962   11.177  2.208   1.00 15.92 ? 41   ILE A CD1 1 
ATOM   350  N  N   . GLU A 1 42  ? 3.876   16.624  1.883   1.00 15.37 ? 42   GLU A N   1 
ATOM   351  C  CA  . GLU A 1 42  ? 4.103   18.007  2.299   1.00 19.13 ? 42   GLU A CA  1 
ATOM   352  C  C   . GLU A 1 42  ? 2.820   18.822  2.207   1.00 18.69 ? 42   GLU A C   1 
ATOM   353  O  O   . GLU A 1 42  ? 2.566   19.697  3.030   1.00 18.11 ? 42   GLU A O   1 
ATOM   354  C  CB  . GLU A 1 42  ? 5.167   18.673  1.420   1.00 20.86 ? 42   GLU A CB  1 
ATOM   355  C  CG  . GLU A 1 42  ? 6.528   18.033  1.494   1.00 30.39 ? 42   GLU A CG  1 
ATOM   356  C  CD  . GLU A 1 42  ? 7.571   18.799  0.701   1.00 34.49 ? 42   GLU A CD  1 
ATOM   357  O  OE1 . GLU A 1 42  ? 7.898   19.943  1.090   1.00 39.18 ? 42   GLU A OE1 1 
ATOM   358  O  OE2 . GLU A 1 42  ? 8.063   18.259  -0.312  1.00 37.31 ? 42   GLU A OE2 1 
ATOM   359  N  N   . GLU A 1 43  ? 2.021   18.531  1.189   1.00 20.10 ? 43   GLU A N   1 
ATOM   360  C  CA  . GLU A 1 43  ? 0.765   19.230  0.962   1.00 21.52 ? 43   GLU A CA  1 
ATOM   361  C  C   . GLU A 1 43  ? -0.167  19.161  2.173   1.00 21.00 ? 43   GLU A C   1 
ATOM   362  O  O   . GLU A 1 43  ? -0.872  20.122  2.481   1.00 20.52 ? 43   GLU A O   1 
ATOM   363  C  CB  . GLU A 1 43  ? 0.062   18.633  -0.261  1.00 24.42 ? 43   GLU A CB  1 
ATOM   364  C  CG  . GLU A 1 43  ? -1.221  19.333  -0.656  1.00 31.36 ? 43   GLU A CG  1 
ATOM   365  C  CD  . GLU A 1 43  ? -0.989  20.759  -1.116  1.00 33.89 ? 43   GLU A CD  1 
ATOM   366  O  OE1 . GLU A 1 43  ? -0.626  21.605  -0.274  1.00 36.80 ? 43   GLU A OE1 1 
ATOM   367  O  OE2 . GLU A 1 43  ? -1.164  21.032  -2.323  1.00 37.74 ? 43   GLU A OE2 1 
ATOM   368  N  N   . SER A 1 44  ? -0.171  18.022  2.855   1.00 19.40 ? 44   SER A N   1 
ATOM   369  C  CA  . SER A 1 44  ? -1.033  17.846  4.017   1.00 19.04 ? 44   SER A CA  1 
ATOM   370  C  C   . SER A 1 44  ? -0.354  18.122  5.352   1.00 16.83 ? 44   SER A C   1 
ATOM   371  O  O   . SER A 1 44  ? -0.948  18.740  6.242   1.00 15.04 ? 44   SER A O   1 
ATOM   372  C  CB  . SER A 1 44  ? -1.608  16.427  4.037   1.00 20.51 ? 44   SER A CB  1 
ATOM   373  O  OG  . SER A 1 44  ? -2.539  16.241  2.985   1.00 25.77 ? 44   SER A OG  1 
ATOM   374  N  N   . TRP A 1 45  ? 0.887   17.673  5.491   1.00 14.93 ? 45   TRP A N   1 
ATOM   375  C  CA  . TRP A 1 45  ? 1.609   17.841  6.743   1.00 14.95 ? 45   TRP A CA  1 
ATOM   376  C  C   . TRP A 1 45  ? 2.548   19.024  6.854   1.00 15.30 ? 45   TRP A C   1 
ATOM   377  O  O   . TRP A 1 45  ? 2.890   19.436  7.962   1.00 15.41 ? 45   TRP A O   1 
ATOM   378  C  CB  . TRP A 1 45  ? 2.373   16.558  7.066   1.00 14.69 ? 45   TRP A CB  1 
ATOM   379  C  CG  . TRP A 1 45  ? 1.459   15.459  7.458   1.00 14.35 ? 45   TRP A CG  1 
ATOM   380  C  CD1 . TRP A 1 45  ? 0.716   14.668  6.624   1.00 13.83 ? 45   TRP A CD1 1 
ATOM   381  C  CD2 . TRP A 1 45  ? 1.106   15.086  8.791   1.00 13.86 ? 45   TRP A CD2 1 
ATOM   382  N  NE1 . TRP A 1 45  ? -0.083  13.829  7.362   1.00 13.85 ? 45   TRP A NE1 1 
ATOM   383  C  CE2 . TRP A 1 45  ? 0.136   14.062  8.694   1.00 13.97 ? 45   TRP A CE2 1 
ATOM   384  C  CE3 . TRP A 1 45  ? 1.511   15.520  10.061  1.00 12.97 ? 45   TRP A CE3 1 
ATOM   385  C  CZ2 . TRP A 1 45  ? -0.436  13.464  9.821   1.00 13.79 ? 45   TRP A CZ2 1 
ATOM   386  C  CZ3 . TRP A 1 45  ? 0.942   14.925  11.182  1.00 14.63 ? 45   TRP A CZ3 1 
ATOM   387  C  CH2 . TRP A 1 45  ? -0.022  13.907  11.051  1.00 16.23 ? 45   TRP A CH2 1 
ATOM   388  N  N   . GLY A 1 46  ? 2.969   19.567  5.716   1.00 15.31 ? 46   GLY A N   1 
ATOM   389  C  CA  . GLY A 1 46  ? 3.879   20.699  5.740   1.00 14.80 ? 46   GLY A CA  1 
ATOM   390  C  C   . GLY A 1 46  ? 5.327   20.288  5.516   1.00 16.78 ? 46   GLY A C   1 
ATOM   391  O  O   . GLY A 1 46  ? 6.148   21.089  5.081   1.00 18.07 ? 46   GLY A O   1 
ATOM   392  N  N   . ASP A 1 47  ? 5.648   19.037  5.821   1.00 16.25 ? 47   ASP A N   1 
ATOM   393  C  CA  . ASP A 1 47  ? 7.006   18.533  5.644   1.00 16.77 ? 47   ASP A CA  1 
ATOM   394  C  C   . ASP A 1 47  ? 6.972   17.010  5.610   1.00 15.52 ? 47   ASP A C   1 
ATOM   395  O  O   . ASP A 1 47  ? 6.345   16.380  6.463   1.00 14.79 ? 47   ASP A O   1 
ATOM   396  C  CB  . ASP A 1 47  ? 7.907   19.021  6.787   1.00 16.35 ? 47   ASP A CB  1 
ATOM   397  C  CG  . ASP A 1 47  ? 9.349   18.559  6.635   1.00 19.33 ? 47   ASP A CG  1 
ATOM   398  O  OD1 . ASP A 1 47  ? 9.686   17.462  7.117   1.00 18.40 ? 47   ASP A OD1 1 
ATOM   399  O  OD2 . ASP A 1 47  ? 10.148  19.288  6.017   1.00 23.67 ? 47   ASP A OD2 1 
ATOM   400  N  N   . LYS A 1 48  ? 7.643   16.426  4.618   1.00 14.96 ? 48   LYS A N   1 
ATOM   401  C  CA  . LYS A 1 48  ? 7.674   14.977  4.451   1.00 13.27 ? 48   LYS A CA  1 
ATOM   402  C  C   . LYS A 1 48  ? 8.393   14.232  5.567   1.00 12.60 ? 48   LYS A C   1 
ATOM   403  O  O   . LYS A 1 48  ? 7.861   13.273  6.111   1.00 13.90 ? 48   LYS A O   1 
ATOM   404  C  CB  . LYS A 1 48  ? 8.302   14.613  3.102   1.00 15.24 ? 48   LYS A CB  1 
ATOM   405  C  CG  . LYS A 1 48  ? 8.313   13.113  2.798   1.00 14.10 ? 48   LYS A CG  1 
ATOM   406  C  CD  . LYS A 1 48  ? 9.636   12.465  3.186   1.00 16.26 ? 48   LYS A CD  1 
ATOM   407  C  CE  . LYS A 1 48  ? 10.777  12.969  2.309   1.00 16.29 ? 48   LYS A CE  1 
ATOM   408  N  NZ  . LYS A 1 48  ? 12.062  12.268  2.596   1.00 16.21 ? 48   LYS A NZ  1 
ATOM   409  N  N   . ASP A 1 49  ? 9.604   14.662  5.905   1.00 13.62 ? 49   ASP A N   1 
ATOM   410  C  CA  . ASP A 1 49  ? 10.351  14.001  6.969   1.00 14.30 ? 49   ASP A CA  1 
ATOM   411  C  C   . ASP A 1 49  ? 9.646   14.123  8.310   1.00 13.51 ? 49   ASP A C   1 
ATOM   412  O  O   . ASP A 1 49  ? 9.703   13.204  9.128   1.00 13.50 ? 49   ASP A O   1 
ATOM   413  C  CB  . ASP A 1 49  ? 11.766  14.574  7.055   1.00 14.40 ? 49   ASP A CB  1 
ATOM   414  C  CG  . ASP A 1 49  ? 12.684  14.002  5.987   1.00 19.59 ? 49   ASP A CG  1 
ATOM   415  O  OD1 . ASP A 1 49  ? 13.830  14.480  5.858   1.00 20.15 ? 49   ASP A OD1 1 
ATOM   416  O  OD2 . ASP A 1 49  ? 12.256  13.064  5.282   1.00 20.29 ? 49   ASP A OD2 1 
ATOM   417  N  N   . TYR A 1 50  ? 8.981   15.250  8.544   1.00 13.11 ? 50   TYR A N   1 
ATOM   418  C  CA  . TYR A 1 50  ? 8.257   15.422  9.797   1.00 12.66 ? 50   TYR A CA  1 
ATOM   419  C  C   . TYR A 1 50  ? 7.172   14.358  9.888   1.00 12.21 ? 50   TYR A C   1 
ATOM   420  O  O   . TYR A 1 50  ? 6.978   13.757  10.948  1.00 14.18 ? 50   TYR A O   1 
ATOM   421  C  CB  . TYR A 1 50  ? 7.616   16.811  9.894   1.00 12.18 ? 50   TYR A CB  1 
ATOM   422  C  CG  . TYR A 1 50  ? 6.737   16.962  11.120  1.00 11.54 ? 50   TYR A CG  1 
ATOM   423  C  CD1 . TYR A 1 50  ? 5.400   16.560  11.102  1.00 10.94 ? 50   TYR A CD1 1 
ATOM   424  C  CD2 . TYR A 1 50  ? 7.262   17.441  12.318  1.00 11.97 ? 50   TYR A CD2 1 
ATOM   425  C  CE1 . TYR A 1 50  ? 4.608   16.626  12.254  1.00 10.95 ? 50   TYR A CE1 1 
ATOM   426  C  CE2 . TYR A 1 50  ? 6.485   17.511  13.471  1.00 13.28 ? 50   TYR A CE2 1 
ATOM   427  C  CZ  . TYR A 1 50  ? 5.160   17.101  13.434  1.00 12.76 ? 50   TYR A CZ  1 
ATOM   428  O  OH  . TYR A 1 50  ? 4.398   17.148  14.582  1.00 12.50 ? 50   TYR A OH  1 
ATOM   429  N  N   . TYR A 1 51  ? 6.466   14.118  8.782   1.00 13.09 ? 51   TYR A N   1 
ATOM   430  C  CA  . TYR A 1 51  ? 5.407   13.107  8.778   1.00 11.36 ? 51   TYR A CA  1 
ATOM   431  C  C   . TYR A 1 51  ? 5.986   11.729  9.078   1.00 12.47 ? 51   TYR A C   1 
ATOM   432  O  O   . TYR A 1 51  ? 5.459   10.993  9.914   1.00 12.01 ? 51   TYR A O   1 
ATOM   433  C  CB  . TYR A 1 51  ? 4.676   13.069  7.426   1.00 11.20 ? 51   TYR A CB  1 
ATOM   434  C  CG  . TYR A 1 51  ? 3.725   11.888  7.302   1.00 10.94 ? 51   TYR A CG  1 
ATOM   435  C  CD1 . TYR A 1 51  ? 2.649   11.744  8.176   1.00 10.58 ? 51   TYR A CD1 1 
ATOM   436  C  CD2 . TYR A 1 51  ? 3.926   10.900  6.335   1.00 10.77 ? 51   TYR A CD2 1 
ATOM   437  C  CE1 . TYR A 1 51  ? 1.795   10.646  8.098   1.00 11.70 ? 51   TYR A CE1 1 
ATOM   438  C  CE2 . TYR A 1 51  ? 3.079   9.791   6.245   1.00 10.78 ? 51   TYR A CE2 1 
ATOM   439  C  CZ  . TYR A 1 51  ? 2.015   9.672   7.131   1.00 12.24 ? 51   TYR A CZ  1 
ATOM   440  O  OH  . TYR A 1 51  ? 1.171   8.583   7.058   1.00 11.78 ? 51   TYR A OH  1 
ATOM   441  N  N   . LEU A 1 52  ? 7.073   11.377  8.399   1.00 13.07 ? 52   LEU A N   1 
ATOM   442  C  CA  . LEU A 1 52  ? 7.696   10.078  8.622   1.00 13.56 ? 52   LEU A CA  1 
ATOM   443  C  C   . LEU A 1 52  ? 8.196   9.931   10.057  1.00 13.96 ? 52   LEU A C   1 
ATOM   444  O  O   . LEU A 1 52  ? 8.069   8.859   10.653  1.00 14.51 ? 52   LEU A O   1 
ATOM   445  C  CB  . LEU A 1 52  ? 8.847   9.862   7.634   1.00 14.05 ? 52   LEU A CB  1 
ATOM   446  C  CG  . LEU A 1 52  ? 8.447   9.763   6.154   1.00 14.15 ? 52   LEU A CG  1 
ATOM   447  C  CD1 . LEU A 1 52  ? 9.698   9.611   5.287   1.00 13.26 ? 52   LEU A CD1 1 
ATOM   448  C  CD2 . LEU A 1 52  ? 7.509   8.574   5.945   1.00 12.30 ? 52   LEU A CD2 1 
ATOM   449  N  N   . SER A 1 53  ? 8.752   11.001  10.618  1.00 14.16 ? 53   SER A N   1 
ATOM   450  C  CA  . SER A 1 53  ? 9.258   10.947  11.986  1.00 16.32 ? 53   SER A CA  1 
ATOM   451  C  C   . SER A 1 53  ? 8.109   10.775  12.970  1.00 16.01 ? 53   SER A C   1 
ATOM   452  O  O   . SER A 1 53  ? 8.273   10.169  14.026  1.00 17.22 ? 53   SER A O   1 
ATOM   453  C  CB  . SER A 1 53  ? 10.032  12.221  12.334  1.00 18.37 ? 53   SER A CB  1 
ATOM   454  O  OG  . SER A 1 53  ? 9.155   13.319  12.520  1.00 23.16 ? 53   SER A OG  1 
ATOM   455  N  N   . ILE A 1 54  ? 6.947   11.316  12.616  1.00 16.61 ? 54   ILE A N   1 
ATOM   456  C  CA  . ILE A 1 54  ? 5.764   11.224  13.467  1.00 16.35 ? 54   ILE A CA  1 
ATOM   457  C  C   . ILE A 1 54  ? 5.247   9.788   13.540  1.00 15.18 ? 54   ILE A C   1 
ATOM   458  O  O   . ILE A 1 54  ? 4.694   9.365   14.556  1.00 16.56 ? 54   ILE A O   1 
ATOM   459  C  CB  . ILE A 1 54  ? 4.664   12.196  12.958  1.00 18.25 ? 54   ILE A CB  1 
ATOM   460  C  CG1 . ILE A 1 54  ? 4.435   13.273  14.014  1.00 20.70 ? 54   ILE A CG1 1 
ATOM   461  C  CG2 . ILE A 1 54  ? 3.377   11.454  12.613  1.00 17.59 ? 54   ILE A CG2 1 
ATOM   462  C  CD1 . ILE A 1 54  ? 5.704   13.975  14.432  1.00 17.69 ? 54   ILE A CD1 1 
ATOM   463  N  N   . LEU A 1 55  ? 5.428   9.036   12.463  1.00 12.78 ? 55   LEU A N   1 
ATOM   464  C  CA  . LEU A 1 55  ? 5.000   7.647   12.457  1.00 11.79 ? 55   LEU A CA  1 
ATOM   465  C  C   . LEU A 1 55  ? 5.904   6.894   13.435  1.00 12.89 ? 55   LEU A C   1 
ATOM   466  O  O   . LEU A 1 55  ? 5.435   6.086   14.240  1.00 13.25 ? 55   LEU A O   1 
ATOM   467  C  CB  . LEU A 1 55  ? 5.127   7.058   11.050  1.00 12.04 ? 55   LEU A CB  1 
ATOM   468  C  CG  . LEU A 1 55  ? 4.173   7.631   9.998   1.00 12.29 ? 55   LEU A CG  1 
ATOM   469  C  CD1 . LEU A 1 55  ? 4.444   6.998   8.634   1.00 11.04 ? 55   LEU A CD1 1 
ATOM   470  C  CD2 . LEU A 1 55  ? 2.734   7.366   10.432  1.00 11.13 ? 55   LEU A CD2 1 
ATOM   471  N  N   . LYS A 1 56  ? 7.203   7.182   13.369  1.00 11.29 ? 56   LYS A N   1 
ATOM   472  C  CA  . LYS A 1 56  ? 8.177   6.550   14.253  1.00 13.82 ? 56   LYS A CA  1 
ATOM   473  C  C   . LYS A 1 56  ? 7.952   6.965   15.698  1.00 13.05 ? 56   LYS A C   1 
ATOM   474  O  O   . LYS A 1 56  ? 8.036   6.140   16.608  1.00 12.97 ? 56   LYS A O   1 
ATOM   475  C  CB  . LYS A 1 56  ? 9.603   6.934   13.854  1.00 15.19 ? 56   LYS A CB  1 
ATOM   476  C  CG  . LYS A 1 56  ? 10.107  6.289   12.576  1.00 17.97 ? 56   LYS A CG  1 
ATOM   477  C  CD  . LYS A 1 56  ? 11.565  6.655   12.336  1.00 19.34 ? 56   LYS A CD  1 
ATOM   478  C  CE  . LYS A 1 56  ? 12.160  5.836   11.203  1.00 22.72 ? 56   LYS A CE  1 
ATOM   479  N  NZ  . LYS A 1 56  ? 13.603  6.146   11.008  1.00 21.71 ? 56   LYS A NZ  1 
ATOM   480  N  N   . LYS A 1 57  ? 7.680   8.249   15.901  1.00 12.06 ? 57   LYS A N   1 
ATOM   481  C  CA  . LYS A 1 57  ? 7.448   8.780   17.242  1.00 13.10 ? 57   LYS A CA  1 
ATOM   482  C  C   . LYS A 1 57  ? 6.313   8.021   17.920  1.00 13.27 ? 57   LYS A C   1 
ATOM   483  O  O   . LYS A 1 57  ? 6.372   7.718   19.115  1.00 11.89 ? 57   LYS A O   1 
ATOM   484  C  CB  . LYS A 1 57  ? 7.092   10.267  17.163  1.00 13.16 ? 57   LYS A CB  1 
ATOM   485  C  CG  . LYS A 1 57  ? 6.949   10.950  18.515  1.00 15.03 ? 57   LYS A CG  1 
ATOM   486  C  CD  . LYS A 1 57  ? 6.402   12.368  18.369  1.00 15.46 ? 57   LYS A CD  1 
ATOM   487  C  CE  . LYS A 1 57  ? 4.955   12.341  17.896  1.00 15.31 ? 57   LYS A CE  1 
ATOM   488  N  NZ  . LYS A 1 57  ? 4.316   13.690  17.912  1.00 14.51 ? 57   LYS A NZ  1 
ATOM   489  N  N   . ASN A 1 58  ? 5.281   7.712   17.139  1.00 12.13 ? 58   ASN A N   1 
ATOM   490  C  CA  . ASN A 1 58  ? 4.124   6.989   17.644  1.00 14.58 ? 58   ASN A CA  1 
ATOM   491  C  C   . ASN A 1 58  ? 4.246   5.457   17.594  1.00 15.55 ? 58   ASN A C   1 
ATOM   492  O  O   . ASN A 1 58  ? 3.245   4.740   17.573  1.00 14.77 ? 58   ASN A O   1 
ATOM   493  C  CB  . ASN A 1 58  ? 2.872   7.469   16.905  1.00 14.17 ? 58   ASN A CB  1 
ATOM   494  C  CG  . ASN A 1 58  ? 2.505   8.898   17.272  1.00 14.80 ? 58   ASN A CG  1 
ATOM   495  O  OD1 . ASN A 1 58  ? 2.586   9.813   16.451  1.00 16.90 ? 58   ASN A OD1 1 
ATOM   496  N  ND2 . ASN A 1 58  ? 2.114   9.095   18.522  1.00 13.43 ? 58   ASN A ND2 1 
ATOM   497  N  N   . GLY A 1 59  ? 5.481   4.966   17.574  1.00 15.42 ? 59   GLY A N   1 
ATOM   498  C  CA  . GLY A 1 59  ? 5.723   3.529   17.589  1.00 16.06 ? 59   GLY A CA  1 
ATOM   499  C  C   . GLY A 1 59  ? 5.473   2.695   16.347  1.00 16.91 ? 59   GLY A C   1 
ATOM   500  O  O   . GLY A 1 59  ? 5.355   1.473   16.436  1.00 17.67 ? 59   GLY A O   1 
ATOM   501  N  N   . LEU A 1 60  ? 5.388   3.330   15.189  1.00 16.28 ? 60   LEU A N   1 
ATOM   502  C  CA  . LEU A 1 60  ? 5.165   2.590   13.960  1.00 16.24 ? 60   LEU A CA  1 
ATOM   503  C  C   . LEU A 1 60  ? 6.453   2.609   13.149  1.00 17.56 ? 60   LEU A C   1 
ATOM   504  O  O   . LEU A 1 60  ? 7.212   3.577   13.205  1.00 20.52 ? 60   LEU A O   1 
ATOM   505  C  CB  . LEU A 1 60  ? 4.020   3.212   13.157  1.00 13.56 ? 60   LEU A CB  1 
ATOM   506  C  CG  . LEU A 1 60  ? 2.645   3.192   13.836  1.00 16.46 ? 60   LEU A CG  1 
ATOM   507  C  CD1 . LEU A 1 60  ? 1.605   3.801   12.902  1.00 16.37 ? 60   LEU A CD1 1 
ATOM   508  C  CD2 . LEU A 1 60  ? 2.261   1.759   14.203  1.00 14.89 ? 60   LEU A CD2 1 
ATOM   509  N  N   . GLN A 1 61  ? 6.705   1.530   12.417  1.00 17.20 ? 61   GLN A N   1 
ATOM   510  C  CA  . GLN A 1 61  ? 7.904   1.418   11.592  1.00 18.25 ? 61   GLN A CA  1 
ATOM   511  C  C   . GLN A 1 61  ? 7.508   1.734   10.154  1.00 15.96 ? 61   GLN A C   1 
ATOM   512  O  O   . GLN A 1 61  ? 6.753   0.990   9.532   1.00 15.39 ? 61   GLN A O   1 
ATOM   513  C  CB  . GLN A 1 61  ? 8.460   -0.002  11.703  1.00 20.27 ? 61   GLN A CB  1 
ATOM   514  C  CG  . GLN A 1 61  ? 8.744   -0.409  13.142  1.00 28.53 ? 61   GLN A CG  1 
ATOM   515  C  CD  . GLN A 1 61  ? 8.883   -1.907  13.323  1.00 32.56 ? 61   GLN A CD  1 
ATOM   516  O  OE1 . GLN A 1 61  ? 7.955   -2.667  13.044  1.00 37.30 ? 61   GLN A OE1 1 
ATOM   517  N  NE2 . GLN A 1 61  ? 10.045  -2.340  13.797  1.00 36.89 ? 61   GLN A NE2 1 
ATOM   518  N  N   . PRO A 1 62  ? 8.005   2.857   9.613   1.00 14.45 ? 62   PRO A N   1 
ATOM   519  C  CA  . PRO A 1 62  ? 7.661   3.229   8.242   1.00 13.87 ? 62   PRO A CA  1 
ATOM   520  C  C   . PRO A 1 62  ? 8.726   2.969   7.186   1.00 13.84 ? 62   PRO A C   1 
ATOM   521  O  O   . PRO A 1 62  ? 9.919   2.896   7.482   1.00 13.76 ? 62   PRO A O   1 
ATOM   522  C  CB  . PRO A 1 62  ? 7.390   4.713   8.372   1.00 15.12 ? 62   PRO A CB  1 
ATOM   523  C  CG  . PRO A 1 62  ? 8.526   5.134   9.287   1.00 14.79 ? 62   PRO A CG  1 
ATOM   524  C  CD  . PRO A 1 62  ? 8.584   4.009   10.333  1.00 15.78 ? 62   PRO A CD  1 
ATOM   525  N  N   . LEU A 1 63  ? 8.267   2.830   5.946   1.00 11.95 ? 63   LEU A N   1 
ATOM   526  C  CA  . LEU A 1 63  ? 9.156   2.667   4.803   1.00 12.11 ? 63   LEU A CA  1 
ATOM   527  C  C   . LEU A 1 63  ? 8.514   3.543   3.735   1.00 10.62 ? 63   LEU A C   1 
ATOM   528  O  O   . LEU A 1 63  ? 7.343   3.369   3.403   1.00 10.14 ? 63   LEU A O   1 
ATOM   529  C  CB  . LEU A 1 63  ? 9.236   1.212   4.312   1.00 12.59 ? 63   LEU A CB  1 
ATOM   530  C  CG  . LEU A 1 63  ? 10.267  1.047   3.174   1.00 12.15 ? 63   LEU A CG  1 
ATOM   531  C  CD1 . LEU A 1 63  ? 11.665  1.376   3.692   1.00 13.06 ? 63   LEU A CD1 1 
ATOM   532  C  CD2 . LEU A 1 63  ? 10.239  -0.369  2.624   1.00 13.97 ? 63   LEU A CD2 1 
ATOM   533  N  N   . HIS A 1 64  ? 9.267   4.508   3.229   1.00 10.04 ? 64   HIS A N   1 
ATOM   534  C  CA  . HIS A 1 64  ? 8.740   5.406   2.211   1.00 11.02 ? 64   HIS A CA  1 
ATOM   535  C  C   . HIS A 1 64  ? 9.147   4.938   0.817   1.00 11.06 ? 64   HIS A C   1 
ATOM   536  O  O   . HIS A 1 64  ? 10.330  4.944   0.479   1.00 9.90  ? 64   HIS A O   1 
ATOM   537  C  CB  . HIS A 1 64  ? 9.269   6.827   2.437   1.00 10.40 ? 64   HIS A CB  1 
ATOM   538  C  CG  . HIS A 1 64  ? 8.623   7.863   1.567   1.00 11.10 ? 64   HIS A CG  1 
ATOM   539  N  ND1 . HIS A 1 64  ? 9.189   9.100   1.337   1.00 11.51 ? 64   HIS A ND1 1 
ATOM   540  C  CD2 . HIS A 1 64  ? 7.452   7.853   0.887   1.00 9.88  ? 64   HIS A CD2 1 
ATOM   541  C  CE1 . HIS A 1 64  ? 8.395   9.806   0.551   1.00 13.42 ? 64   HIS A CE1 1 
ATOM   542  N  NE2 . HIS A 1 64  ? 7.333   9.072   0.264   1.00 12.55 ? 64   HIS A NE2 1 
ATOM   543  N  N   . ILE A 1 65  ? 8.166   4.516   0.021   1.00 10.42 ? 65   ILE A N   1 
ATOM   544  C  CA  . ILE A 1 65  ? 8.421   4.085   -1.352  1.00 12.24 ? 65   ILE A CA  1 
ATOM   545  C  C   . ILE A 1 65  ? 7.476   4.902   -2.243  1.00 12.23 ? 65   ILE A C   1 
ATOM   546  O  O   . ILE A 1 65  ? 6.368   4.465   -2.567  1.00 11.60 ? 65   ILE A O   1 
ATOM   547  C  CB  . ILE A 1 65  ? 8.147   2.577   -1.541  1.00 13.63 ? 65   ILE A CB  1 
ATOM   548  C  CG1 . ILE A 1 65  ? 8.925   1.765   -0.496  1.00 12.64 ? 65   ILE A CG1 1 
ATOM   549  C  CG2 . ILE A 1 65  ? 8.575   2.154   -2.940  1.00 12.54 ? 65   ILE A CG2 1 
ATOM   550  C  CD1 . ILE A 1 65  ? 10.437  1.925   -0.572  1.00 15.17 ? 65   ILE A CD1 1 
ATOM   551  N  N   . PRO A 1 66  ? 7.918   6.107   -2.648  1.00 12.86 ? 66   PRO A N   1 
ATOM   552  C  CA  . PRO A 1 66  ? 7.198   7.076   -3.489  1.00 12.56 ? 66   PRO A CA  1 
ATOM   553  C  C   . PRO A 1 66  ? 6.774   6.566   -4.856  1.00 12.89 ? 66   PRO A C   1 
ATOM   554  O  O   . PRO A 1 66  ? 7.622   6.251   -5.694  1.00 12.95 ? 66   PRO A O   1 
ATOM   555  C  CB  . PRO A 1 66  ? 8.188   8.239   -3.636  1.00 13.79 ? 66   PRO A CB  1 
ATOM   556  C  CG  . PRO A 1 66  ? 9.234   7.995   -2.592  1.00 16.08 ? 66   PRO A CG  1 
ATOM   557  C  CD  . PRO A 1 66  ? 9.325   6.509   -2.493  1.00 13.36 ? 66   PRO A CD  1 
ATOM   558  N  N   . ILE A 1 67  ? 5.466   6.504   -5.079  1.00 12.39 ? 67   ILE A N   1 
ATOM   559  C  CA  . ILE A 1 67  ? 4.914   6.064   -6.363  1.00 13.84 ? 67   ILE A CA  1 
ATOM   560  C  C   . ILE A 1 67  ? 4.071   7.218   -6.904  1.00 13.46 ? 67   ILE A C   1 
ATOM   561  O  O   . ILE A 1 67  ? 3.253   7.784   -6.174  1.00 11.50 ? 67   ILE A O   1 
ATOM   562  C  CB  . ILE A 1 67  ? 3.986   4.842   -6.196  1.00 14.94 ? 67   ILE A CB  1 
ATOM   563  C  CG1 . ILE A 1 67  ? 4.752   3.675   -5.567  1.00 16.80 ? 67   ILE A CG1 1 
ATOM   564  C  CG2 . ILE A 1 67  ? 3.387   4.461   -7.536  1.00 15.09 ? 67   ILE A CG2 1 
ATOM   565  C  CD1 . ILE A 1 67  ? 6.056   3.343   -6.261  1.00 23.17 ? 67   ILE A CD1 1 
ATOM   566  N  N   . PRO A 1 68  ? 4.266   7.593   -8.183  1.00 13.43 ? 68   PRO A N   1 
ATOM   567  C  CA  . PRO A 1 68  ? 3.480   8.693   -8.755  1.00 12.61 ? 68   PRO A CA  1 
ATOM   568  C  C   . PRO A 1 68  ? 1.987   8.391   -8.648  1.00 13.01 ? 68   PRO A C   1 
ATOM   569  O  O   . PRO A 1 68  ? 1.563   7.244   -8.830  1.00 14.19 ? 68   PRO A O   1 
ATOM   570  C  CB  . PRO A 1 68  ? 3.948   8.736   -10.211 1.00 14.45 ? 68   PRO A CB  1 
ATOM   571  C  CG  . PRO A 1 68  ? 5.365   8.220   -10.133 1.00 15.60 ? 68   PRO A CG  1 
ATOM   572  C  CD  . PRO A 1 68  ? 5.226   7.063   -9.170  1.00 13.63 ? 68   PRO A CD  1 
ATOM   573  N  N   . ASP A 1 69  ? 1.196   9.420   -8.358  1.00 11.54 ? 69   ASP A N   1 
ATOM   574  C  CA  . ASP A 1 69  ? -0.245  9.259   -8.226  1.00 12.84 ? 69   ASP A CA  1 
ATOM   575  C  C   . ASP A 1 69  ? -0.802  8.681   -9.520  1.00 13.61 ? 69   ASP A C   1 
ATOM   576  O  O   . ASP A 1 69  ? -0.487  9.168   -10.613 1.00 13.89 ? 69   ASP A O   1 
ATOM   577  C  CB  . ASP A 1 69  ? -0.899  10.611  -7.919  1.00 13.38 ? 69   ASP A CB  1 
ATOM   578  C  CG  . ASP A 1 69  ? -2.332  10.474  -7.437  1.00 14.33 ? 69   ASP A CG  1 
ATOM   579  O  OD1 . ASP A 1 69  ? -2.813  9.331   -7.291  1.00 15.87 ? 69   ASP A OD1 1 
ATOM   580  O  OD2 . ASP A 1 69  ? -2.978  11.514  -7.196  1.00 16.74 ? 69   ASP A OD2 1 
ATOM   581  N  N   . GLY A 1 70  ? -1.616  7.635   -9.389  1.00 12.67 ? 70   GLY A N   1 
ATOM   582  C  CA  . GLY A 1 70  ? -2.201  6.985   -10.551 1.00 11.50 ? 70   GLY A CA  1 
ATOM   583  C  C   . GLY A 1 70  ? -1.198  6.089   -11.255 1.00 11.26 ? 70   GLY A C   1 
ATOM   584  O  O   . GLY A 1 70  ? -1.501  5.483   -12.287 1.00 10.70 ? 70   GLY A O   1 
ATOM   585  N  N   . GLY A 1 71  ? 0.001   6.002   -10.688 1.00 10.07 ? 71   GLY A N   1 
ATOM   586  C  CA  . GLY A 1 71  ? 1.052   5.196   -11.277 1.00 9.83  ? 71   GLY A CA  1 
ATOM   587  C  C   . GLY A 1 71  ? 1.330   3.888   -10.563 1.00 11.15 ? 71   GLY A C   1 
ATOM   588  O  O   . GLY A 1 71  ? 0.543   3.432   -9.732  1.00 9.34  ? 71   GLY A O   1 
ATOM   589  N  N   . VAL A 1 72  ? 2.469   3.286   -10.894 1.00 12.97 ? 72   VAL A N   1 
ATOM   590  C  CA  . VAL A 1 72  ? 2.870   2.012   -10.316 1.00 12.34 ? 72   VAL A CA  1 
ATOM   591  C  C   . VAL A 1 72  ? 4.335   2.050   -9.912  1.00 13.21 ? 72   VAL A C   1 
ATOM   592  O  O   . VAL A 1 72  ? 5.084   2.932   -10.333 1.00 11.65 ? 72   VAL A O   1 
ATOM   593  C  CB  . VAL A 1 72  ? 2.685   0.857   -11.326 1.00 13.79 ? 72   VAL A CB  1 
ATOM   594  C  CG1 . VAL A 1 72  ? 1.221   0.769   -11.759 1.00 13.14 ? 72   VAL A CG1 1 
ATOM   595  C  CG2 . VAL A 1 72  ? 3.591   1.076   -12.539 1.00 11.30 ? 72   VAL A CG2 1 
ATOM   596  N  N   . PRO A 1 73  ? 4.758   1.090   -9.081  1.00 12.51 ? 73   PRO A N   1 
ATOM   597  C  CA  . PRO A 1 73  ? 6.153   1.033   -8.637  1.00 13.20 ? 73   PRO A CA  1 
ATOM   598  C  C   . PRO A 1 73  ? 7.035   0.482   -9.743  1.00 12.82 ? 73   PRO A C   1 
ATOM   599  O  O   . PRO A 1 73  ? 6.562   -0.262  -10.609 1.00 11.20 ? 73   PRO A O   1 
ATOM   600  C  CB  . PRO A 1 73  ? 6.092   0.083   -7.447  1.00 11.77 ? 73   PRO A CB  1 
ATOM   601  C  CG  . PRO A 1 73  ? 5.025   -0.898  -7.886  1.00 11.97 ? 73   PRO A CG  1 
ATOM   602  C  CD  . PRO A 1 73  ? 3.956   0.032   -8.440  1.00 13.15 ? 73   PRO A CD  1 
ATOM   603  N  N   . SER A 1 74  ? 8.310   0.859   -9.720  1.00 12.30 ? 74   SER A N   1 
ATOM   604  C  CA  . SER A 1 74  ? 9.259   0.352   -10.694 1.00 11.55 ? 74   SER A CA  1 
ATOM   605  C  C   . SER A 1 74  ? 9.532   -1.065  -10.219 1.00 12.01 ? 74   SER A C   1 
ATOM   606  O  O   . SER A 1 74  ? 9.106   -1.441  -9.128  1.00 9.99  ? 74   SER A O   1 
ATOM   607  C  CB  . SER A 1 74  ? 10.557  1.163   -10.659 1.00 11.55 ? 74   SER A CB  1 
ATOM   608  O  OG  . SER A 1 74  ? 11.168  1.092   -9.379  1.00 10.12 ? 74   SER A OG  1 
ATOM   609  N  N   . ASP A 1 75  ? 10.236  -1.852  -11.021 1.00 12.54 ? 75   ASP A N   1 
ATOM   610  C  CA  . ASP A 1 75  ? 10.541  -3.212  -10.613 1.00 14.44 ? 75   ASP A CA  1 
ATOM   611  C  C   . ASP A 1 75  ? 11.357  -3.211  -9.325  1.00 12.36 ? 75   ASP A C   1 
ATOM   612  O  O   . ASP A 1 75  ? 11.142  -4.045  -8.448  1.00 10.91 ? 75   ASP A O   1 
ATOM   613  C  CB  . ASP A 1 75  ? 11.311  -3.953  -11.708 1.00 14.83 ? 75   ASP A CB  1 
ATOM   614  C  CG  . ASP A 1 75  ? 10.415  -4.427  -12.822 1.00 17.65 ? 75   ASP A CG  1 
ATOM   615  O  OD1 . ASP A 1 75  ? 9.177   -4.404  -12.639 1.00 16.38 ? 75   ASP A OD1 1 
ATOM   616  O  OD2 . ASP A 1 75  ? 10.946  -4.834  -13.873 1.00 17.07 ? 75   ASP A OD2 1 
ATOM   617  N  N   . SER A 1 76  ? 12.299  -2.277  -9.221  1.00 12.82 ? 76   SER A N   1 
ATOM   618  C  CA  . SER A 1 76  ? 13.145  -2.179  -8.033  1.00 11.45 ? 76   SER A CA  1 
ATOM   619  C  C   . SER A 1 76  ? 12.312  -1.845  -6.802  1.00 11.28 ? 76   SER A C   1 
ATOM   620  O  O   . SER A 1 76  ? 12.514  -2.418  -5.731  1.00 11.21 ? 76   SER A O   1 
ATOM   621  C  CB  . SER A 1 76  ? 14.225  -1.115  -8.233  1.00 12.72 ? 76   SER A CB  1 
ATOM   622  O  OG  . SER A 1 76  ? 15.186  -1.529  -9.190  1.00 13.22 ? 76   SER A OG  1 
ATOM   623  N  N   . GLN A 1 77  ? 11.378  -0.914  -6.957  1.00 10.71 ? 77   GLN A N   1 
ATOM   624  C  CA  . GLN A 1 77  ? 10.509  -0.527  -5.851  1.00 11.84 ? 77   GLN A CA  1 
ATOM   625  C  C   . GLN A 1 77  ? 9.580   -1.669  -5.465  1.00 12.76 ? 77   GLN A C   1 
ATOM   626  O  O   . GLN A 1 77  ? 9.329   -1.898  -4.279  1.00 13.55 ? 77   GLN A O   1 
ATOM   627  C  CB  . GLN A 1 77  ? 9.654   0.682   -6.232  1.00 9.56  ? 77   GLN A CB  1 
ATOM   628  C  CG  . GLN A 1 77  ? 10.402  1.997   -6.320  1.00 11.06 ? 77   GLN A CG  1 
ATOM   629  C  CD  . GLN A 1 77  ? 9.463   3.142   -6.647  1.00 13.70 ? 77   GLN A CD  1 
ATOM   630  O  OE1 . GLN A 1 77  ? 8.679   3.064   -7.598  1.00 13.26 ? 77   GLN A OE1 1 
ATOM   631  N  NE2 . GLN A 1 77  ? 9.535   4.208   -5.863  1.00 14.00 ? 77   GLN A NE2 1 
ATOM   632  N  N   . PHE A 1 78  ? 9.064   -2.388  -6.460  1.00 12.63 ? 78   PHE A N   1 
ATOM   633  C  CA  . PHE A 1 78  ? 8.148   -3.483  -6.162  1.00 12.96 ? 78   PHE A CA  1 
ATOM   634  C  C   . PHE A 1 78  ? 8.842   -4.610  -5.414  1.00 13.80 ? 78   PHE A C   1 
ATOM   635  O  O   . PHE A 1 78  ? 8.259   -5.202  -4.499  1.00 13.33 ? 78   PHE A O   1 
ATOM   636  C  CB  . PHE A 1 78  ? 7.495   -4.031  -7.434  1.00 13.95 ? 78   PHE A CB  1 
ATOM   637  C  CG  . PHE A 1 78  ? 6.425   -5.054  -7.162  1.00 14.42 ? 78   PHE A CG  1 
ATOM   638  C  CD1 . PHE A 1 78  ? 5.370   -4.758  -6.301  1.00 13.59 ? 78   PHE A CD1 1 
ATOM   639  C  CD2 . PHE A 1 78  ? 6.479   -6.315  -7.749  1.00 14.36 ? 78   PHE A CD2 1 
ATOM   640  C  CE1 . PHE A 1 78  ? 4.383   -5.703  -6.025  1.00 14.87 ? 78   PHE A CE1 1 
ATOM   641  C  CE2 . PHE A 1 78  ? 5.498   -7.270  -7.482  1.00 15.82 ? 78   PHE A CE2 1 
ATOM   642  C  CZ  . PHE A 1 78  ? 4.447   -6.964  -6.618  1.00 16.11 ? 78   PHE A CZ  1 
ATOM   643  N  N   . LEU A 1 79  ? 10.077  -4.919  -5.795  1.00 13.50 ? 79   LEU A N   1 
ATOM   644  C  CA  . LEU A 1 79  ? 10.814  -5.975  -5.102  1.00 14.64 ? 79   LEU A CA  1 
ATOM   645  C  C   . LEU A 1 79  ? 10.997  -5.544  -3.648  1.00 13.71 ? 79   LEU A C   1 
ATOM   646  O  O   . LEU A 1 79  ? 10.817  -6.336  -2.719  1.00 13.21 ? 79   LEU A O   1 
ATOM   647  C  CB  . LEU A 1 79  ? 12.191  -6.198  -5.744  1.00 15.97 ? 79   LEU A CB  1 
ATOM   648  C  CG  . LEU A 1 79  ? 13.099  -7.193  -5.006  1.00 17.57 ? 79   LEU A CG  1 
ATOM   649  C  CD1 . LEU A 1 79  ? 12.458  -8.574  -5.021  1.00 15.53 ? 79   LEU A CD1 1 
ATOM   650  C  CD2 . LEU A 1 79  ? 14.480  -7.238  -5.654  1.00 15.99 ? 79   LEU A CD2 1 
ATOM   651  N  N   . THR A 1 80  ? 11.354  -4.275  -3.466  1.00 13.62 ? 80   THR A N   1 
ATOM   652  C  CA  . THR A 1 80  ? 11.567  -3.706  -2.137  1.00 13.26 ? 80   THR A CA  1 
ATOM   653  C  C   . THR A 1 80  ? 10.272  -3.764  -1.337  1.00 12.15 ? 80   THR A C   1 
ATOM   654  O  O   . THR A 1 80  ? 10.267  -4.133  -0.163  1.00 13.17 ? 80   THR A O   1 
ATOM   655  C  CB  . THR A 1 80  ? 12.027  -2.230  -2.226  1.00 12.96 ? 80   THR A CB  1 
ATOM   656  O  OG1 . THR A 1 80  ? 13.263  -2.151  -2.948  1.00 14.57 ? 80   THR A OG1 1 
ATOM   657  C  CG2 . THR A 1 80  ? 12.235  -1.652  -0.836  1.00 13.60 ? 80   THR A CG2 1 
ATOM   658  N  N   . ILE A 1 81  ? 9.174   -3.393  -1.986  1.00 11.86 ? 81   ILE A N   1 
ATOM   659  C  CA  . ILE A 1 81  ? 7.862   -3.405  -1.349  1.00 12.28 ? 81   ILE A CA  1 
ATOM   660  C  C   . ILE A 1 81  ? 7.472   -4.814  -0.894  1.00 12.56 ? 81   ILE A C   1 
ATOM   661  O  O   . ILE A 1 81  ? 7.066   -5.012  0.250   1.00 11.07 ? 81   ILE A O   1 
ATOM   662  C  CB  . ILE A 1 81  ? 6.784   -2.858  -2.314  1.00 11.16 ? 81   ILE A CB  1 
ATOM   663  C  CG1 . ILE A 1 81  ? 6.920   -1.331  -2.421  1.00 11.40 ? 81   ILE A CG1 1 
ATOM   664  C  CG2 . ILE A 1 81  ? 5.398   -3.271  -1.843  1.00 10.50 ? 81   ILE A CG2 1 
ATOM   665  C  CD1 . ILE A 1 81  ? 6.009   -0.687  -3.444  1.00 12.74 ? 81   ILE A CD1 1 
ATOM   666  N  N   . MET A 1 82  ? 7.605   -5.793  -1.783  1.00 12.38 ? 82   MET A N   1 
ATOM   667  C  CA  . MET A 1 82  ? 7.249   -7.165  -1.428  1.00 14.15 ? 82   MET A CA  1 
ATOM   668  C  C   . MET A 1 82  ? 8.138   -7.751  -0.336  1.00 13.28 ? 82   MET A C   1 
ATOM   669  O  O   . MET A 1 82  ? 7.667   -8.516  0.507   1.00 12.98 ? 82   MET A O   1 
ATOM   670  C  CB  . MET A 1 82  ? 7.269   -8.067  -2.666  1.00 14.34 ? 82   MET A CB  1 
ATOM   671  C  CG  . MET A 1 82  ? 6.086   -7.854  -3.608  1.00 16.36 ? 82   MET A CG  1 
ATOM   672  S  SD  . MET A 1 82  ? 4.451   -8.101  -2.819  1.00 17.67 ? 82   MET A SD  1 
ATOM   673  C  CE  . MET A 1 82  ? 3.999   -6.437  -2.453  1.00 25.46 ? 82   MET A CE  1 
ATOM   674  N  N   . LYS A 1 83  ? 9.421   -7.403  -0.339  1.00 13.20 ? 83   LYS A N   1 
ATOM   675  C  CA  . LYS A 1 83  ? 10.314  -7.922  0.686   1.00 13.96 ? 83   LYS A CA  1 
ATOM   676  C  C   . LYS A 1 83  ? 9.973   -7.300  2.033   1.00 14.26 ? 83   LYS A C   1 
ATOM   677  O  O   . LYS A 1 83  ? 10.049  -7.961  3.069   1.00 14.42 ? 83   LYS A O   1 
ATOM   678  C  CB  . LYS A 1 83  ? 11.773  -7.649  0.313   1.00 17.21 ? 83   LYS A CB  1 
ATOM   679  C  CG  . LYS A 1 83  ? 12.298  -8.622  -0.732  1.00 20.79 ? 83   LYS A CG  1 
ATOM   680  C  CD  . LYS A 1 83  ? 13.765  -8.399  -1.033  1.00 26.66 ? 83   LYS A CD  1 
ATOM   681  C  CE  . LYS A 1 83  ? 14.358  -9.619  -1.723  1.00 28.15 ? 83   LYS A CE  1 
ATOM   682  N  NZ  . LYS A 1 83  ? 14.242  -10.823 -0.845  1.00 29.84 ? 83   LYS A NZ  1 
ATOM   683  N  N   . TRP A 1 84  ? 9.593   -6.025  2.011   1.00 13.27 ? 84   TRP A N   1 
ATOM   684  C  CA  . TRP A 1 84  ? 9.207   -5.309  3.222   1.00 13.63 ? 84   TRP A CA  1 
ATOM   685  C  C   . TRP A 1 84  ? 7.924   -5.897  3.810   1.00 13.02 ? 84   TRP A C   1 
ATOM   686  O  O   . TRP A 1 84  ? 7.853   -6.191  5.004   1.00 12.66 ? 84   TRP A O   1 
ATOM   687  C  CB  . TRP A 1 84  ? 9.002   -3.822  2.900   1.00 15.32 ? 84   TRP A CB  1 
ATOM   688  C  CG  . TRP A 1 84  ? 8.208   -3.062  3.927   1.00 18.75 ? 84   TRP A CG  1 
ATOM   689  C  CD1 . TRP A 1 84  ? 6.855   -2.858  3.935   1.00 18.88 ? 84   TRP A CD1 1 
ATOM   690  C  CD2 . TRP A 1 84  ? 8.719   -2.406  5.094   1.00 19.47 ? 84   TRP A CD2 1 
ATOM   691  N  NE1 . TRP A 1 84  ? 6.493   -2.112  5.034   1.00 21.58 ? 84   TRP A NE1 1 
ATOM   692  C  CE2 . TRP A 1 84  ? 7.618   -1.822  5.763   1.00 20.04 ? 84   TRP A CE2 1 
ATOM   693  C  CE3 . TRP A 1 84  ? 10.002  -2.255  5.640   1.00 19.00 ? 84   TRP A CE3 1 
ATOM   694  C  CZ2 . TRP A 1 84  ? 7.760   -1.097  6.951   1.00 19.54 ? 84   TRP A CZ2 1 
ATOM   695  C  CZ3 . TRP A 1 84  ? 10.144  -1.533  6.824   1.00 19.15 ? 84   TRP A CZ3 1 
ATOM   696  C  CH2 . TRP A 1 84  ? 9.027   -0.964  7.466   1.00 20.51 ? 84   TRP A CH2 1 
ATOM   697  N  N   . LEU A 1 85  ? 6.913   -6.075  2.965   1.00 13.09 ? 85   LEU A N   1 
ATOM   698  C  CA  . LEU A 1 85  ? 5.638   -6.626  3.414   1.00 13.12 ? 85   LEU A CA  1 
ATOM   699  C  C   . LEU A 1 85  ? 5.742   -8.072  3.910   1.00 16.00 ? 85   LEU A C   1 
ATOM   700  O  O   . LEU A 1 85  ? 4.983   -8.493  4.782   1.00 15.66 ? 85   LEU A O   1 
ATOM   701  C  CB  . LEU A 1 85  ? 4.607   -6.532  2.287   1.00 13.05 ? 85   LEU A CB  1 
ATOM   702  C  CG  . LEU A 1 85  ? 4.202   -5.104  1.900   1.00 11.96 ? 85   LEU A CG  1 
ATOM   703  C  CD1 . LEU A 1 85  ? 3.302   -5.135  0.680   1.00 11.20 ? 85   LEU A CD1 1 
ATOM   704  C  CD2 . LEU A 1 85  ? 3.487   -4.436  3.082   1.00 12.44 ? 85   LEU A CD2 1 
ATOM   705  N  N   . LEU A 1 86  ? 6.690   -8.823  3.362   1.00 16.84 ? 86   LEU A N   1 
ATOM   706  C  CA  . LEU A 1 86  ? 6.879   -10.218 3.751   1.00 19.83 ? 86   LEU A CA  1 
ATOM   707  C  C   . LEU A 1 86  ? 7.881   -10.410 4.888   1.00 22.46 ? 86   LEU A C   1 
ATOM   708  O  O   . LEU A 1 86  ? 7.912   -11.469 5.516   1.00 23.11 ? 86   LEU A O   1 
ATOM   709  C  CB  . LEU A 1 86  ? 7.334   -11.036 2.538   1.00 19.53 ? 86   LEU A CB  1 
ATOM   710  C  CG  . LEU A 1 86  ? 6.303   -11.781 1.683   1.00 20.55 ? 86   LEU A CG  1 
ATOM   711  C  CD1 . LEU A 1 86  ? 4.915   -11.196 1.839   1.00 20.08 ? 86   LEU A CD1 1 
ATOM   712  C  CD2 . LEU A 1 86  ? 6.762   -11.747 0.237   1.00 19.68 ? 86   LEU A CD2 1 
ATOM   713  N  N   . SER A 1 87  ? 8.698   -9.396  5.155   1.00 23.94 ? 87   SER A N   1 
ATOM   714  C  CA  . SER A 1 87  ? 9.698   -9.504  6.213   1.00 26.31 ? 87   SER A CA  1 
ATOM   715  C  C   . SER A 1 87  ? 9.045   -9.546  7.589   1.00 27.19 ? 87   SER A C   1 
ATOM   716  O  O   . SER A 1 87  ? 9.616   -10.080 8.534   1.00 27.74 ? 87   SER A O   1 
ATOM   717  C  CB  . SER A 1 87  ? 10.691  -8.337  6.141   1.00 26.73 ? 87   SER A CB  1 
ATOM   718  O  OG  . SER A 1 87  ? 10.071  -7.109  6.476   1.00 28.53 ? 87   SER A OG  1 
ATOM   719  N  N   . GLU A 1 88  ? 7.848   -8.975  7.689   1.00 28.20 ? 88   GLU A N   1 
ATOM   720  C  CA  . GLU A 1 88  ? 7.084   -8.943  8.934   1.00 29.81 ? 88   GLU A CA  1 
ATOM   721  C  C   . GLU A 1 88  ? 5.630   -9.189  8.559   1.00 30.09 ? 88   GLU A C   1 
ATOM   722  O  O   . GLU A 1 88  ? 4.967   -8.318  7.996   1.00 31.04 ? 88   GLU A O   1 
ATOM   723  C  CB  . GLU A 1 88  ? 7.215   -7.580  9.615   1.00 33.01 ? 88   GLU A CB  1 
ATOM   724  C  CG  . GLU A 1 88  ? 8.616   -7.229  10.093  1.00 37.29 ? 88   GLU A CG  1 
ATOM   725  C  CD  . GLU A 1 88  ? 9.065   -8.070  11.276  1.00 41.49 ? 88   GLU A CD  1 
ATOM   726  O  OE1 . GLU A 1 88  ? 10.183  -7.829  11.781  1.00 42.85 ? 88   GLU A OE1 1 
ATOM   727  O  OE2 . GLU A 1 88  ? 8.306   -8.968  11.701  1.00 43.24 ? 88   GLU A OE2 1 
ATOM   728  N  N   . LYS A 1 89  ? 5.142   -10.379 8.882   1.00 28.97 ? 89   LYS A N   1 
ATOM   729  C  CA  . LYS A 1 89  ? 3.785   -10.801 8.552   1.00 29.66 ? 89   LYS A CA  1 
ATOM   730  C  C   . LYS A 1 89  ? 2.597   -9.974  9.047   1.00 28.22 ? 89   LYS A C   1 
ATOM   731  O  O   . LYS A 1 89  ? 1.718   -9.629  8.262   1.00 28.58 ? 89   LYS A O   1 
ATOM   732  C  CB  . LYS A 1 89  ? 3.590   -12.252 9.002   1.00 31.42 ? 89   LYS A CB  1 
ATOM   733  C  CG  . LYS A 1 89  ? 2.186   -12.800 8.767   1.00 33.19 ? 89   LYS A CG  1 
ATOM   734  C  CD  . LYS A 1 89  ? 2.034   -14.179 9.387   1.00 34.80 ? 89   LYS A CD  1 
ATOM   735  C  CE  . LYS A 1 89  ? 0.630   -14.729 9.193   1.00 35.85 ? 89   LYS A CE  1 
ATOM   736  N  NZ  . LYS A 1 89  ? 0.473   -16.048 9.873   1.00 37.27 ? 89   LYS A NZ  1 
ATOM   737  N  N   . GLU A 1 90  ? 2.566   -9.657  10.335  1.00 27.60 ? 90   GLU A N   1 
ATOM   738  C  CA  . GLU A 1 90  ? 1.434   -8.931  10.905  1.00 27.09 ? 90   GLU A CA  1 
ATOM   739  C  C   . GLU A 1 90  ? 1.518   -7.418  11.083  1.00 24.27 ? 90   GLU A C   1 
ATOM   740  O  O   . GLU A 1 90  ? 2.598   -6.843  11.218  1.00 23.53 ? 90   GLU A O   1 
ATOM   741  C  CB  . GLU A 1 90  ? 1.063   -9.562  12.248  1.00 31.11 ? 90   GLU A CB  1 
ATOM   742  C  CG  . GLU A 1 90  ? 0.533   -10.984 12.128  1.00 36.69 ? 90   GLU A CG  1 
ATOM   743  C  CD  . GLU A 1 90  ? 0.218   -11.606 13.473  1.00 39.91 ? 90   GLU A CD  1 
ATOM   744  O  OE1 . GLU A 1 90  ? -0.418  -12.683 13.491  1.00 42.24 ? 90   GLU A OE1 1 
ATOM   745  O  OE2 . GLU A 1 90  ? 0.609   -11.022 14.509  1.00 40.92 ? 90   GLU A OE2 1 
ATOM   746  N  N   . GLY A 1 91  ? 0.343   -6.790  11.079  1.00 20.96 ? 91   GLY A N   1 
ATOM   747  C  CA  . GLY A 1 91  ? 0.236   -5.354  11.273  1.00 17.04 ? 91   GLY A CA  1 
ATOM   748  C  C   . GLY A 1 91  ? 0.685   -4.449  10.146  1.00 15.33 ? 91   GLY A C   1 
ATOM   749  O  O   . GLY A 1 91  ? 1.030   -3.292  10.389  1.00 13.49 ? 91   GLY A O   1 
ATOM   750  N  N   . ASN A 1 92  ? 0.671   -4.954  8.915   1.00 13.63 ? 92   ASN A N   1 
ATOM   751  C  CA  . ASN A 1 92  ? 1.101   -4.159  7.773   1.00 13.75 ? 92   ASN A CA  1 
ATOM   752  C  C   . ASN A 1 92  ? 0.027   -3.239  7.222   1.00 13.83 ? 92   ASN A C   1 
ATOM   753  O  O   . ASN A 1 92  ? -1.064  -3.683  6.862   1.00 12.39 ? 92   ASN A O   1 
ATOM   754  C  CB  . ASN A 1 92  ? 1.584   -5.065  6.638   1.00 14.35 ? 92   ASN A CB  1 
ATOM   755  C  CG  . ASN A 1 92  ? 2.871   -5.774  6.969   1.00 14.67 ? 92   ASN A CG  1 
ATOM   756  O  OD1 . ASN A 1 92  ? 3.906   -5.140  7.161   1.00 16.18 ? 92   ASN A OD1 1 
ATOM   757  N  ND2 . ASN A 1 92  ? 2.815   -7.098  7.044   1.00 16.82 ? 92   ASN A ND2 1 
ATOM   758  N  N   . LEU A 1 93  ? 0.349   -1.953  7.153   1.00 14.12 ? 93   LEU A N   1 
ATOM   759  C  CA  . LEU A 1 93  ? -0.569  -0.979  6.592   1.00 12.57 ? 93   LEU A CA  1 
ATOM   760  C  C   . LEU A 1 93  ? 0.119   -0.341  5.392   1.00 12.90 ? 93   LEU A C   1 
ATOM   761  O  O   . LEU A 1 93  ? 1.285   0.059   5.470   1.00 15.14 ? 93   LEU A O   1 
ATOM   762  C  CB  . LEU A 1 93  ? -0.929  0.108   7.616   1.00 12.69 ? 93   LEU A CB  1 
ATOM   763  C  CG  . LEU A 1 93  ? -1.899  1.184   7.097   1.00 13.37 ? 93   LEU A CG  1 
ATOM   764  C  CD1 . LEU A 1 93  ? -3.232  0.548   6.702   1.00 12.98 ? 93   LEU A CD1 1 
ATOM   765  C  CD2 . LEU A 1 93  ? -2.124  2.236   8.169   1.00 12.18 ? 93   LEU A CD2 1 
ATOM   766  N  N   . VAL A 1 94  ? -0.601  -0.280  4.279   1.00 10.91 ? 94   VAL A N   1 
ATOM   767  C  CA  . VAL A 1 94  ? -0.101  0.338   3.057   1.00 12.31 ? 94   VAL A CA  1 
ATOM   768  C  C   . VAL A 1 94  ? -0.985  1.556   2.839   1.00 10.88 ? 94   VAL A C   1 
ATOM   769  O  O   . VAL A 1 94  ? -2.206  1.455   2.957   1.00 11.36 ? 94   VAL A O   1 
ATOM   770  C  CB  . VAL A 1 94  ? -0.269  -0.600  1.833   1.00 12.56 ? 94   VAL A CB  1 
ATOM   771  C  CG1 . VAL A 1 94  ? 0.200   0.104   0.571   1.00 11.64 ? 94   VAL A CG1 1 
ATOM   772  C  CG2 . VAL A 1 94  ? 0.504   -1.894  2.052   1.00 11.36 ? 94   VAL A CG2 1 
ATOM   773  N  N   . HIS A 1 95  ? -0.402  2.713   2.541   1.00 10.71 ? 95   HIS A N   1 
ATOM   774  C  CA  . HIS A 1 95  ? -1.264  3.865   2.299   1.00 11.08 ? 95   HIS A CA  1 
ATOM   775  C  C   . HIS A 1 95  ? -0.789  4.789   1.190   1.00 11.02 ? 95   HIS A C   1 
ATOM   776  O  O   . HIS A 1 95  ? 0.401   4.878   0.894   1.00 10.96 ? 95   HIS A O   1 
ATOM   777  C  CB  . HIS A 1 95  ? -1.503  4.658   3.603   1.00 9.75  ? 95   HIS A CB  1 
ATOM   778  C  CG  . HIS A 1 95  ? -0.488  5.724   3.885   1.00 10.11 ? 95   HIS A CG  1 
ATOM   779  N  ND1 . HIS A 1 95  ? -0.416  6.896   3.162   1.00 10.57 ? 95   HIS A ND1 1 
ATOM   780  C  CD2 . HIS A 1 95  ? 0.456   5.822   4.851   1.00 10.51 ? 95   HIS A CD2 1 
ATOM   781  C  CE1 . HIS A 1 95  ? 0.525   7.671   3.672   1.00 11.10 ? 95   HIS A CE1 1 
ATOM   782  N  NE2 . HIS A 1 95  ? 1.070   7.042   4.699   1.00 13.18 ? 95   HIS A NE2 1 
ATOM   783  N  N   . SER A 1 96  ? -1.752  5.446   0.557   1.00 10.42 ? 96   SER A N   1 
ATOM   784  C  CA  . SER A 1 96  ? -1.485  6.401   -0.505  1.00 11.82 ? 96   SER A CA  1 
ATOM   785  C  C   . SER A 1 96  ? -2.126  7.692   -0.018  1.00 11.57 ? 96   SER A C   1 
ATOM   786  O  O   . SER A 1 96  ? -2.045  8.015   1.166   1.00 11.33 ? 96   SER A O   1 
ATOM   787  C  CB  . SER A 1 96  ? -2.126  5.931   -1.818  1.00 10.58 ? 96   SER A CB  1 
ATOM   788  O  OG  . SER A 1 96  ? -3.434  5.421   -1.610  1.00 11.74 ? 96   SER A OG  1 
ATOM   789  N  N   . VAL A 1 97  ? -2.754  8.436   -0.917  1.00 12.14 ? 97   VAL A N   1 
ATOM   790  C  CA  . VAL A 1 97  ? -3.425  9.656   -0.513  1.00 10.41 ? 97   VAL A CA  1 
ATOM   791  C  C   . VAL A 1 97  ? -4.899  9.306   -0.313  1.00 11.55 ? 97   VAL A C   1 
ATOM   792  O  O   . VAL A 1 97  ? -5.470  9.573   0.743   1.00 12.05 ? 97   VAL A O   1 
ATOM   793  C  CB  . VAL A 1 97  ? -3.270  10.765  -1.577  1.00 9.72  ? 97   VAL A CB  1 
ATOM   794  C  CG1 . VAL A 1 97  ? -4.189  11.943  -1.252  1.00 12.32 ? 97   VAL A CG1 1 
ATOM   795  C  CG2 . VAL A 1 97  ? -1.816  11.240  -1.610  1.00 9.39  ? 97   VAL A CG2 1 
ATOM   796  N  N   . GLY A 1 98  ? -5.502  8.683   -1.321  1.00 11.34 ? 98   GLY A N   1 
ATOM   797  C  CA  . GLY A 1 98  ? -6.904  8.316   -1.218  1.00 12.64 ? 98   GLY A CA  1 
ATOM   798  C  C   . GLY A 1 98  ? -7.154  6.922   -0.669  1.00 13.95 ? 98   GLY A C   1 
ATOM   799  O  O   . GLY A 1 98  ? -8.269  6.610   -0.244  1.00 14.31 ? 98   GLY A O   1 
ATOM   800  N  N   . GLY A 1 99  ? -6.118  6.087   -0.675  1.00 12.71 ? 99   GLY A N   1 
ATOM   801  C  CA  . GLY A 1 99  ? -6.245  4.722   -0.188  1.00 13.65 ? 99   GLY A CA  1 
ATOM   802  C  C   . GLY A 1 99  ? -6.989  3.830   -1.169  1.00 15.45 ? 99   GLY A C   1 
ATOM   803  O  O   . GLY A 1 99  ? -7.477  2.756   -0.804  1.00 14.63 ? 99   GLY A O   1 
ATOM   804  N  N   . ILE A 1 100 ? -7.051  4.264   -2.425  1.00 14.57 ? 100  ILE A N   1 
ATOM   805  C  CA  . ILE A 1 100 ? -7.765  3.528   -3.463  1.00 15.42 ? 100  ILE A CA  1 
ATOM   806  C  C   . ILE A 1 100 ? -6.930  3.043   -4.652  1.00 15.31 ? 100  ILE A C   1 
ATOM   807  O  O   . ILE A 1 100 ? -6.969  1.864   -4.989  1.00 15.52 ? 100  ILE A O   1 
ATOM   808  C  CB  . ILE A 1 100 ? -8.928  4.390   -4.008  1.00 16.91 ? 100  ILE A CB  1 
ATOM   809  C  CG1 . ILE A 1 100 ? -9.879  4.751   -2.861  1.00 17.49 ? 100  ILE A CG1 1 
ATOM   810  C  CG2 . ILE A 1 100 ? -9.662  3.648   -5.112  1.00 15.36 ? 100  ILE A CG2 1 
ATOM   811  C  CD1 . ILE A 1 100 ? -10.977 5.719   -3.242  1.00 20.23 ? 100  ILE A CD1 1 
ATOM   812  N  N   . GLY A 1 101 ? -6.185  3.952   -5.282  1.00 15.92 ? 101  GLY A N   1 
ATOM   813  C  CA  . GLY A 1 101 ? -5.390  3.604   -6.456  1.00 12.51 ? 101  GLY A CA  1 
ATOM   814  C  C   . GLY A 1 101 ? -4.085  2.861   -6.240  1.00 12.09 ? 101  GLY A C   1 
ATOM   815  O  O   . GLY A 1 101 ? -3.999  1.653   -6.473  1.00 12.82 ? 101  GLY A O   1 
ATOM   816  N  N   . ARG A 1 102 ? -3.056  3.582   -5.812  1.00 11.63 ? 102  ARG A N   1 
ATOM   817  C  CA  . ARG A 1 102 ? -1.757  2.967   -5.569  1.00 11.61 ? 102  ARG A CA  1 
ATOM   818  C  C   . ARG A 1 102 ? -1.864  1.894   -4.486  1.00 11.33 ? 102  ARG A C   1 
ATOM   819  O  O   . ARG A 1 102 ? -1.252  0.831   -4.590  1.00 10.38 ? 102  ARG A O   1 
ATOM   820  C  CB  . ARG A 1 102 ? -0.742  4.039   -5.159  1.00 12.08 ? 102  ARG A CB  1 
ATOM   821  C  CG  . ARG A 1 102 ? -0.313  4.942   -6.310  1.00 10.91 ? 102  ARG A CG  1 
ATOM   822  C  CD  . ARG A 1 102 ? 0.366   6.206   -5.820  1.00 11.08 ? 102  ARG A CD  1 
ATOM   823  N  NE  . ARG A 1 102 ? -0.587  7.161   -5.246  1.00 11.60 ? 102  ARG A NE  1 
ATOM   824  C  CZ  . ARG A 1 102 ? -0.264  8.397   -4.876  1.00 11.39 ? 102  ARG A CZ  1 
ATOM   825  N  NH1 . ARG A 1 102 ? 0.984   8.825   -5.020  1.00 8.96  ? 102  ARG A NH1 1 
ATOM   826  N  NH2 . ARG A 1 102 ? -1.187  9.206   -4.364  1.00 10.32 ? 102  ARG A NH2 1 
ATOM   827  N  N   . THR A 1 103 ? -2.652  2.169   -3.452  1.00 10.73 ? 103  THR A N   1 
ATOM   828  C  CA  . THR A 1 103 ? -2.814  1.208   -2.363  1.00 11.53 ? 103  THR A CA  1 
ATOM   829  C  C   . THR A 1 103 ? -3.512  -0.066  -2.828  1.00 12.17 ? 103  THR A C   1 
ATOM   830  O  O   . THR A 1 103 ? -3.071  -1.179  -2.516  1.00 12.11 ? 103  THR A O   1 
ATOM   831  C  CB  . THR A 1 103 ? -3.601  1.823   -1.193  1.00 11.64 ? 103  THR A CB  1 
ATOM   832  O  OG1 . THR A 1 103 ? -2.868  2.935   -0.665  1.00 14.09 ? 103  THR A OG1 1 
ATOM   833  C  CG2 . THR A 1 103 ? -3.803  0.790   -0.088  1.00 11.34 ? 103  THR A CG2 1 
ATOM   834  N  N   . GLY A 1 104 ? -4.602  0.095   -3.571  1.00 12.56 ? 104  GLY A N   1 
ATOM   835  C  CA  . GLY A 1 104 ? -5.327  -1.060  -4.071  1.00 11.42 ? 104  GLY A CA  1 
ATOM   836  C  C   . GLY A 1 104 ? -4.444  -1.887  -4.984  1.00 12.88 ? 104  GLY A C   1 
ATOM   837  O  O   . GLY A 1 104 ? -4.494  -3.119  -4.971  1.00 12.19 ? 104  GLY A O   1 
ATOM   838  N  N   . THR A 1 105 ? -3.617  -1.206  -5.771  1.00 11.18 ? 105  THR A N   1 
ATOM   839  C  CA  . THR A 1 105 ? -2.715  -1.885  -6.693  1.00 12.74 ? 105  THR A CA  1 
ATOM   840  C  C   . THR A 1 105 ? -1.689  -2.738  -5.952  1.00 12.48 ? 105  THR A C   1 
ATOM   841  O  O   . THR A 1 105 ? -1.469  -3.898  -6.301  1.00 13.49 ? 105  THR A O   1 
ATOM   842  C  CB  . THR A 1 105 ? -1.991  -0.866  -7.594  1.00 11.82 ? 105  THR A CB  1 
ATOM   843  O  OG1 . THR A 1 105 ? -2.973  -0.121  -8.327  1.00 13.56 ? 105  THR A OG1 1 
ATOM   844  C  CG2 . THR A 1 105 ? -1.060  -1.577  -8.580  1.00 12.34 ? 105  THR A CG2 1 
ATOM   845  N  N   . ILE A 1 106 ? -1.067  -2.172  -4.925  1.00 11.61 ? 106  ILE A N   1 
ATOM   846  C  CA  . ILE A 1 106 ? -0.077  -2.920  -4.157  1.00 10.77 ? 106  ILE A CA  1 
ATOM   847  C  C   . ILE A 1 106 ? -0.730  -4.087  -3.416  1.00 12.10 ? 106  ILE A C   1 
ATOM   848  O  O   . ILE A 1 106 ? -0.220  -5.210  -3.438  1.00 11.41 ? 106  ILE A O   1 
ATOM   849  C  CB  . ILE A 1 106 ? 0.655   -2.007  -3.138  1.00 10.54 ? 106  ILE A CB  1 
ATOM   850  C  CG1 . ILE A 1 106 ? 1.544   -1.005  -3.886  1.00 8.02  ? 106  ILE A CG1 1 
ATOM   851  C  CG2 . ILE A 1 106 ? 1.479   -2.855  -2.158  1.00 10.51 ? 106  ILE A CG2 1 
ATOM   852  C  CD1 . ILE A 1 106 ? 2.524   -1.651  -4.870  1.00 10.78 ? 106  ILE A CD1 1 
ATOM   853  N  N   . LEU A 1 107 ? -1.860  -3.832  -2.764  1.00 11.03 ? 107  LEU A N   1 
ATOM   854  C  CA  . LEU A 1 107 ? -2.544  -4.898  -2.034  1.00 10.46 ? 107  LEU A CA  1 
ATOM   855  C  C   . LEU A 1 107 ? -2.948  -6.037  -2.963  1.00 11.55 ? 107  LEU A C   1 
ATOM   856  O  O   . LEU A 1 107 ? -2.771  -7.212  -2.629  1.00 12.54 ? 107  LEU A O   1 
ATOM   857  C  CB  . LEU A 1 107 ? -3.767  -4.338  -1.302  1.00 10.84 ? 107  LEU A CB  1 
ATOM   858  C  CG  . LEU A 1 107 ? -3.416  -3.312  -0.212  1.00 11.33 ? 107  LEU A CG  1 
ATOM   859  C  CD1 . LEU A 1 107 ? -4.692  -2.688  0.328   1.00 11.02 ? 107  LEU A CD1 1 
ATOM   860  C  CD2 . LEU A 1 107 ? -2.618  -3.985  0.910   1.00 10.57 ? 107  LEU A CD2 1 
ATOM   861  N  N   . ALA A 1 108 ? -3.482  -5.694  -4.132  1.00 11.25 ? 108  ALA A N   1 
ATOM   862  C  CA  . ALA A 1 108 ? -3.888  -6.710  -5.101  1.00 12.12 ? 108  ALA A CA  1 
ATOM   863  C  C   . ALA A 1 108 ? -2.677  -7.525  -5.559  1.00 11.80 ? 108  ALA A C   1 
ATOM   864  O  O   . ALA A 1 108 ? -2.747  -8.750  -5.660  1.00 13.70 ? 108  ALA A O   1 
ATOM   865  C  CB  . ALA A 1 108 ? -4.567  -6.054  -6.304  1.00 12.95 ? 108  ALA A CB  1 
ATOM   866  N  N   . SER A 1 109 ? -1.567  -6.844  -5.839  1.00 12.91 ? 109  SER A N   1 
ATOM   867  C  CA  . SER A 1 109 ? -0.355  -7.525  -6.285  1.00 12.54 ? 109  SER A CA  1 
ATOM   868  C  C   . SER A 1 109 ? 0.094   -8.485  -5.186  1.00 12.76 ? 109  SER A C   1 
ATOM   869  O  O   . SER A 1 109 ? 0.546   -9.596  -5.460  1.00 11.93 ? 109  SER A O   1 
ATOM   870  C  CB  . SER A 1 109 ? 0.751   -6.505  -6.578  1.00 14.07 ? 109  SER A CB  1 
ATOM   871  O  OG  . SER A 1 109 ? 1.204   -5.875  -5.387  1.00 17.24 ? 109  SER A OG  1 
ATOM   872  N  N   . TYR A 1 110 ? -0.052  -8.048  -3.939  1.00 13.51 ? 110  TYR A N   1 
ATOM   873  C  CA  . TYR A 1 110 ? 0.325   -8.856  -2.784  1.00 13.09 ? 110  TYR A CA  1 
ATOM   874  C  C   . TYR A 1 110 ? -0.449  -10.169 -2.780  1.00 13.33 ? 110  TYR A C   1 
ATOM   875  O  O   . TYR A 1 110 ? 0.122   -11.230 -2.548  1.00 14.62 ? 110  TYR A O   1 
ATOM   876  C  CB  . TYR A 1 110 ? 0.030   -8.093  -1.493  1.00 13.84 ? 110  TYR A CB  1 
ATOM   877  C  CG  . TYR A 1 110 ? 0.349   -8.854  -0.224  1.00 15.18 ? 110  TYR A CG  1 
ATOM   878  C  CD1 . TYR A 1 110 ? 1.600   -8.741  0.387   1.00 16.53 ? 110  TYR A CD1 1 
ATOM   879  C  CD2 . TYR A 1 110 ? -0.610  -9.668  0.380   1.00 17.03 ? 110  TYR A CD2 1 
ATOM   880  C  CE1 . TYR A 1 110 ? 1.884   -9.417  1.574   1.00 16.02 ? 110  TYR A CE1 1 
ATOM   881  C  CE2 . TYR A 1 110 ? -0.336  -10.349 1.565   1.00 17.20 ? 110  TYR A CE2 1 
ATOM   882  C  CZ  . TYR A 1 110 ? 0.912   -10.216 2.157   1.00 18.26 ? 110  TYR A CZ  1 
ATOM   883  O  OH  . TYR A 1 110 ? 1.171   -10.867 3.345   1.00 20.01 ? 110  TYR A OH  1 
ATOM   884  N  N   . LEU A 1 111 ? -1.755  -10.087 -3.029  1.00 11.44 ? 111  LEU A N   1 
ATOM   885  C  CA  . LEU A 1 111 ? -2.600  -11.272 -3.051  1.00 12.66 ? 111  LEU A CA  1 
ATOM   886  C  C   . LEU A 1 111 ? -2.272  -12.162 -4.248  1.00 12.84 ? 111  LEU A C   1 
ATOM   887  O  O   . LEU A 1 111 ? -2.318  -13.391 -4.151  1.00 12.28 ? 111  LEU A O   1 
ATOM   888  C  CB  . LEU A 1 111 ? -4.077  -10.864 -3.086  1.00 11.70 ? 111  LEU A CB  1 
ATOM   889  C  CG  . LEU A 1 111 ? -4.566  -10.093 -1.854  1.00 12.49 ? 111  LEU A CG  1 
ATOM   890  C  CD1 . LEU A 1 111 ? -6.000  -9.623  -2.069  1.00 14.81 ? 111  LEU A CD1 1 
ATOM   891  C  CD2 . LEU A 1 111 ? -4.474  -10.987 -0.623  1.00 11.39 ? 111  LEU A CD2 1 
ATOM   892  N  N   . ILE A 1 112 ? -1.949  -11.541 -5.378  1.00 12.17 ? 112  ILE A N   1 
ATOM   893  C  CA  . ILE A 1 112 ? -1.606  -12.304 -6.571  1.00 14.04 ? 112  ILE A CA  1 
ATOM   894  C  C   . ILE A 1 112 ? -0.407  -13.201 -6.281  1.00 14.06 ? 112  ILE A C   1 
ATOM   895  O  O   . ILE A 1 112 ? -0.413  -14.396 -6.592  1.00 14.67 ? 112  ILE A O   1 
ATOM   896  C  CB  . ILE A 1 112 ? -1.251  -11.367 -7.755  1.00 14.29 ? 112  ILE A CB  1 
ATOM   897  C  CG1 . ILE A 1 112 ? -2.514  -10.670 -8.259  1.00 15.01 ? 112  ILE A CG1 1 
ATOM   898  C  CG2 . ILE A 1 112 ? -0.582  -12.160 -8.873  1.00 15.11 ? 112  ILE A CG2 1 
ATOM   899  C  CD1 . ILE A 1 112 ? -2.258  -9.635  -9.338  1.00 13.38 ? 112  ILE A CD1 1 
ATOM   900  N  N   . LEU A 1 113 ? 0.618   -12.625 -5.663  1.00 14.91 ? 113  LEU A N   1 
ATOM   901  C  CA  . LEU A 1 113 ? 1.831   -13.375 -5.361  1.00 15.21 ? 113  LEU A CA  1 
ATOM   902  C  C   . LEU A 1 113 ? 1.724   -14.374 -4.204  1.00 15.65 ? 113  LEU A C   1 
ATOM   903  O  O   . LEU A 1 113 ? 2.177   -15.514 -4.322  1.00 14.70 ? 113  LEU A O   1 
ATOM   904  C  CB  . LEU A 1 113 ? 2.987   -12.398 -5.104  1.00 16.52 ? 113  LEU A CB  1 
ATOM   905  C  CG  . LEU A 1 113 ? 3.383   -11.496 -6.285  1.00 15.61 ? 113  LEU A CG  1 
ATOM   906  C  CD1 . LEU A 1 113 ? 4.544   -10.601 -5.877  1.00 18.11 ? 113  LEU A CD1 1 
ATOM   907  C  CD2 . LEU A 1 113 ? 3.783   -12.342 -7.487  1.00 16.53 ? 113  LEU A CD2 1 
ATOM   908  N  N   . THR A 1 114 ? 1.121   -13.961 -3.093  1.00 13.68 ? 114  THR A N   1 
ATOM   909  C  CA  . THR A 1 114 ? 1.017   -14.842 -1.935  1.00 14.98 ? 114  THR A CA  1 
ATOM   910  C  C   . THR A 1 114 ? -0.105  -15.880 -1.971  1.00 15.39 ? 114  THR A C   1 
ATOM   911  O  O   . THR A 1 114 ? 0.028   -16.960 -1.392  1.00 15.95 ? 114  THR A O   1 
ATOM   912  C  CB  . THR A 1 114 ? 0.867   -14.029 -0.635  1.00 15.32 ? 114  THR A CB  1 
ATOM   913  O  OG1 . THR A 1 114 ? -0.335  -13.251 -0.695  1.00 13.90 ? 114  THR A OG1 1 
ATOM   914  C  CG2 . THR A 1 114 ? 2.068   -13.099 -0.445  1.00 14.34 ? 114  THR A CG2 1 
ATOM   915  N  N   . GLU A 1 115 ? -1.207  -15.566 -2.642  1.00 14.47 ? 115  GLU A N   1 
ATOM   916  C  CA  . GLU A 1 115 ? -2.328  -16.499 -2.689  1.00 15.84 ? 115  GLU A CA  1 
ATOM   917  C  C   . GLU A 1 115 ? -2.581  -17.125 -4.059  1.00 16.24 ? 115  GLU A C   1 
ATOM   918  O  O   . GLU A 1 115 ? -3.512  -17.914 -4.230  1.00 15.57 ? 115  GLU A O   1 
ATOM   919  C  CB  . GLU A 1 115 ? -3.589  -15.804 -2.149  1.00 13.83 ? 115  GLU A CB  1 
ATOM   920  C  CG  . GLU A 1 115 ? -3.532  -15.627 -0.630  1.00 14.91 ? 115  GLU A CG  1 
ATOM   921  C  CD  . GLU A 1 115 ? -4.659  -14.783 -0.053  1.00 15.07 ? 115  GLU A CD  1 
ATOM   922  O  OE1 . GLU A 1 115 ? -5.804  -14.887 -0.535  1.00 13.66 ? 115  GLU A OE1 1 
ATOM   923  O  OE2 . GLU A 1 115 ? -4.394  -14.023 0.910   1.00 13.79 ? 115  GLU A OE2 1 
ATOM   924  N  N   . GLY A 1 116 ? -1.736  -16.779 -5.026  1.00 17.56 ? 116  GLY A N   1 
ATOM   925  C  CA  . GLY A 1 116 ? -1.865  -17.327 -6.366  1.00 17.22 ? 116  GLY A CA  1 
ATOM   926  C  C   . GLY A 1 116 ? -3.157  -16.975 -7.072  1.00 19.03 ? 116  GLY A C   1 
ATOM   927  O  O   . GLY A 1 116 ? -3.656  -17.749 -7.886  1.00 18.22 ? 116  GLY A O   1 
ATOM   928  N  N   . LEU A 1 117 ? -3.698  -15.799 -6.773  1.00 18.69 ? 117  LEU A N   1 
ATOM   929  C  CA  . LEU A 1 117 ? -4.941  -15.355 -7.391  1.00 18.52 ? 117  LEU A CA  1 
ATOM   930  C  C   . LEU A 1 117 ? -4.723  -14.670 -8.738  1.00 19.31 ? 117  LEU A C   1 
ATOM   931  O  O   . LEU A 1 117 ? -3.649  -14.126 -9.009  1.00 19.03 ? 117  LEU A O   1 
ATOM   932  C  CB  . LEU A 1 117 ? -5.668  -14.380 -6.458  1.00 17.09 ? 117  LEU A CB  1 
ATOM   933  C  CG  . LEU A 1 117 ? -5.980  -14.852 -5.035  1.00 17.69 ? 117  LEU A CG  1 
ATOM   934  C  CD1 . LEU A 1 117 ? -6.737  -13.754 -4.301  1.00 16.91 ? 117  LEU A CD1 1 
ATOM   935  C  CD2 . LEU A 1 117 ? -6.807  -16.135 -5.078  1.00 16.00 ? 117  LEU A CD2 1 
ATOM   936  N  N   . GLU A 1 118 ? -5.750  -14.704 -9.583  1.00 18.39 ? 118  GLU A N   1 
ATOM   937  C  CA  . GLU A 1 118 ? -5.686  -14.039 -10.879 1.00 19.14 ? 118  GLU A CA  1 
ATOM   938  C  C   . GLU A 1 118 ? -5.960  -12.575 -10.573 1.00 18.43 ? 118  GLU A C   1 
ATOM   939  O  O   . GLU A 1 118 ? -6.492  -12.253 -9.505  1.00 17.21 ? 118  GLU A O   1 
ATOM   940  C  CB  . GLU A 1 118 ? -6.770  -14.562 -11.823 1.00 23.07 ? 118  GLU A CB  1 
ATOM   941  C  CG  . GLU A 1 118 ? -6.666  -16.036 -12.155 1.00 29.42 ? 118  GLU A CG  1 
ATOM   942  C  CD  . GLU A 1 118 ? -7.724  -16.468 -13.148 1.00 32.66 ? 118  GLU A CD  1 
ATOM   943  O  OE1 . GLU A 1 118 ? -8.927  -16.333 -12.836 1.00 34.91 ? 118  GLU A OE1 1 
ATOM   944  O  OE2 . GLU A 1 118 ? -7.352  -16.938 -14.243 1.00 37.15 ? 118  GLU A OE2 1 
ATOM   945  N  N   . VAL A 1 119 ? -5.611  -11.693 -11.501 1.00 16.03 ? 119  VAL A N   1 
ATOM   946  C  CA  . VAL A 1 119 ? -5.821  -10.267 -11.292 1.00 16.17 ? 119  VAL A CA  1 
ATOM   947  C  C   . VAL A 1 119 ? -7.258  -9.952  -10.896 1.00 17.46 ? 119  VAL A C   1 
ATOM   948  O  O   . VAL A 1 119 ? -7.504  -9.187  -9.963  1.00 16.43 ? 119  VAL A O   1 
ATOM   949  C  CB  . VAL A 1 119 ? -5.473  -9.461  -12.556 1.00 16.12 ? 119  VAL A CB  1 
ATOM   950  C  CG1 . VAL A 1 119 ? -5.819  -7.988  -12.345 1.00 15.27 ? 119  VAL A CG1 1 
ATOM   951  C  CG2 . VAL A 1 119 ? -3.991  -9.621  -12.878 1.00 15.92 ? 119  VAL A CG2 1 
ATOM   952  N  N   . GLU A 1 120 ? -8.199  -10.558 -11.609 1.00 19.56 ? 120  GLU A N   1 
ATOM   953  C  CA  . GLU A 1 120 ? -9.617  -10.339 -11.366 1.00 20.52 ? 120  GLU A CA  1 
ATOM   954  C  C   . GLU A 1 120 ? -10.003 -10.683 -9.931  1.00 17.95 ? 120  GLU A C   1 
ATOM   955  O  O   . GLU A 1 120 ? -10.703 -9.910  -9.275  1.00 16.91 ? 120  GLU A O   1 
ATOM   956  C  CB  . GLU A 1 120 ? -10.428 -11.171 -12.358 1.00 25.61 ? 120  GLU A CB  1 
ATOM   957  C  CG  . GLU A 1 120 ? -11.682 -10.493 -12.873 1.00 34.51 ? 120  GLU A CG  1 
ATOM   958  C  CD  . GLU A 1 120 ? -12.890 -10.756 -12.006 1.00 38.12 ? 120  GLU A CD  1 
ATOM   959  O  OE1 . GLU A 1 120 ? -13.992 -10.292 -12.373 1.00 40.42 ? 120  GLU A OE1 1 
ATOM   960  O  OE2 . GLU A 1 120 ? -12.740 -11.429 -10.963 1.00 42.08 ? 120  GLU A OE2 1 
ATOM   961  N  N   . SER A 1 121 ? -9.542  -11.834 -9.444  1.00 16.52 ? 121  SER A N   1 
ATOM   962  C  CA  . SER A 1 121 ? -9.840  -12.269 -8.076  1.00 16.13 ? 121  SER A CA  1 
ATOM   963  C  C   . SER A 1 121 ? -9.181  -11.363 -7.041  1.00 15.34 ? 121  SER A C   1 
ATOM   964  O  O   . SER A 1 121 ? -9.794  -11.020 -6.030  1.00 13.54 ? 121  SER A O   1 
ATOM   965  C  CB  . SER A 1 121 ? -9.357  -13.704 -7.837  1.00 16.33 ? 121  SER A CB  1 
ATOM   966  O  OG  . SER A 1 121 ? -10.134 -14.644 -8.552  1.00 22.36 ? 121  SER A OG  1 
ATOM   967  N  N   . ALA A 1 122 ? -7.926  -10.992 -7.296  1.00 15.56 ? 122  ALA A N   1 
ATOM   968  C  CA  . ALA A 1 122 ? -7.172  -10.134 -6.385  1.00 15.03 ? 122  ALA A CA  1 
ATOM   969  C  C   . ALA A 1 122 ? -7.847  -8.779  -6.202  1.00 14.43 ? 122  ALA A C   1 
ATOM   970  O  O   . ALA A 1 122 ? -7.978  -8.296  -5.083  1.00 14.34 ? 122  ALA A O   1 
ATOM   971  C  CB  . ALA A 1 122 ? -5.748  -9.940  -6.901  1.00 14.21 ? 122  ALA A CB  1 
ATOM   972  N  N   . ILE A 1 123 ? -8.266  -8.162  -7.303  1.00 14.90 ? 123  ILE A N   1 
ATOM   973  C  CA  . ILE A 1 123 ? -8.933  -6.869  -7.220  1.00 15.84 ? 123  ILE A CA  1 
ATOM   974  C  C   . ILE A 1 123 ? -10.287 -7.051  -6.538  1.00 17.74 ? 123  ILE A C   1 
ATOM   975  O  O   . ILE A 1 123 ? -10.720 -6.200  -5.764  1.00 17.01 ? 123  ILE A O   1 
ATOM   976  C  CB  . ILE A 1 123 ? -9.118  -6.238  -8.618  1.00 17.18 ? 123  ILE A CB  1 
ATOM   977  C  CG1 . ILE A 1 123 ? -7.746  -5.986  -9.255  1.00 15.37 ? 123  ILE A CG1 1 
ATOM   978  C  CG2 . ILE A 1 123 ? -9.898  -4.928  -8.500  1.00 16.41 ? 123  ILE A CG2 1 
ATOM   979  C  CD1 . ILE A 1 123 ? -7.799  -5.404  -10.658 1.00 14.54 ? 123  ILE A CD1 1 
ATOM   980  N  N   . ASP A 1 124 ? -10.944 -8.173  -6.827  1.00 19.73 ? 124  ASP A N   1 
ATOM   981  C  CA  . ASP A 1 124 ? -12.235 -8.502  -6.228  1.00 21.50 ? 124  ASP A CA  1 
ATOM   982  C  C   . ASP A 1 124 ? -12.097 -8.488  -4.707  1.00 20.69 ? 124  ASP A C   1 
ATOM   983  O  O   . ASP A 1 124 ? -12.898 -7.867  -4.000  1.00 19.34 ? 124  ASP A O   1 
ATOM   984  C  CB  . ASP A 1 124 ? -12.671 -9.904  -6.669  1.00 26.74 ? 124  ASP A CB  1 
ATOM   985  C  CG  . ASP A 1 124 ? -13.801 -9.887  -7.680  1.00 31.02 ? 124  ASP A CG  1 
ATOM   986  O  OD1 . ASP A 1 124 ? -13.767 -9.066  -8.621  1.00 32.80 ? 124  ASP A OD1 1 
ATOM   987  O  OD2 . ASP A 1 124 ? -14.721 -10.720 -7.541  1.00 37.10 ? 124  ASP A OD2 1 
ATOM   988  N  N   . GLU A 1 125 ? -11.081 -9.196  -4.217  1.00 17.85 ? 125  GLU A N   1 
ATOM   989  C  CA  . GLU A 1 125 ? -10.805 -9.298  -2.786  1.00 17.41 ? 125  GLU A CA  1 
ATOM   990  C  C   . GLU A 1 125 ? -10.571 -7.942  -2.139  1.00 16.35 ? 125  GLU A C   1 
ATOM   991  O  O   . GLU A 1 125 ? -10.984 -7.712  -1.000  1.00 17.79 ? 125  GLU A O   1 
ATOM   992  C  CB  . GLU A 1 125 ? -9.578  -10.183 -2.542  1.00 19.63 ? 125  GLU A CB  1 
ATOM   993  C  CG  . GLU A 1 125 ? -9.811  -11.656 -2.810  1.00 21.11 ? 125  GLU A CG  1 
ATOM   994  C  CD  . GLU A 1 125 ? -10.753 -12.274 -1.807  1.00 22.17 ? 125  GLU A CD  1 
ATOM   995  O  OE1 . GLU A 1 125 ? -10.310 -12.590 -0.683  1.00 21.77 ? 125  GLU A OE1 1 
ATOM   996  O  OE2 . GLU A 1 125 ? -11.942 -12.434 -2.138  1.00 23.89 ? 125  GLU A OE2 1 
ATOM   997  N  N   . VAL A 1 126 ? -9.898  -7.047  -2.855  1.00 13.66 ? 126  VAL A N   1 
ATOM   998  C  CA  . VAL A 1 126 ? -9.626  -5.731  -2.304  1.00 12.61 ? 126  VAL A CA  1 
ATOM   999  C  C   . VAL A 1 126 ? -10.870 -4.850  -2.359  1.00 13.27 ? 126  VAL A C   1 
ATOM   1000 O  O   . VAL A 1 126 ? -11.164 -4.128  -1.410  1.00 12.47 ? 126  VAL A O   1 
ATOM   1001 C  CB  . VAL A 1 126 ? -8.461  -5.026  -3.049  1.00 14.34 ? 126  VAL A CB  1 
ATOM   1002 C  CG1 . VAL A 1 126 ? -8.176  -3.667  -2.404  1.00 14.06 ? 126  VAL A CG1 1 
ATOM   1003 C  CG2 . VAL A 1 126 ? -7.206  -5.903  -3.013  1.00 13.14 ? 126  VAL A CG2 1 
ATOM   1004 N  N   . ARG A 1 127 ? -11.618 -4.924  -3.455  1.00 12.28 ? 127  ARG A N   1 
ATOM   1005 C  CA  . ARG A 1 127 ? -12.817 -4.097  -3.574  1.00 14.61 ? 127  ARG A CA  1 
ATOM   1006 C  C   . ARG A 1 127 ? -13.935 -4.473  -2.607  1.00 14.96 ? 127  ARG A C   1 
ATOM   1007 O  O   . ARG A 1 127 ? -14.881 -3.705  -2.411  1.00 16.00 ? 127  ARG A O   1 
ATOM   1008 C  CB  . ARG A 1 127 ? -13.322 -4.102  -5.020  1.00 13.68 ? 127  ARG A CB  1 
ATOM   1009 C  CG  . ARG A 1 127 ? -12.428 -3.268  -5.922  1.00 14.43 ? 127  ARG A CG  1 
ATOM   1010 C  CD  . ARG A 1 127 ? -12.936 -3.152  -7.345  1.00 15.59 ? 127  ARG A CD  1 
ATOM   1011 N  NE  . ARG A 1 127 ? -12.102 -2.226  -8.105  1.00 14.96 ? 127  ARG A NE  1 
ATOM   1012 C  CZ  . ARG A 1 127 ? -12.327 -1.873  -9.367  1.00 16.09 ? 127  ARG A CZ  1 
ATOM   1013 N  NH1 . ARG A 1 127 ? -13.365 -2.373  -10.022 1.00 14.29 ? 127  ARG A NH1 1 
ATOM   1014 N  NH2 . ARG A 1 127 ? -11.517 -1.013  -9.970  1.00 12.36 ? 127  ARG A NH2 1 
ATOM   1015 N  N   . LEU A 1 128 ? -13.826 -5.645  -1.991  1.00 15.54 ? 128  LEU A N   1 
ATOM   1016 C  CA  . LEU A 1 128 ? -14.825 -6.074  -1.025  1.00 17.95 ? 128  LEU A CA  1 
ATOM   1017 C  C   . LEU A 1 128 ? -14.779 -5.139  0.177   1.00 16.60 ? 128  LEU A C   1 
ATOM   1018 O  O   . LEU A 1 128 ? -15.808 -4.861  0.792   1.00 15.90 ? 128  LEU A O   1 
ATOM   1019 C  CB  . LEU A 1 128 ? -14.554 -7.507  -0.556  1.00 21.27 ? 128  LEU A CB  1 
ATOM   1020 C  CG  . LEU A 1 128 ? -14.623 -8.615  -1.607  1.00 27.99 ? 128  LEU A CG  1 
ATOM   1021 C  CD1 . LEU A 1 128 ? -14.335 -9.953  -0.939  1.00 29.29 ? 128  LEU A CD1 1 
ATOM   1022 C  CD2 . LEU A 1 128 ? -15.999 -8.633  -2.266  1.00 29.20 ? 128  LEU A CD2 1 
ATOM   1023 N  N   . VAL A 1 129 ? -13.584 -4.648  0.507   1.00 13.83 ? 129  VAL A N   1 
ATOM   1024 C  CA  . VAL A 1 129 ? -13.424 -3.744  1.648   1.00 13.81 ? 129  VAL A CA  1 
ATOM   1025 C  C   . VAL A 1 129 ? -13.086 -2.318  1.223   1.00 14.69 ? 129  VAL A C   1 
ATOM   1026 O  O   . VAL A 1 129 ? -13.226 -1.378  2.006   1.00 14.97 ? 129  VAL A O   1 
ATOM   1027 C  CB  . VAL A 1 129 ? -12.327 -4.245  2.627   1.00 13.37 ? 129  VAL A CB  1 
ATOM   1028 C  CG1 . VAL A 1 129 ? -12.766 -5.558  3.274   1.00 14.92 ? 129  VAL A CG1 1 
ATOM   1029 C  CG2 . VAL A 1 129 ? -11.006 -4.431  1.887   1.00 13.01 ? 129  VAL A CG2 1 
ATOM   1030 N  N   . ARG A 1 130 ? -12.640 -2.159  -0.018  1.00 13.86 ? 130  ARG A N   1 
ATOM   1031 C  CA  . ARG A 1 130 ? -12.293 -0.843  -0.542  1.00 13.51 ? 130  ARG A CA  1 
ATOM   1032 C  C   . ARG A 1 130 ? -12.825 -0.691  -1.964  1.00 13.28 ? 130  ARG A C   1 
ATOM   1033 O  O   . ARG A 1 130 ? -12.118 -0.942  -2.945  1.00 11.20 ? 130  ARG A O   1 
ATOM   1034 C  CB  . ARG A 1 130 ? -10.770 -0.635  -0.502  1.00 16.57 ? 130  ARG A CB  1 
ATOM   1035 C  CG  . ARG A 1 130 ? -10.239 0.551   -1.331  1.00 20.37 ? 130  ARG A CG  1 
ATOM   1036 C  CD  . ARG A 1 130 ? -11.310 1.593   -1.664  1.00 22.37 ? 130  ARG A CD  1 
ATOM   1037 N  NE  . ARG A 1 130 ? -11.563 2.527   -0.585  1.00 22.65 ? 130  ARG A NE  1 
ATOM   1038 C  CZ  . ARG A 1 130 ? -12.545 3.423   -0.585  1.00 22.46 ? 130  ARG A CZ  1 
ATOM   1039 N  NH1 . ARG A 1 130 ? -13.393 3.506   -1.605  1.00 20.56 ? 130  ARG A NH1 1 
ATOM   1040 N  NH2 . ARG A 1 130 ? -12.652 4.271   0.425   1.00 19.18 ? 130  ARG A NH2 1 
ATOM   1041 N  N   . PRO A 1 131 ? -14.089 -0.260  -2.089  1.00 12.83 ? 131  PRO A N   1 
ATOM   1042 C  CA  . PRO A 1 131 ? -14.718 -0.075  -3.398  1.00 13.43 ? 131  PRO A CA  1 
ATOM   1043 C  C   . PRO A 1 131 ? -13.878 0.809   -4.310  1.00 12.08 ? 131  PRO A C   1 
ATOM   1044 O  O   . PRO A 1 131 ? -13.316 1.813   -3.873  1.00 12.20 ? 131  PRO A O   1 
ATOM   1045 C  CB  . PRO A 1 131 ? -16.066 0.559   -3.046  1.00 12.80 ? 131  PRO A CB  1 
ATOM   1046 C  CG  . PRO A 1 131 ? -16.363 -0.029  -1.686  1.00 12.20 ? 131  PRO A CG  1 
ATOM   1047 C  CD  . PRO A 1 131 ? -15.021 0.090   -1.002  1.00 12.96 ? 131  PRO A CD  1 
ATOM   1048 N  N   . GLY A 1 132 ? -13.782 0.415   -5.574  1.00 13.03 ? 132  GLY A N   1 
ATOM   1049 C  CA  . GLY A 1 132 ? -13.021 1.191   -6.538  1.00 12.92 ? 132  GLY A CA  1 
ATOM   1050 C  C   . GLY A 1 132 ? -11.509 1.016   -6.513  1.00 12.55 ? 132  GLY A C   1 
ATOM   1051 O  O   . GLY A 1 132 ? -10.806 1.699   -7.260  1.00 12.87 ? 132  GLY A O   1 
ATOM   1052 N  N   . ALA A 1 133 ? -10.999 0.123   -5.667  1.00 11.67 ? 133  ALA A N   1 
ATOM   1053 C  CA  . ALA A 1 133 ? -9.554  -0.106  -5.593  1.00 12.68 ? 133  ALA A CA  1 
ATOM   1054 C  C   . ALA A 1 133 ? -8.996  -0.358  -6.999  1.00 12.20 ? 133  ALA A C   1 
ATOM   1055 O  O   . ALA A 1 133 ? -9.605  -1.082  -7.788  1.00 12.68 ? 133  ALA A O   1 
ATOM   1056 C  CB  . ALA A 1 133 ? -9.253  -1.292  -4.683  1.00 13.21 ? 133  ALA A CB  1 
ATOM   1057 N  N   . VAL A 1 134 ? -7.840  0.242   -7.291  1.00 12.22 ? 134  VAL A N   1 
ATOM   1058 C  CA  . VAL A 1 134 ? -7.180  0.148   -8.599  1.00 13.69 ? 134  VAL A CA  1 
ATOM   1059 C  C   . VAL A 1 134 ? -7.932  1.079   -9.559  1.00 13.84 ? 134  VAL A C   1 
ATOM   1060 O  O   . VAL A 1 134 ? -9.045  0.775   -9.994  1.00 14.82 ? 134  VAL A O   1 
ATOM   1061 C  CB  . VAL A 1 134 ? -7.178  -1.297  -9.150  1.00 13.49 ? 134  VAL A CB  1 
ATOM   1062 C  CG1 . VAL A 1 134 ? -6.418  -1.347  -10.467 1.00 14.88 ? 134  VAL A CG1 1 
ATOM   1063 C  CG2 . VAL A 1 134 ? -6.522  -2.242  -8.141  1.00 16.20 ? 134  VAL A CG2 1 
ATOM   1064 N  N   . GLN A 1 135 ? -7.305  2.205   -9.889  1.00 13.84 ? 135  GLN A N   1 
ATOM   1065 C  CA  . GLN A 1 135 ? -7.921  3.229   -10.733 1.00 13.48 ? 135  GLN A CA  1 
ATOM   1066 C  C   . GLN A 1 135 ? -7.545  3.364   -12.200 1.00 14.01 ? 135  GLN A C   1 
ATOM   1067 O  O   . GLN A 1 135 ? -8.406  3.656   -13.026 1.00 12.72 ? 135  GLN A O   1 
ATOM   1068 C  CB  . GLN A 1 135 ? -7.687  4.612   -10.126 1.00 14.12 ? 135  GLN A CB  1 
ATOM   1069 C  CG  . GLN A 1 135 ? -8.361  4.904   -8.811  1.00 12.80 ? 135  GLN A CG  1 
ATOM   1070 C  CD  . GLN A 1 135 ? -8.018  6.296   -8.330  1.00 11.38 ? 135  GLN A CD  1 
ATOM   1071 O  OE1 . GLN A 1 135 ? -6.843  6.616   -8.111  1.00 12.53 ? 135  GLN A OE1 1 
ATOM   1072 N  NE2 . GLN A 1 135 ? -9.032  7.142   -8.182  1.00 12.53 ? 135  GLN A NE2 1 
ATOM   1073 N  N   . THR A 1 136 ? -6.268  3.178   -12.519 1.00 13.45 ? 136  THR A N   1 
ATOM   1074 C  CA  . THR A 1 136 ? -5.790  3.400   -13.880 1.00 14.51 ? 136  THR A CA  1 
ATOM   1075 C  C   . THR A 1 136 ? -5.384  2.202   -14.725 1.00 14.13 ? 136  THR A C   1 
ATOM   1076 O  O   . THR A 1 136 ? -5.162  1.105   -14.213 1.00 14.07 ? 136  THR A O   1 
ATOM   1077 C  CB  . THR A 1 136 ? -4.591  4.366   -13.849 1.00 13.58 ? 136  THR A CB  1 
ATOM   1078 O  OG1 . THR A 1 136 ? -3.450  3.680   -13.319 1.00 12.13 ? 136  THR A OG1 1 
ATOM   1079 C  CG2 . THR A 1 136 ? -4.900  5.565   -12.954 1.00 12.87 ? 136  THR A CG2 1 
ATOM   1080 N  N   . TYR A 1 137 ? -5.277  2.436   -16.033 1.00 16.64 ? 137  TYR A N   1 
ATOM   1081 C  CA  . TYR A 1 137 ? -4.866  1.399   -16.974 1.00 16.26 ? 137  TYR A CA  1 
ATOM   1082 C  C   . TYR A 1 137 ? -3.463  0.921   -16.623 1.00 14.30 ? 137  TYR A C   1 
ATOM   1083 O  O   . TYR A 1 137 ? -3.183  -0.276  -16.650 1.00 13.55 ? 137  TYR A O   1 
ATOM   1084 C  CB  . TYR A 1 137 ? -4.853  1.929   -18.414 1.00 22.66 ? 137  TYR A CB  1 
ATOM   1085 C  CG  . TYR A 1 137 ? -6.191  1.931   -19.127 1.00 28.89 ? 137  TYR A CG  1 
ATOM   1086 C  CD1 . TYR A 1 137 ? -7.275  2.628   -18.611 1.00 33.61 ? 137  TYR A CD1 1 
ATOM   1087 C  CD2 . TYR A 1 137 ? -6.359  1.266   -20.343 1.00 33.94 ? 137  TYR A CD2 1 
ATOM   1088 C  CE1 . TYR A 1 137 ? -8.495  2.678   -19.280 1.00 34.96 ? 137  TYR A CE1 1 
ATOM   1089 C  CE2 . TYR A 1 137 ? -7.582  1.307   -21.027 1.00 35.82 ? 137  TYR A CE2 1 
ATOM   1090 C  CZ  . TYR A 1 137 ? -8.643  2.021   -20.484 1.00 34.95 ? 137  TYR A CZ  1 
ATOM   1091 O  OH  . TYR A 1 137 ? -9.849  2.093   -21.146 1.00 37.32 ? 137  TYR A OH  1 
ATOM   1092 N  N   . GLU A 1 138 ? -2.573  1.851   -16.302 1.00 13.67 ? 138  GLU A N   1 
ATOM   1093 C  CA  . GLU A 1 138 ? -1.212  1.450   -15.971 1.00 15.61 ? 138  GLU A CA  1 
ATOM   1094 C  C   . GLU A 1 138 ? -1.202  0.561   -14.736 1.00 13.98 ? 138  GLU A C   1 
ATOM   1095 O  O   . GLU A 1 138 ? -0.432  -0.392  -14.659 1.00 11.95 ? 138  GLU A O   1 
ATOM   1096 C  CB  . GLU A 1 138 ? -0.311  2.662   -15.735 1.00 19.11 ? 138  GLU A CB  1 
ATOM   1097 C  CG  . GLU A 1 138 ? 1.174   2.298   -15.813 1.00 25.27 ? 138  GLU A CG  1 
ATOM   1098 C  CD  . GLU A 1 138 ? 2.096   3.463   -15.520 1.00 27.07 ? 138  GLU A CD  1 
ATOM   1099 O  OE1 . GLU A 1 138 ? 3.317   3.328   -15.764 1.00 29.25 ? 138  GLU A OE1 1 
ATOM   1100 O  OE2 . GLU A 1 138 ? 1.610   4.509   -15.043 1.00 29.38 ? 138  GLU A OE2 1 
ATOM   1101 N  N   . GLN A 1 139 ? -2.065  0.862   -13.770 1.00 12.75 ? 139  GLN A N   1 
ATOM   1102 C  CA  . GLN A 1 139 ? -2.115  0.058   -12.556 1.00 13.95 ? 139  GLN A CA  1 
ATOM   1103 C  C   . GLN A 1 139 ? -2.646  -1.332  -12.887 1.00 15.55 ? 139  GLN A C   1 
ATOM   1104 O  O   . GLN A 1 139 ? -2.149  -2.340  -12.377 1.00 15.23 ? 139  GLN A O   1 
ATOM   1105 C  CB  . GLN A 1 139 ? -2.989  0.742   -11.498 1.00 14.34 ? 139  GLN A CB  1 
ATOM   1106 C  CG  . GLN A 1 139 ? -2.418  2.081   -11.056 1.00 15.28 ? 139  GLN A CG  1 
ATOM   1107 C  CD  . GLN A 1 139 ? -3.284  2.814   -10.050 1.00 14.75 ? 139  GLN A CD  1 
ATOM   1108 O  OE1 . GLN A 1 139 ? -4.504  2.635   -10.007 1.00 12.65 ? 139  GLN A OE1 1 
ATOM   1109 N  NE2 . GLN A 1 139 ? -2.654  3.675   -9.250  1.00 12.62 ? 139  GLN A NE2 1 
ATOM   1110 N  N   . GLU A 1 140 ? -3.647  -1.381  -13.758 1.00 15.59 ? 140  GLU A N   1 
ATOM   1111 C  CA  . GLU A 1 140 ? -4.231  -2.648  -14.169 1.00 17.98 ? 140  GLU A CA  1 
ATOM   1112 C  C   . GLU A 1 140 ? -3.204  -3.446  -14.972 1.00 17.51 ? 140  GLU A C   1 
ATOM   1113 O  O   . GLU A 1 140 ? -3.043  -4.654  -14.777 1.00 14.59 ? 140  GLU A O   1 
ATOM   1114 C  CB  . GLU A 1 140 ? -5.481  -2.390  -15.014 1.00 20.61 ? 140  GLU A CB  1 
ATOM   1115 C  CG  . GLU A 1 140 ? -6.194  -3.648  -15.476 1.00 26.86 ? 140  GLU A CG  1 
ATOM   1116 C  CD  . GLU A 1 140 ? -7.547  -3.348  -16.100 1.00 29.06 ? 140  GLU A CD  1 
ATOM   1117 O  OE1 . GLU A 1 140 ? -8.216  -4.300  -16.553 1.00 31.48 ? 140  GLU A OE1 1 
ATOM   1118 O  OE2 . GLU A 1 140 ? -7.941  -2.162  -16.129 1.00 29.48 ? 140  GLU A OE2 1 
ATOM   1119 N  N   . MET A 1 141 ? -2.501  -2.759  -15.867 1.00 17.61 ? 141  MET A N   1 
ATOM   1120 C  CA  . MET A 1 141 ? -1.488  -3.408  -16.691 1.00 19.37 ? 141  MET A CA  1 
ATOM   1121 C  C   . MET A 1 141 ? -0.349  -3.953  -15.835 1.00 17.16 ? 141  MET A C   1 
ATOM   1122 O  O   . MET A 1 141 ? 0.210   -5.005  -16.136 1.00 16.93 ? 141  MET A O   1 
ATOM   1123 C  CB  . MET A 1 141 ? -0.942  -2.431  -17.736 1.00 22.82 ? 141  MET A CB  1 
ATOM   1124 C  CG  . MET A 1 141 ? -1.952  -2.072  -18.814 1.00 30.96 ? 141  MET A CG  1 
ATOM   1125 S  SD  . MET A 1 141 ? -1.205  -1.210  -20.213 1.00 40.29 ? 141  MET A SD  1 
ATOM   1126 C  CE  . MET A 1 141 ? -1.991  0.419   -20.091 1.00 38.67 ? 141  MET A CE  1 
ATOM   1127 N  N   . PHE A 1 142 ? -0.005  -3.232  -14.772 1.00 15.85 ? 142  PHE A N   1 
ATOM   1128 C  CA  . PHE A 1 142 ? 1.052   -3.663  -13.858 1.00 14.57 ? 142  PHE A CA  1 
ATOM   1129 C  C   . PHE A 1 142 ? 0.653   -4.989  -13.198 1.00 13.86 ? 142  PHE A C   1 
ATOM   1130 O  O   . PHE A 1 142 ? 1.465   -5.909  -13.080 1.00 10.57 ? 142  PHE A O   1 
ATOM   1131 C  CB  . PHE A 1 142 ? 1.269   -2.598  -12.776 1.00 12.72 ? 142  PHE A CB  1 
ATOM   1132 C  CG  . PHE A 1 142 ? 2.117   -3.062  -11.620 1.00 15.67 ? 142  PHE A CG  1 
ATOM   1133 C  CD1 . PHE A 1 142 ? 3.495   -3.207  -11.757 1.00 16.33 ? 142  PHE A CD1 1 
ATOM   1134 C  CD2 . PHE A 1 142 ? 1.531   -3.370  -10.395 1.00 14.42 ? 142  PHE A CD2 1 
ATOM   1135 C  CE1 . PHE A 1 142 ? 4.280   -3.656  -10.688 1.00 15.06 ? 142  PHE A CE1 1 
ATOM   1136 C  CE2 . PHE A 1 142 ? 2.305   -3.820  -9.318  1.00 14.76 ? 142  PHE A CE2 1 
ATOM   1137 C  CZ  . PHE A 1 142 ? 3.683   -3.964  -9.467  1.00 15.15 ? 142  PHE A CZ  1 
ATOM   1138 N  N   . LEU A 1 143 ? -0.600  -5.073  -12.757 1.00 12.67 ? 143  LEU A N   1 
ATOM   1139 C  CA  . LEU A 1 143 ? -1.097  -6.280  -12.105 1.00 11.84 ? 143  LEU A CA  1 
ATOM   1140 C  C   . LEU A 1 143 ? -1.040  -7.479  -13.051 1.00 14.54 ? 143  LEU A C   1 
ATOM   1141 O  O   . LEU A 1 143 ? -0.604  -8.569  -12.660 1.00 15.77 ? 143  LEU A O   1 
ATOM   1142 C  CB  . LEU A 1 143 ? -2.528  -6.046  -11.605 1.00 11.27 ? 143  LEU A CB  1 
ATOM   1143 C  CG  . LEU A 1 143 ? -2.637  -5.069  -10.426 1.00 8.53  ? 143  LEU A CG  1 
ATOM   1144 C  CD1 . LEU A 1 143 ? -4.089  -4.729  -10.143 1.00 9.81  ? 143  LEU A CD1 1 
ATOM   1145 C  CD2 . LEU A 1 143 ? -1.985  -5.688  -9.194  1.00 10.39 ? 143  LEU A CD2 1 
ATOM   1146 N  N   . LEU A 1 144 ? -1.479  -7.276  -14.293 1.00 15.51 ? 144  LEU A N   1 
ATOM   1147 C  CA  . LEU A 1 144 ? -1.463  -8.342  -15.297 1.00 17.47 ? 144  LEU A CA  1 
ATOM   1148 C  C   . LEU A 1 144 ? -0.024  -8.793  -15.509 1.00 19.00 ? 144  LEU A C   1 
ATOM   1149 O  O   . LEU A 1 144 ? 0.267   -9.986  -15.609 1.00 18.25 ? 144  LEU A O   1 
ATOM   1150 C  CB  . LEU A 1 144 ? -2.055  -7.832  -16.617 1.00 18.64 ? 144  LEU A CB  1 
ATOM   1151 C  CG  . LEU A 1 144 ? -3.585  -7.827  -16.746 1.00 22.08 ? 144  LEU A CG  1 
ATOM   1152 C  CD1 . LEU A 1 144 ? -4.227  -7.264  -15.488 1.00 27.21 ? 144  LEU A CD1 1 
ATOM   1153 C  CD2 . LEU A 1 144 ? -3.987  -7.002  -17.964 1.00 23.51 ? 144  LEU A CD2 1 
ATOM   1154 N  N   . ARG A 1 145 ? 0.871   -7.817  -15.567 1.00 19.50 ? 145  ARG A N   1 
ATOM   1155 C  CA  . ARG A 1 145 ? 2.289   -8.069  -15.749 1.00 23.05 ? 145  ARG A CA  1 
ATOM   1156 C  C   . ARG A 1 145 ? 2.836   -8.892  -14.575 1.00 21.99 ? 145  ARG A C   1 
ATOM   1157 O  O   . ARG A 1 145 ? 3.598   -9.843  -14.775 1.00 22.34 ? 145  ARG A O   1 
ATOM   1158 C  CB  . ARG A 1 145 ? 3.013   -6.726  -15.870 1.00 24.37 ? 145  ARG A CB  1 
ATOM   1159 C  CG  . ARG A 1 145 ? 4.517   -6.792  -15.924 1.00 32.20 ? 145  ARG A CG  1 
ATOM   1160 C  CD  . ARG A 1 145 ? 5.083   -5.404  -16.197 1.00 36.38 ? 145  ARG A CD  1 
ATOM   1161 N  NE  . ARG A 1 145 ? 6.528   -5.353  -16.003 1.00 42.36 ? 145  ARG A NE  1 
ATOM   1162 C  CZ  . ARG A 1 145 ? 7.126   -5.466  -14.822 1.00 42.63 ? 145  ARG A CZ  1 
ATOM   1163 N  NH1 . ARG A 1 145 ? 6.408   -5.632  -13.722 1.00 43.48 ? 145  ARG A NH1 1 
ATOM   1164 N  NH2 . ARG A 1 145 ? 8.447   -5.427  -14.748 1.00 44.44 ? 145  ARG A NH2 1 
ATOM   1165 N  N   . VAL A 1 146 ? 2.438   -8.537  -13.354 1.00 20.68 ? 146  VAL A N   1 
ATOM   1166 C  CA  . VAL A 1 146 ? 2.894   -9.266  -12.169 1.00 19.36 ? 146  VAL A CA  1 
ATOM   1167 C  C   . VAL A 1 146 ? 2.369   -10.699 -12.185 1.00 20.09 ? 146  VAL A C   1 
ATOM   1168 O  O   . VAL A 1 146 ? 3.111   -11.641 -11.901 1.00 20.97 ? 146  VAL A O   1 
ATOM   1169 C  CB  . VAL A 1 146 ? 2.443   -8.568  -10.859 1.00 17.75 ? 146  VAL A CB  1 
ATOM   1170 C  CG1 . VAL A 1 146 ? 2.787   -9.433  -9.653  1.00 17.33 ? 146  VAL A CG1 1 
ATOM   1171 C  CG2 . VAL A 1 146 ? 3.135   -7.220  -10.731 1.00 17.33 ? 146  VAL A CG2 1 
ATOM   1172 N  N   . GLU A 1 147 ? 1.094   -10.866 -12.525 1.00 18.97 ? 147  GLU A N   1 
ATOM   1173 C  CA  . GLU A 1 147 ? 0.514   -12.201 -12.582 1.00 21.18 ? 147  GLU A CA  1 
ATOM   1174 C  C   . GLU A 1 147 ? 1.241   -13.064 -13.612 1.00 21.01 ? 147  GLU A C   1 
ATOM   1175 O  O   . GLU A 1 147 ? 1.530   -14.231 -13.360 1.00 20.47 ? 147  GLU A O   1 
ATOM   1176 C  CB  . GLU A 1 147 ? -0.973  -12.144 -12.952 1.00 22.52 ? 147  GLU A CB  1 
ATOM   1177 C  CG  . GLU A 1 147 ? -1.578  -13.537 -13.134 1.00 27.39 ? 147  GLU A CG  1 
ATOM   1178 C  CD  . GLU A 1 147 ? -3.007  -13.524 -13.639 1.00 32.35 ? 147  GLU A CD  1 
ATOM   1179 O  OE1 . GLU A 1 147 ? -3.586  -14.623 -13.785 1.00 36.69 ? 147  GLU A OE1 1 
ATOM   1180 O  OE2 . GLU A 1 147 ? -3.556  -12.432 -13.891 1.00 32.98 ? 147  GLU A OE2 1 
ATOM   1181 N  N   . GLY A 1 148 ? 1.525   -12.477 -14.772 1.00 21.65 ? 148  GLY A N   1 
ATOM   1182 C  CA  . GLY A 1 148 ? 2.197   -13.202 -15.838 1.00 24.10 ? 148  GLY A CA  1 
ATOM   1183 C  C   . GLY A 1 148 ? 3.617   -13.629 -15.521 1.00 24.94 ? 148  GLY A C   1 
ATOM   1184 O  O   . GLY A 1 148 ? 4.166   -14.510 -16.176 1.00 25.35 ? 148  GLY A O   1 
ATOM   1185 N  N   . MET A 1 149 ? 4.216   -13.004 -14.517 1.00 26.34 ? 149  MET A N   1 
ATOM   1186 C  CA  . MET A 1 149 ? 5.579   -13.341 -14.131 1.00 28.18 ? 149  MET A CA  1 
ATOM   1187 C  C   . MET A 1 149 ? 5.641   -13.693 -12.652 1.00 27.38 ? 149  MET A C   1 
ATOM   1188 O  O   . MET A 1 149 ? 6.643   -13.430 -11.992 1.00 26.73 ? 149  MET A O   1 
ATOM   1189 C  CB  . MET A 1 149 ? 6.517   -12.164 -14.419 1.00 31.10 ? 149  MET A CB  1 
ATOM   1190 C  CG  . MET A 1 149 ? 6.529   -11.717 -15.872 1.00 34.44 ? 149  MET A CG  1 
ATOM   1191 S  SD  . MET A 1 149 ? 7.753   -10.424 -16.193 1.00 42.12 ? 149  MET A SD  1 
ATOM   1192 C  CE  . MET A 1 149 ? 7.030   -9.046  -15.302 1.00 38.96 ? 149  MET A CE  1 
ATOM   1193 N  N   . ARG A 1 150 ? 4.571   -14.290 -12.134 1.00 27.33 ? 150  ARG A N   1 
ATOM   1194 C  CA  . ARG A 1 150 ? 4.530   -14.658 -10.723 1.00 28.10 ? 150  ARG A CA  1 
ATOM   1195 C  C   . ARG A 1 150 ? 5.756   -15.463 -10.296 1.00 28.26 ? 150  ARG A C   1 
ATOM   1196 O  O   . ARG A 1 150 ? 6.403   -15.138 -9.302  1.00 27.92 ? 150  ARG A O   1 
ATOM   1197 C  CB  . ARG A 1 150 ? 3.262   -15.464 -10.401 1.00 28.21 ? 150  ARG A CB  1 
ATOM   1198 C  CG  . ARG A 1 150 ? 3.164   -15.827 -8.923  1.00 30.40 ? 150  ARG A CG  1 
ATOM   1199 C  CD  . ARG A 1 150 ? 2.018   -16.777 -8.584  1.00 33.47 ? 150  ARG A CD  1 
ATOM   1200 N  NE  . ARG A 1 150 ? 0.701   -16.142 -8.586  1.00 33.89 ? 150  ARG A NE  1 
ATOM   1201 C  CZ  . ARG A 1 150 ? -0.089  -16.059 -9.651  1.00 35.06 ? 150  ARG A CZ  1 
ATOM   1202 N  NH1 . ARG A 1 150 ? 0.300   -16.568 -10.811 1.00 36.42 ? 150  ARG A NH1 1 
ATOM   1203 N  NH2 . ARG A 1 150 ? -1.276  -15.478 -9.553  1.00 34.13 ? 150  ARG A NH2 1 
ATOM   1204 N  N   . LYS A 1 151 ? 6.071   -16.514 -11.048 1.00 29.79 ? 151  LYS A N   1 
ATOM   1205 C  CA  . LYS A 1 151 ? 7.213   -17.372 -10.736 1.00 30.96 ? 151  LYS A CA  1 
ATOM   1206 C  C   . LYS A 1 151 ? 8.498   -16.561 -10.619 1.00 30.11 ? 151  LYS A C   1 
ATOM   1207 O  O   . LYS A 1 151 ? 9.247   -16.691 -9.650  1.00 30.50 ? 151  LYS A O   1 
ATOM   1208 C  CB  . LYS A 1 151 ? 7.376   -18.441 -11.818 1.00 34.27 ? 151  LYS A CB  1 
ATOM   1209 C  CG  . LYS A 1 151 ? 6.113   -19.255 -12.083 1.00 38.80 ? 151  LYS A CG  1 
ATOM   1210 C  CD  . LYS A 1 151 ? 5.606   -19.948 -10.821 1.00 42.22 ? 151  LYS A CD  1 
ATOM   1211 C  CE  . LYS A 1 151 ? 6.614   -20.959 -10.287 1.00 44.05 ? 151  LYS A CE  1 
ATOM   1212 N  NZ  . LYS A 1 151 ? 6.170   -21.553 -8.991  1.00 46.60 ? 151  LYS A NZ  1 
ATOM   1213 N  N   . SER A 1 152 ? 8.747   -15.724 -11.618 1.00 29.92 ? 152  SER A N   1 
ATOM   1214 C  CA  . SER A 1 152 ? 9.932   -14.885 -11.636 1.00 28.93 ? 152  SER A CA  1 
ATOM   1215 C  C   . SER A 1 152 ? 9.949   -13.947 -10.427 1.00 28.07 ? 152  SER A C   1 
ATOM   1216 O  O   . SER A 1 152 ? 11.004  -13.689 -9.845  1.00 26.63 ? 152  SER A O   1 
ATOM   1217 C  CB  . SER A 1 152 ? 9.968   -14.074 -12.934 1.00 29.94 ? 152  SER A CB  1 
ATOM   1218 O  OG  . SER A 1 152 ? 11.081  -13.201 -12.955 1.00 33.67 ? 152  SER A OG  1 
ATOM   1219 N  N   . TRP A 1 153 ? 8.781   -13.439 -10.043 1.00 26.78 ? 153  TRP A N   1 
ATOM   1220 C  CA  . TRP A 1 153 ? 8.716   -12.542 -8.894  1.00 25.85 ? 153  TRP A CA  1 
ATOM   1221 C  C   . TRP A 1 153 ? 8.921   -13.282 -7.578  1.00 25.88 ? 153  TRP A C   1 
ATOM   1222 O  O   . TRP A 1 153 ? 9.659   -12.822 -6.710  1.00 24.57 ? 153  TRP A O   1 
ATOM   1223 C  CB  . TRP A 1 153 ? 7.390   -11.773 -8.874  1.00 24.06 ? 153  TRP A CB  1 
ATOM   1224 C  CG  . TRP A 1 153 ? 7.425   -10.539 -9.733  1.00 23.39 ? 153  TRP A CG  1 
ATOM   1225 C  CD1 . TRP A 1 153 ? 6.739   -10.324 -10.895 1.00 23.19 ? 153  TRP A CD1 1 
ATOM   1226 C  CD2 . TRP A 1 153 ? 8.197   -9.356  -9.499  1.00 22.43 ? 153  TRP A CD2 1 
ATOM   1227 N  NE1 . TRP A 1 153 ? 7.035   -9.078  -11.397 1.00 21.81 ? 153  TRP A NE1 1 
ATOM   1228 C  CE2 . TRP A 1 153 ? 7.929   -8.462  -10.561 1.00 22.84 ? 153  TRP A CE2 1 
ATOM   1229 C  CE3 . TRP A 1 153 ? 9.093   -8.962  -8.491  1.00 22.40 ? 153  TRP A CE3 1 
ATOM   1230 C  CZ2 . TRP A 1 153 ? 8.523   -7.195  -10.648 1.00 22.85 ? 153  TRP A CZ2 1 
ATOM   1231 C  CZ3 . TRP A 1 153 ? 9.685   -7.700  -8.576  1.00 22.51 ? 153  TRP A CZ3 1 
ATOM   1232 C  CH2 . TRP A 1 153 ? 9.395   -6.833  -9.649  1.00 24.47 ? 153  TRP A CH2 1 
ATOM   1233 N  N   . LEU A 1 154 ? 8.272   -14.430 -7.425  1.00 27.79 ? 154  LEU A N   1 
ATOM   1234 C  CA  . LEU A 1 154 ? 8.429   -15.203 -6.201  1.00 29.78 ? 154  LEU A CA  1 
ATOM   1235 C  C   . LEU A 1 154 ? 9.885   -15.632 -6.052  1.00 31.13 ? 154  LEU A C   1 
ATOM   1236 O  O   . LEU A 1 154 ? 10.438  -15.618 -4.953  1.00 31.90 ? 154  LEU A O   1 
ATOM   1237 C  CB  . LEU A 1 154 ? 7.518   -16.429 -6.232  1.00 28.31 ? 154  LEU A CB  1 
ATOM   1238 C  CG  . LEU A 1 154 ? 6.026   -16.100 -6.155  1.00 26.56 ? 154  LEU A CG  1 
ATOM   1239 C  CD1 . LEU A 1 154 ? 5.206   -17.361 -6.378  1.00 26.25 ? 154  LEU A CD1 1 
ATOM   1240 C  CD2 . LEU A 1 154 ? 5.721   -15.481 -4.799  1.00 23.32 ? 154  LEU A CD2 1 
ATOM   1241 N  N   . LYS A 1 155 ? 10.503  -15.997 -7.170  1.00 33.69 ? 155  LYS A N   1 
ATOM   1242 C  CA  . LYS A 1 155 ? 11.896  -16.426 -7.178  1.00 35.31 ? 155  LYS A CA  1 
ATOM   1243 C  C   . LYS A 1 155 ? 12.812  -15.334 -6.630  1.00 35.66 ? 155  LYS A C   1 
ATOM   1244 O  O   . LYS A 1 155 ? 13.711  -15.608 -5.834  1.00 35.70 ? 155  LYS A O   1 
ATOM   1245 C  CB  . LYS A 1 155 ? 12.312  -16.785 -8.606  1.00 38.21 ? 155  LYS A CB  1 
ATOM   1246 C  CG  . LYS A 1 155 ? 13.731  -17.312 -8.748  1.00 41.76 ? 155  LYS A CG  1 
ATOM   1247 C  CD  . LYS A 1 155 ? 14.015  -17.673 -10.197 1.00 44.25 ? 155  LYS A CD  1 
ATOM   1248 C  CE  . LYS A 1 155 ? 15.415  -18.225 -10.377 1.00 46.54 ? 155  LYS A CE  1 
ATOM   1249 N  NZ  . LYS A 1 155 ? 15.671  -18.572 -11.803 1.00 47.80 ? 155  LYS A NZ  1 
ATOM   1250 N  N   . ASN A 1 156 ? 12.576  -14.094 -7.052  1.00 35.95 ? 156  ASN A N   1 
ATOM   1251 C  CA  . ASN A 1 156 ? 13.386  -12.962 -6.609  1.00 36.27 ? 156  ASN A CA  1 
ATOM   1252 C  C   . ASN A 1 156 ? 13.056  -12.482 -5.201  1.00 36.61 ? 156  ASN A C   1 
ATOM   1253 O  O   . ASN A 1 156 ? 13.923  -11.961 -4.500  1.00 35.41 ? 156  ASN A O   1 
ATOM   1254 C  CB  . ASN A 1 156 ? 13.238  -11.792 -7.589  1.00 36.90 ? 156  ASN A CB  1 
ATOM   1255 C  CG  . ASN A 1 156 ? 14.120  -11.942 -8.815  1.00 38.98 ? 156  ASN A CG  1 
ATOM   1256 O  OD1 . ASN A 1 156 ? 15.345  -11.850 -8.725  1.00 39.86 ? 156  ASN A OD1 1 
ATOM   1257 N  ND2 . ASN A 1 156 ? 13.503  -12.177 -9.967  1.00 40.05 ? 156  ASN A ND2 1 
ATOM   1258 N  N   . ILE A 1 157 ? 11.804  -12.654 -4.789  1.00 37.19 ? 157  ILE A N   1 
ATOM   1259 C  CA  . ILE A 1 157 ? 11.372  -12.222 -3.466  1.00 38.98 ? 157  ILE A CA  1 
ATOM   1260 C  C   . ILE A 1 157 ? 11.835  -13.166 -2.365  1.00 40.89 ? 157  ILE A C   1 
ATOM   1261 O  O   . ILE A 1 157 ? 12.204  -12.723 -1.278  1.00 41.15 ? 157  ILE A O   1 
ATOM   1262 C  CB  . ILE A 1 157 ? 9.837   -12.091 -3.395  1.00 37.90 ? 157  ILE A CB  1 
ATOM   1263 C  CG1 . ILE A 1 157 ? 9.367   -10.997 -4.355  1.00 36.32 ? 157  ILE A CG1 1 
ATOM   1264 C  CG2 . ILE A 1 157 ? 9.404   -11.761 -1.971  1.00 36.54 ? 157  ILE A CG2 1 
ATOM   1265 C  CD1 . ILE A 1 157 ? 7.865   -10.878 -4.456  1.00 37.54 ? 157  ILE A CD1 1 
ATOM   1266 N  N   . TYR A 1 158 ? 11.815  -14.466 -2.643  1.00 42.68 ? 158  TYR A N   1 
ATOM   1267 C  CA  . TYR A 1 158 ? 12.242  -15.445 -1.650  1.00 44.72 ? 158  TYR A CA  1 
ATOM   1268 C  C   . TYR A 1 158 ? 13.654  -15.953 -1.915  1.00 45.52 ? 158  TYR A C   1 
ATOM   1269 O  O   . TYR A 1 158 ? 14.280  -15.481 -2.889  1.00 46.41 ? 158  TYR A O   1 
ATOM   1270 C  CB  . TYR A 1 158 ? 11.266  -16.624 -1.604  1.00 45.13 ? 158  TYR A CB  1 
ATOM   1271 C  CG  . TYR A 1 158 ? 9.879   -16.241 -1.136  1.00 45.56 ? 158  TYR A CG  1 
ATOM   1272 C  CD1 . TYR A 1 158 ? 8.957   -15.670 -2.012  1.00 45.65 ? 158  TYR A CD1 1 
ATOM   1273 C  CD2 . TYR A 1 158 ? 9.497   -16.426 0.192   1.00 45.81 ? 158  TYR A CD2 1 
ATOM   1274 C  CE1 . TYR A 1 158 ? 7.688   -15.292 -1.576  1.00 45.70 ? 158  TYR A CE1 1 
ATOM   1275 C  CE2 . TYR A 1 158 ? 8.232   -16.050 0.639   1.00 45.43 ? 158  TYR A CE2 1 
ATOM   1276 C  CZ  . TYR A 1 158 ? 7.333   -15.485 -0.249  1.00 45.68 ? 158  TYR A CZ  1 
ATOM   1277 O  OH  . TYR A 1 158 ? 6.083   -15.115 0.191   1.00 46.66 ? 158  TYR A OH  1 
ATOM   1278 N  N   . ASN B 2 1   ? -5.396  9.131   -8.170  1.00 13.71 ? 171  ASN B N   1 
ATOM   1279 C  CA  . ASN B 2 1   ? -5.704  10.584  -8.069  1.00 14.29 ? 171  ASN B CA  1 
ATOM   1280 C  C   . ASN B 2 1   ? -7.215  10.820  -8.112  1.00 14.00 ? 171  ASN B C   1 
ATOM   1281 O  O   . ASN B 2 1   ? -8.000  9.872   -8.015  1.00 15.63 ? 171  ASN B O   1 
ATOM   1282 C  CB  . ASN B 2 1   ? -5.018  11.339  -9.214  1.00 13.14 ? 171  ASN B CB  1 
ATOM   1283 C  CG  . ASN B 2 1   ? -5.422  10.825  -10.584 1.00 15.57 ? 171  ASN B CG  1 
ATOM   1284 O  OD1 . ASN B 2 1   ? -5.685  11.616  -11.489 1.00 17.64 ? 171  ASN B OD1 1 
ATOM   1285 N  ND2 . ASN B 2 1   ? -5.460  9.504   -10.750 1.00 9.63  ? 171  ASN B ND2 1 
ATOM   1286 N  N   . LYS B 2 2   ? -7.618  12.082  -8.241  1.00 15.21 ? 172  LYS B N   1 
ATOM   1287 C  CA  . LYS B 2 2   ? -9.035  12.442  -8.316  1.00 18.06 ? 172  LYS B CA  1 
ATOM   1288 C  C   . LYS B 2 2   ? -9.827  11.891  -7.133  1.00 19.10 ? 172  LYS B C   1 
ATOM   1289 O  O   . LYS B 2 2   ? -10.772 11.122  -7.315  1.00 19.97 ? 172  LYS B O   1 
ATOM   1290 C  CB  . LYS B 2 2   ? -9.638  11.902  -9.619  1.00 18.20 ? 172  LYS B CB  1 
ATOM   1291 C  CG  . LYS B 2 2   ? -10.952 12.551  -10.046 1.00 20.80 ? 172  LYS B CG  1 
ATOM   1292 C  CD  . LYS B 2 2   ? -10.749 13.964  -10.587 1.00 18.10 ? 172  LYS B CD  1 
ATOM   1293 C  CE  . LYS B 2 2   ? -12.059 14.527  -11.142 1.00 17.31 ? 172  LYS B CE  1 
ATOM   1294 N  NZ  . LYS B 2 2   ? -11.909 15.871  -11.770 1.00 13.84 ? 172  LYS B NZ  1 
HETATM 1295 N  N   . PTR B 2 3   ? -9.456  12.281  -5.920  1.00 20.17 ? 173  PTR B N   1 
HETATM 1296 C  CA  . PTR B 2 3   ? -10.161 11.779  -4.747  1.00 23.48 ? 173  PTR B CA  1 
HETATM 1297 C  C   . PTR B 2 3   ? -11.210 12.737  -4.202  1.00 27.54 ? 173  PTR B C   1 
HETATM 1298 O  O   . PTR B 2 3   ? -11.205 13.927  -4.521  1.00 27.84 ? 173  PTR B O   1 
HETATM 1299 C  CB  . PTR B 2 3   ? -9.166  11.426  -3.643  1.00 19.03 ? 173  PTR B CB  1 
HETATM 1300 C  CG  . PTR B 2 3   ? -8.124  10.421  -4.083  1.00 17.52 ? 173  PTR B CG  1 
HETATM 1301 C  CD1 . PTR B 2 3   ? -6.786  10.793  -4.216  1.00 15.67 ? 173  PTR B CD1 1 
HETATM 1302 C  CD2 . PTR B 2 3   ? -8.481  9.106   -4.393  1.00 15.69 ? 173  PTR B CD2 1 
HETATM 1303 C  CE1 . PTR B 2 3   ? -5.824  9.887   -4.646  1.00 14.43 ? 173  PTR B CE1 1 
HETATM 1304 C  CE2 . PTR B 2 3   ? -7.528  8.184   -4.824  1.00 14.53 ? 173  PTR B CE2 1 
HETATM 1305 C  CZ  . PTR B 2 3   ? -6.203  8.584   -4.950  1.00 13.45 ? 173  PTR B CZ  1 
HETATM 1306 O  OH  . PTR B 2 3   ? -5.275  7.684   -5.404  1.00 11.31 ? 173  PTR B OH  1 
HETATM 1307 P  P   . PTR B 2 3   ? -4.303  6.986   -4.442  1.00 13.51 ? 173  PTR B P   1 
HETATM 1308 O  O1P . PTR B 2 3   ? -3.271  6.276   -5.232  1.00 11.26 ? 173  PTR B O1P 1 
HETATM 1309 O  O2P . PTR B 2 3   ? -3.655  7.996   -3.568  1.00 11.30 ? 173  PTR B O2P 1 
HETATM 1310 O  O3P . PTR B 2 3   ? -5.049  6.014   -3.604  1.00 11.94 ? 173  PTR B O3P 1 
ATOM   1311 N  N   . GLY B 2 4   ? -12.118 12.206  -3.388  1.00 33.18 ? 174  GLY B N   1 
ATOM   1312 C  CA  . GLY B 2 4   ? -13.155 13.039  -2.804  1.00 41.74 ? 174  GLY B CA  1 
ATOM   1313 C  C   . GLY B 2 4   ? -14.594 12.594  -3.020  1.00 46.65 ? 174  GLY B C   1 
ATOM   1314 O  O   . GLY B 2 4   ? -15.507 13.415  -2.916  1.00 48.59 ? 174  GLY B O   1 
ATOM   1315 N  N   . ASN B 2 5   ? -14.816 11.314  -3.319  1.00 50.03 ? 175  ASN B N   1 
ATOM   1316 C  CA  . ASN B 2 5   ? -16.177 10.827  -3.525  1.00 53.03 ? 175  ASN B CA  1 
ATOM   1317 C  C   . ASN B 2 5   ? -17.046 11.086  -2.289  1.00 54.74 ? 175  ASN B C   1 
ATOM   1318 O  O   . ASN B 2 5   ? -16.472 11.348  -1.207  1.00 55.37 ? 175  ASN B O   1 
ATOM   1319 C  CB  . ASN B 2 5   ? -16.166 9.327   -3.847  1.00 53.81 ? 175  ASN B CB  1 
ATOM   1320 C  CG  . ASN B 2 5   ? -17.093 8.526   -2.941  1.00 55.37 ? 175  ASN B CG  1 
ATOM   1321 O  OD1 . ASN B 2 5   ? -16.672 7.998   -1.908  1.00 56.05 ? 175  ASN B OD1 1 
ATOM   1322 N  ND2 . ASN B 2 5   ? -18.365 8.453   -3.312  1.00 56.07 ? 175  ASN B ND2 1 
ATOM   1323 O  OXT . ASN B 2 5   ? -18.291 11.009  -2.412  1.00 56.08 ? 175  ASN B OXT 1 
HETATM 1324 O  O1  . PG4 C 3 .   ? 13.294  9.351   10.519  1.00 49.97 ? 901  PG4 A O1  1 
HETATM 1325 C  C1  . PG4 C 3 .   ? 12.502  9.839   9.429   1.00 49.12 ? 901  PG4 A C1  1 
HETATM 1326 C  C2  . PG4 C 3 .   ? 12.653  8.993   8.197   1.00 48.33 ? 901  PG4 A C2  1 
HETATM 1327 O  O2  . PG4 C 3 .   ? 12.311  7.668   8.483   1.00 48.34 ? 901  PG4 A O2  1 
HETATM 1328 C  C3  . PG4 C 3 .   ? 12.437  6.828   7.337   1.00 46.82 ? 901  PG4 A C3  1 
HETATM 1329 C  C4  . PG4 C 3 .   ? 12.061  5.402   7.686   1.00 46.32 ? 901  PG4 A C4  1 
HETATM 1330 O  O3  . PG4 C 3 .   ? 13.220  4.564   7.649   1.00 46.38 ? 901  PG4 A O3  1 
HETATM 1331 C  C5  . PG4 C 3 .   ? 13.391  3.747   8.337   1.00 47.16 ? 901  PG4 A C5  1 
HETATM 1332 C  C6  . PG4 C 3 .   ? 14.721  2.949   8.800   1.00 48.95 ? 901  PG4 A C6  1 
HETATM 1333 O  O4  . PG4 C 3 .   ? 14.994  3.567   10.040  1.00 51.54 ? 901  PG4 A O4  1 
HETATM 1334 C  C7  . PG4 C 3 .   ? 16.082  4.232   10.188  1.00 51.66 ? 901  PG4 A C7  1 
HETATM 1335 C  C8  . PG4 C 3 .   ? 17.043  3.948   11.719  1.00 51.94 ? 901  PG4 A C8  1 
HETATM 1336 O  O5  . PG4 C 3 .   ? 17.149  5.482   12.116  1.00 52.72 ? 901  PG4 A O5  1 
HETATM 1337 CA CA  . CA  D 4 .   ? -5.915  10.811  -13.082 1.00 47.68 ? 1308 CA  B CA  1 
HETATM 1338 N  N1  . IMD E 5 .   ? -3.345  8.141   -15.116 1.00 18.56 ? 1305 IMD B N1  1 
HETATM 1339 C  C2  . IMD E 5 .   ? -4.631  8.475   -15.042 1.00 17.98 ? 1305 IMD B C2  1 
HETATM 1340 N  N3  . IMD E 5 .   ? -4.779  9.377   -14.075 1.00 19.59 ? 1305 IMD B N3  1 
HETATM 1341 C  C4  . IMD E 5 .   ? -3.551  9.620   -13.526 1.00 16.18 ? 1305 IMD B C4  1 
HETATM 1342 C  C5  . IMD E 5 .   ? -2.661  8.846   -14.180 1.00 15.41 ? 1305 IMD B C5  1 
HETATM 1343 N  N1  . IMD F 5 .   ? -5.873  12.562  -14.337 1.00 21.90 ? 1306 IMD B N1  1 
HETATM 1344 C  C2  . IMD F 5 .   ? -6.259  12.774  -15.593 1.00 23.01 ? 1306 IMD B C2  1 
HETATM 1345 N  N3  . IMD F 5 .   ? -5.850  13.986  -15.965 1.00 21.40 ? 1306 IMD B N3  1 
HETATM 1346 C  C4  . IMD F 5 .   ? -5.192  14.549  -14.923 1.00 21.57 ? 1306 IMD B C4  1 
HETATM 1347 C  C5  . IMD F 5 .   ? -5.207  13.658  -13.905 1.00 19.97 ? 1306 IMD B C5  1 
HETATM 1348 N  N1  . IMD G 5 .   ? -7.999  10.486  -12.979 1.00 18.25 ? 1307 IMD B N1  1 
HETATM 1349 C  C2  . IMD G 5 .   ? -9.230  10.990  -13.026 1.00 19.57 ? 1307 IMD B C2  1 
HETATM 1350 N  N3  . IMD G 5 .   ? -10.097 10.027  -12.724 1.00 19.85 ? 1307 IMD B N3  1 
HETATM 1351 C  C4  . IMD G 5 .   ? -9.404  8.887   -12.479 1.00 19.85 ? 1307 IMD B C4  1 
HETATM 1352 C  C5  . IMD G 5 .   ? -8.089  9.173   -12.639 1.00 19.88 ? 1307 IMD B C5  1 
HETATM 1353 O  O1  . PG4 H 3 .   ? -14.190 17.651  -12.387 1.00 25.62 ? 900  PG4 B O1  1 
HETATM 1354 C  C1  . PG4 H 3 .   ? -15.194 16.870  -13.046 1.00 22.91 ? 900  PG4 B C1  1 
HETATM 1355 C  C2  . PG4 H 3 .   ? -14.719 16.364  -14.368 1.00 20.16 ? 900  PG4 B C2  1 
HETATM 1356 O  O2  . PG4 H 3 .   ? -13.636 15.507  -14.180 1.00 24.25 ? 900  PG4 B O2  1 
HETATM 1357 C  C3  . PG4 H 3 .   ? -13.138 14.998  -15.416 1.00 24.80 ? 900  PG4 B C3  1 
HETATM 1358 C  C4  . PG4 H 3 .   ? -11.958 14.078  -15.168 1.00 27.78 ? 900  PG4 B C4  1 
HETATM 1359 O  O3  . PG4 H 3 .   ? -10.961 14.757  -14.394 1.00 27.86 ? 900  PG4 B O3  1 
HETATM 1360 C  C5  . PG4 H 3 .   ? -9.897  14.652  -14.554 1.00 26.46 ? 900  PG4 B C5  1 
HETATM 1361 C  C6  . PG4 H 3 .   ? -8.636  15.616  -14.261 1.00 25.90 ? 900  PG4 B C6  1 
HETATM 1362 O  O4  . PG4 H 3 .   ? -8.797  15.876  -12.885 1.00 26.32 ? 900  PG4 B O4  1 
HETATM 1363 C  C7  . PG4 H 3 .   ? -8.695  17.079  -12.451 1.00 24.20 ? 900  PG4 B C7  1 
HETATM 1364 C  C8  . PG4 H 3 .   ? -8.379  17.298  -10.661 1.00 22.67 ? 900  PG4 B C8  1 
HETATM 1365 O  O5  . PG4 H 3 .   ? -9.859  17.738  -10.286 1.00 19.12 ? 900  PG4 B O5  1 
HETATM 1366 O  O   . HOH I 6 .   ? 13.818  -0.724  -11.393 1.00 7.61  ? 5201 HOH A O   1 
HETATM 1367 O  O   . HOH I 6 .   ? -1.812  -13.382 1.648   1.00 14.38 ? 5203 HOH A O   1 
HETATM 1368 O  O   . HOH I 6 .   ? -12.228 4.041   -7.839  1.00 12.88 ? 5204 HOH A O   1 
HETATM 1369 O  O   . HOH I 6 .   ? 13.168  2.848   -8.738  1.00 23.37 ? 5206 HOH A O   1 
HETATM 1370 O  O   . HOH I 6 .   ? -11.218 2.311   -10.583 1.00 10.27 ? 5207 HOH A O   1 
HETATM 1371 O  O   . HOH I 6 .   ? 4.058   4.979   -12.850 1.00 19.68 ? 5208 HOH A O   1 
HETATM 1372 O  O   . HOH I 6 .   ? 11.917  4.564   -3.881  1.00 20.56 ? 5209 HOH A O   1 
HETATM 1373 O  O   . HOH I 6 .   ? 8.921   11.646  -3.727  1.00 18.23 ? 5210 HOH A O   1 
HETATM 1374 O  O   . HOH I 6 .   ? -5.809  -19.154 -2.557  1.00 19.02 ? 5211 HOH A O   1 
HETATM 1375 O  O   . HOH I 6 .   ? -5.717  -2.718  20.072  1.00 16.50 ? 5212 HOH A O   1 
HETATM 1376 O  O   . HOH I 6 .   ? 2.250   11.815  -7.226  1.00 17.00 ? 5213 HOH A O   1 
HETATM 1377 O  O   . HOH I 6 .   ? 13.115  0.924   -3.638  1.00 16.26 ? 5214 HOH A O   1 
HETATM 1378 O  O   . HOH I 6 .   ? 11.288  16.829  4.241   1.00 21.35 ? 5215 HOH A O   1 
HETATM 1379 O  O   . HOH I 6 .   ? -7.148  5.580   7.952   1.00 32.61 ? 5216 HOH A O   1 
HETATM 1380 O  O   . HOH I 6 .   ? -11.427 -3.814  8.021   1.00 25.96 ? 5217 HOH A O   1 
HETATM 1381 O  O   . HOH I 6 .   ? 7.805   15.180  -4.712  1.00 22.97 ? 5218 HOH A O   1 
HETATM 1382 O  O   . HOH I 6 .   ? 10.752  -0.906  -13.837 1.00 22.94 ? 5220 HOH A O   1 
HETATM 1383 O  O   . HOH I 6 .   ? -13.183 1.560   2.345   1.00 27.43 ? 5221 HOH A O   1 
HETATM 1384 O  O   . HOH I 6 .   ? 3.864   -2.193  5.931   1.00 18.82 ? 5222 HOH A O   1 
HETATM 1385 O  O   . HOH I 6 .   ? 7.493   -16.165 -14.427 1.00 27.35 ? 5223 HOH A O   1 
HETATM 1386 O  O   . HOH I 6 .   ? -15.589 -9.633  -10.612 1.00 39.86 ? 5224 HOH A O   1 
HETATM 1387 O  O   . HOH I 6 .   ? -10.771 -9.461  1.121   1.00 23.49 ? 5225 HOH A O   1 
HETATM 1388 O  O   . HOH I 6 .   ? -11.885 4.592   8.401   1.00 44.27 ? 5226 HOH A O   1 
HETATM 1389 O  O   . HOH I 6 .   ? 11.249  1.215   9.423   1.00 37.61 ? 5227 HOH A O   1 
HETATM 1390 O  O   . HOH I 6 .   ? 11.869  8.673   16.884  1.00 37.67 ? 5228 HOH A O   1 
HETATM 1391 O  O   . HOH I 6 .   ? -10.438 8.376   -0.502  1.00 46.10 ? 5230 HOH A O   1 
HETATM 1392 O  O   . HOH I 6 .   ? -2.402  13.738  -4.225  1.00 36.77 ? 5232 HOH A O   1 
HETATM 1393 O  O   . HOH I 6 .   ? -2.178  13.950  -8.241  1.00 29.93 ? 5235 HOH A O   1 
HETATM 1394 O  O   . HOH I 6 .   ? -7.857  12.051  1.347   1.00 47.96 ? 5238 HOH A O   1 
HETATM 1395 O  O   . HOH I 6 .   ? -2.014  15.703  0.430   1.00 28.43 ? 5239 HOH A O   1 
HETATM 1396 O  O   . HOH I 6 .   ? -2.246  16.141  -2.942  1.00 42.27 ? 5240 HOH A O   1 
HETATM 1397 O  O   . HOH I 6 .   ? -4.373  14.119  4.722   1.00 35.55 ? 5241 HOH A O   1 
HETATM 1398 O  O   . HOH I 6 .   ? -7.930  -11.989 -14.017 1.00 25.11 ? 5244 HOH A O   1 
HETATM 1399 O  O   . HOH I 6 .   ? 3.103   -10.236 5.311   1.00 28.90 ? 5245 HOH A O   1 
HETATM 1400 O  O   . HOH I 6 .   ? -11.103 6.370   6.621   1.00 37.56 ? 5246 HOH A O   1 
HETATM 1401 O  O   . HOH I 6 .   ? -1.556  13.472  -10.888 1.00 51.90 ? 5247 HOH A O   1 
HETATM 1402 O  O   . HOH I 6 .   ? -0.355  6.080   -14.663 1.00 32.06 ? 5248 HOH A O   1 
HETATM 1403 O  O   . HOH I 6 .   ? -2.825  4.862   -16.548 1.00 29.51 ? 5249 HOH A O   1 
HETATM 1404 O  O   . HOH I 6 .   ? 7.552   4.601   -9.313  1.00 28.54 ? 5250 HOH A O   1 
HETATM 1405 O  O   . HOH I 6 .   ? 1.689   7.906   -13.624 1.00 50.63 ? 5251 HOH A O   1 
HETATM 1406 O  O   . HOH I 6 .   ? 5.068   -13.266 6.128   1.00 33.04 ? 5252 HOH A O   1 
HETATM 1407 O  O   . HOH I 6 .   ? -11.000 -12.887 12.316  1.00 39.95 ? 5254 HOH A O   1 
HETATM 1408 O  O   . HOH I 6 .   ? -7.605  15.714  -0.916  1.00 58.34 ? 5255 HOH A O   1 
HETATM 1409 O  O   . HOH I 6 .   ? 11.621  9.650   2.117   1.00 11.61 ? 5256 HOH A O   1 
HETATM 1410 O  O   . HOH I 6 .   ? 13.876  13.468  0.418   1.00 48.92 ? 5257 HOH A O   1 
HETATM 1411 O  O   . HOH I 6 .   ? 11.798  2.205   11.902  1.00 37.76 ? 5258 HOH A O   1 
HETATM 1412 O  O   . HOH I 6 .   ? -8.822  4.392   10.574  1.00 34.41 ? 5260 HOH A O   1 
HETATM 1413 O  O   . HOH I 6 .   ? -10.472 -3.455  -18.124 1.00 39.40 ? 5261 HOH A O   1 
HETATM 1414 O  O   . HOH I 6 .   ? -11.903 10.116  10.383  1.00 74.07 ? 5262 HOH A O   1 
HETATM 1415 O  O   . HOH I 6 .   ? -7.497  7.532   5.593   1.00 34.98 ? 5263 HOH A O   1 
HETATM 1416 O  O   . HOH I 6 .   ? -6.700  7.643   21.613  1.00 38.01 ? 5264 HOH A O   1 
HETATM 1417 O  O   . HOH I 6 .   ? -8.576  9.299   3.033   1.00 50.20 ? 5266 HOH A O   1 
HETATM 1418 O  O   . HOH I 6 .   ? -14.048 7.910   3.169   1.00 37.68 ? 5267 HOH A O   1 
HETATM 1419 O  O   . HOH I 6 .   ? -13.032 8.528   6.297   1.00 45.59 ? 5268 HOH A O   1 
HETATM 1420 O  O   . HOH I 6 .   ? -17.286 3.480   0.321   1.00 61.66 ? 5269 HOH A O   1 
HETATM 1421 O  O   . HOH I 6 .   ? -11.121 16.381  1.025   1.00 64.44 ? 5270 HOH A O   1 
HETATM 1422 O  O   . HOH I 6 .   ? -9.967  4.409   1.755   1.00 41.32 ? 5271 HOH A O   1 
HETATM 1423 O  O   . HOH I 6 .   ? -9.018  4.905   4.138   1.00 25.56 ? 5272 HOH A O   1 
HETATM 1424 O  O   . HOH I 6 .   ? -1.312  3.168   21.090  1.00 20.59 ? 5273 HOH A O   1 
HETATM 1425 O  O   . HOH I 6 .   ? 8.553   8.547   -7.335  1.00 31.92 ? 5274 HOH A O   1 
HETATM 1426 O  O   . HOH I 6 .   ? 12.598  4.913   -0.762  1.00 22.40 ? 5275 HOH A O   1 
HETATM 1427 O  O   . HOH I 6 .   ? -0.475  22.918  1.790   1.00 36.76 ? 5277 HOH A O   1 
HETATM 1428 O  O   . HOH I 6 .   ? 9.066   18.069  2.839   1.00 21.02 ? 5278 HOH A O   1 
HETATM 1429 O  O   . HOH I 6 .   ? -11.487 -7.856  6.357   1.00 49.63 ? 5279 HOH A O   1 
HETATM 1430 O  O   . HOH I 6 .   ? -10.027 18.532  0.358   1.00 61.13 ? 5280 HOH A O   1 
HETATM 1431 O  O   . HOH I 6 .   ? -5.934  14.917  2.862   1.00 49.91 ? 5281 HOH A O   1 
HETATM 1432 O  O   . HOH I 6 .   ? 5.444   -1.350  15.478  1.00 50.16 ? 5282 HOH A O   1 
HETATM 1433 O  O   . HOH I 6 .   ? 6.884   -4.967  14.339  1.00 44.66 ? 5283 HOH A O   1 
HETATM 1434 O  O   . HOH I 6 .   ? 10.491  -6.137  13.979  1.00 47.87 ? 5284 HOH A O   1 
HETATM 1435 O  O   . HOH I 6 .   ? 13.118  -2.238  14.854  1.00 56.44 ? 5285 HOH A O   1 
HETATM 1436 O  O   . HOH I 6 .   ? 4.725   -10.890 12.501  1.00 41.00 ? 5286 HOH A O   1 
HETATM 1437 O  O   . HOH I 6 .   ? 8.971   -10.283 15.325  1.00 53.94 ? 5287 HOH A O   1 
HETATM 1438 O  O   . HOH I 6 .   ? 7.059   -1.731  -12.759 1.00 33.80 ? 5288 HOH A O   1 
HETATM 1439 O  O   . HOH I 6 .   ? 3.190   -1.702  -16.310 1.00 56.07 ? 5289 HOH A O   1 
HETATM 1440 O  O   . HOH I 6 .   ? 9.255   3.167   16.222  1.00 45.40 ? 5290 HOH A O   1 
HETATM 1441 O  O   . HOH I 6 .   ? -13.363 -0.207  6.896   1.00 39.64 ? 5291 HOH A O   1 
HETATM 1442 O  O   . HOH I 6 .   ? -15.781 -6.955  -5.099  1.00 37.73 ? 5292 HOH A O   1 
HETATM 1443 O  O   . HOH I 6 .   ? -13.877 -6.685  -8.438  1.00 19.96 ? 5293 HOH A O   1 
HETATM 1444 O  O   . HOH I 6 .   ? -12.182 -12.650 1.350   1.00 43.26 ? 5294 HOH A O   1 
HETATM 1445 O  O   . HOH I 6 .   ? -10.869 -1.699  10.487  1.00 47.94 ? 5295 HOH A O   1 
HETATM 1446 O  O   . HOH I 6 .   ? 4.269   -18.147 -2.364  1.00 50.48 ? 5296 HOH A O   1 
HETATM 1447 O  O   . HOH I 6 .   ? 11.407  -18.002 -13.657 1.00 40.58 ? 5297 HOH A O   1 
HETATM 1448 O  O   . HOH I 6 .   ? -17.563 -7.959  15.798  1.00 55.04 ? 5298 HOH A O   1 
HETATM 1449 O  O   . HOH I 6 .   ? -8.123  -7.524  -15.665 1.00 44.25 ? 5299 HOH A O   1 
HETATM 1450 O  O   . HOH I 6 .   ? -5.810  -12.824 -15.127 1.00 33.17 ? 5300 HOH A O   1 
HETATM 1451 O  O   . HOH I 6 .   ? 1.750   -17.225 -14.211 1.00 47.92 ? 5301 HOH A O   1 
HETATM 1452 O  O   . HOH I 6 .   ? 7.849   -19.459 -3.229  1.00 51.27 ? 5302 HOH A O   1 
HETATM 1453 O  O   . HOH I 6 .   ? 10.886  -19.984 -4.716  1.00 50.70 ? 5303 HOH A O   1 
HETATM 1454 O  O   . HOH I 6 .   ? 0.972   11.690  -11.178 1.00 42.56 ? 5304 HOH A O   1 
HETATM 1455 O  O   . HOH I 6 .   ? 6.798   4.003   -12.360 1.00 55.04 ? 5305 HOH A O   1 
HETATM 1456 O  O   . HOH I 6 .   ? -4.479  13.361  -5.505  1.00 40.37 ? 5306 HOH A O   1 
HETATM 1457 O  O   . HOH I 6 .   ? 11.228  -13.245 3.788   1.00 46.77 ? 5307 HOH A O   1 
HETATM 1458 O  O   . HOH I 6 .   ? 15.045  -4.815  0.017   1.00 40.06 ? 5308 HOH A O   1 
HETATM 1459 O  O   . HOH I 6 .   ? -6.374  -5.146  17.437  1.00 46.43 ? 5309 HOH A O   1 
HETATM 1460 O  O   . HOH I 6 .   ? -1.646  -6.695  14.229  1.00 41.63 ? 5310 HOH A O   1 
HETATM 1461 O  O   . HOH I 6 .   ? -10.393 -1.793  18.077  1.00 41.53 ? 5311 HOH A O   1 
HETATM 1462 O  O   . HOH I 6 .   ? -8.961  -3.880  13.092  1.00 29.42 ? 5312 HOH A O   1 
HETATM 1463 O  O   . HOH I 6 .   ? -14.290 -1.776  4.454   1.00 41.06 ? 5313 HOH A O   1 
HETATM 1464 O  O   . HOH I 6 .   ? 11.256  -19.480 -19.832 1.00 48.17 ? 5314 HOH A O   1 
HETATM 1465 O  O   . HOH I 6 .   ? -13.536 -11.182 13.971  1.00 45.61 ? 5315 HOH A O   1 
HETATM 1466 O  O   . HOH I 6 .   ? 12.830  18.709  6.913   1.00 43.83 ? 5316 HOH A O   1 
HETATM 1467 O  O   . HOH I 6 .   ? 11.009  21.253  4.520   1.00 48.27 ? 5317 HOH A O   1 
HETATM 1468 O  O   . HOH I 6 .   ? 9.452   21.160  -1.039  1.00 46.35 ? 5318 HOH A O   1 
HETATM 1469 O  O   . HOH I 6 .   ? 8.853   7.076   -9.987  1.00 45.48 ? 5319 HOH A O   1 
HETATM 1470 O  O   . HOH J 6 .   ? -6.350  14.333  -10.264 1.00 9.87  ? 5202 HOH B O   1 
HETATM 1471 O  O   . HOH J 6 .   ? -3.851  6.130   -8.017  1.00 14.74 ? 5205 HOH B O   1 
HETATM 1472 O  O   . HOH J 6 .   ? -14.153 20.080  -11.082 1.00 20.42 ? 5219 HOH B O   1 
HETATM 1473 O  O   . HOH J 6 .   ? -7.185  15.302  -7.965  1.00 32.95 ? 5229 HOH B O   1 
HETATM 1474 O  O   . HOH J 6 .   ? -7.082  14.194  -5.706  1.00 21.46 ? 5231 HOH B O   1 
HETATM 1475 O  O   . HOH J 6 .   ? -2.584  12.368  -16.943 1.00 49.40 ? 5233 HOH B O   1 
HETATM 1476 O  O   . HOH J 6 .   ? -14.815 6.306   -0.903  1.00 29.01 ? 5234 HOH B O   1 
HETATM 1477 O  O   . HOH J 6 .   ? -11.712 21.036  -0.995  1.00 38.18 ? 5236 HOH B O   1 
HETATM 1478 O  O   . HOH J 6 .   ? -12.053 17.480  -8.662  1.00 48.80 ? 5237 HOH B O   1 
HETATM 1479 O  O   . HOH J 6 .   ? -4.698  16.426  -11.697 1.00 30.77 ? 5242 HOH B O   1 
HETATM 1480 O  O   . HOH J 6 .   ? -5.377  18.485  -13.604 1.00 23.70 ? 5243 HOH B O   1 
HETATM 1481 O  O   . HOH J 6 .   ? -1.592  15.579  -15.449 1.00 46.68 ? 5253 HOH B O   1 
HETATM 1482 O  O   . HOH J 6 .   ? -14.522 10.839  0.541   1.00 42.98 ? 5259 HOH B O   1 
HETATM 1483 O  O   . HOH J 6 .   ? -10.877 15.557  -7.017  1.00 29.79 ? 5265 HOH B O   1 
HETATM 1484 O  O   . HOH J 6 .   ? -20.404 6.910   -1.494  1.00 46.83 ? 5276 HOH B O   1 
HETATM 1485 O  O   . HOH J 6 .   ? -12.130 9.216   -3.207  1.00 20.59 ? 5320 HOH B O   1 
HETATM 1486 O  O   . HOH J 6 .   ? -13.065 8.015   -5.631  1.00 21.83 ? 5321 HOH B O   1 
# 
